data_1E9J
#
_entry.id   1E9J
#
_cell.length_a   1.000
_cell.length_b   1.000
_cell.length_c   1.000
_cell.angle_alpha   90.00
_cell.angle_beta   90.00
_cell.angle_gamma   90.00
#
_symmetry.space_group_name_H-M   'P 1'
#
loop_
_entity.id
_entity.type
_entity.pdbx_description
1 polymer 'CHORIONIC GONADOTROPIN'
2 non-polymer 2-acetamido-2-deoxy-beta-D-glucopyranose
#
_entity_poly.entity_id   1
_entity_poly.type   'polypeptide(L)'
_entity_poly.pdbx_seq_one_letter_code
;APDVQDCPECTLQENPFFSQPGAPILQCMGCCFSRAYPTPLRSKKTMLVQKNVTSESTCCVAKSYNRVTVMGGFKVENHT
ACHCSTCYYHKS
;
_entity_poly.pdbx_strand_id   A
#
# COMPACT_ATOMS: atom_id res chain seq x y z
N ALA A 1 -3.49 -19.51 -6.31
CA ALA A 1 -3.05 -18.80 -7.54
C ALA A 1 -1.70 -19.32 -8.02
N PRO A 2 -1.40 -19.12 -9.32
CA PRO A 2 -0.14 -19.57 -9.91
C PRO A 2 1.08 -19.18 -9.08
N ASP A 3 1.06 -17.96 -8.55
CA ASP A 3 2.15 -17.46 -7.73
C ASP A 3 1.70 -16.27 -6.87
N VAL A 4 2.61 -15.31 -6.67
CA VAL A 4 2.29 -14.14 -5.87
C VAL A 4 2.58 -12.85 -6.63
N GLN A 5 2.72 -12.97 -7.95
CA GLN A 5 3.00 -11.82 -8.79
C GLN A 5 4.15 -10.99 -8.22
N ASP A 6 4.98 -11.62 -7.41
CA ASP A 6 6.12 -10.94 -6.80
C ASP A 6 5.66 -9.80 -5.90
N CYS A 7 4.54 -10.02 -5.22
CA CYS A 7 3.98 -9.03 -4.31
C CYS A 7 3.18 -9.70 -3.20
N PRO A 8 3.48 -9.36 -1.95
CA PRO A 8 2.80 -9.94 -0.79
C PRO A 8 1.44 -9.29 -0.53
N GLU A 9 0.86 -9.58 0.63
CA GLU A 9 -0.42 -9.01 1.00
C GLU A 9 -0.24 -7.80 1.90
N CYS A 10 -0.46 -6.62 1.33
CA CYS A 10 -0.31 -5.37 2.07
C CYS A 10 -0.61 -5.56 3.54
N THR A 11 0.29 -5.08 4.39
CA THR A 11 0.14 -5.20 5.83
C THR A 11 1.36 -4.65 6.54
N LEU A 12 1.42 -4.90 7.84
CA LEU A 12 2.54 -4.44 8.64
C LEU A 12 3.69 -5.41 8.59
N GLN A 13 4.89 -4.86 8.45
CA GLN A 13 6.08 -5.68 8.40
C GLN A 13 6.94 -5.47 9.62
N GLU A 14 6.35 -5.81 10.74
CA GLU A 14 6.99 -5.70 12.04
C GLU A 14 8.39 -5.12 11.94
N ASN A 15 8.59 -4.07 12.69
CA ASN A 15 9.88 -3.38 12.74
C ASN A 15 11.02 -4.32 13.10
N PRO A 16 11.90 -4.61 12.14
CA PRO A 16 13.06 -5.48 12.36
C PRO A 16 14.13 -4.79 13.20
N PHE A 17 13.73 -3.73 13.89
CA PHE A 17 14.63 -2.96 14.73
C PHE A 17 14.06 -2.83 16.13
N PHE A 18 12.83 -2.34 16.20
CA PHE A 18 12.14 -2.14 17.47
C PHE A 18 11.62 -3.47 18.03
N SER A 19 11.64 -4.51 17.21
CA SER A 19 11.17 -5.81 17.63
C SER A 19 11.97 -6.34 18.81
N GLN A 20 11.35 -6.34 19.97
CA GLN A 20 11.99 -6.83 21.19
C GLN A 20 11.00 -7.63 22.02
N PRO A 21 11.51 -8.51 22.91
CA PRO A 21 10.67 -9.34 23.77
C PRO A 21 9.67 -8.51 24.56
N GLY A 22 8.71 -7.93 23.86
CA GLY A 22 7.71 -7.11 24.50
C GLY A 22 7.24 -5.97 23.60
N ALA A 23 7.95 -5.75 22.50
CA ALA A 23 7.60 -4.67 21.58
C ALA A 23 8.09 -4.96 20.17
N PRO A 24 7.15 -5.39 19.33
CA PRO A 24 7.37 -5.76 17.96
C PRO A 24 6.81 -4.75 16.97
N ILE A 25 7.38 -3.55 16.99
CA ILE A 25 6.97 -2.49 16.10
C ILE A 25 6.64 -2.97 14.70
N LEU A 26 6.34 -2.03 13.80
CA LEU A 26 5.91 -2.35 12.46
C LEU A 26 6.26 -1.33 11.43
N GLN A 27 5.52 -1.42 10.35
CA GLN A 27 5.68 -0.52 9.21
C GLN A 27 5.01 -1.10 7.97
N CYS A 28 3.73 -0.84 7.83
CA CYS A 28 2.93 -1.33 6.72
C CYS A 28 3.75 -1.47 5.45
N MET A 29 3.99 -2.71 5.02
CA MET A 29 4.75 -2.95 3.80
C MET A 29 4.27 -4.20 3.08
N GLY A 30 3.88 -4.05 1.82
CA GLY A 30 3.40 -5.18 1.05
C GLY A 30 2.62 -4.76 -0.18
N CYS A 31 1.85 -5.70 -0.75
CA CYS A 31 1.04 -5.42 -1.93
C CYS A 31 -0.42 -5.79 -1.69
N CYS A 32 -1.32 -4.87 -2.01
CA CYS A 32 -2.75 -5.11 -1.82
C CYS A 32 -3.40 -5.70 -3.06
N PHE A 33 -2.62 -6.46 -3.82
CA PHE A 33 -3.14 -7.09 -5.05
C PHE A 33 -3.58 -6.03 -6.05
N SER A 34 -4.22 -6.48 -7.12
CA SER A 34 -4.69 -5.56 -8.16
C SER A 34 -6.12 -5.88 -8.59
N ARG A 35 -6.85 -4.86 -9.04
CA ARG A 35 -8.22 -5.03 -9.48
C ARG A 35 -8.46 -4.25 -10.77
N ALA A 36 -8.05 -4.83 -11.89
CA ALA A 36 -8.21 -4.19 -13.20
C ALA A 36 -9.29 -4.88 -14.02
N TYR A 37 -9.91 -4.12 -14.92
CA TYR A 37 -10.96 -4.65 -15.78
C TYR A 37 -11.07 -3.82 -17.06
N PRO A 38 -10.51 -4.33 -18.16
CA PRO A 38 -10.52 -3.64 -19.45
C PRO A 38 -11.94 -3.42 -19.99
N THR A 39 -12.16 -2.26 -20.58
CA THR A 39 -13.46 -1.92 -21.15
C THR A 39 -13.29 -1.17 -22.47
N PRO A 40 -13.97 -1.64 -23.52
CA PRO A 40 -13.88 -1.02 -24.85
C PRO A 40 -14.64 0.30 -24.93
N LEU A 41 -13.96 1.39 -24.61
CA LEU A 41 -14.57 2.72 -24.66
C LEU A 41 -14.59 3.26 -26.09
N ARG A 42 -14.35 4.55 -26.24
CA ARG A 42 -14.35 5.17 -27.57
C ARG A 42 -13.03 5.89 -27.84
N SER A 43 -12.45 6.47 -26.79
CA SER A 43 -11.18 7.17 -26.92
C SER A 43 -11.31 8.31 -27.94
N LYS A 44 -11.75 9.47 -27.46
CA LYS A 44 -11.93 10.63 -28.33
C LYS A 44 -10.69 10.89 -29.20
N LYS A 45 -9.69 11.53 -28.62
CA LYS A 45 -8.45 11.84 -29.34
C LYS A 45 -7.74 10.57 -29.80
N THR A 46 -6.43 10.68 -30.00
CA THR A 46 -5.62 9.55 -30.45
C THR A 46 -6.13 8.23 -29.87
N MET A 47 -5.64 7.12 -30.41
CA MET A 47 -6.03 5.79 -29.94
C MET A 47 -6.46 5.83 -28.48
N LEU A 48 -5.73 6.59 -27.69
CA LEU A 48 -6.03 6.74 -26.26
C LEU A 48 -6.28 8.19 -25.90
N VAL A 49 -6.77 8.43 -24.69
CA VAL A 49 -7.04 9.78 -24.22
C VAL A 49 -6.48 9.98 -22.82
N GLN A 50 -5.66 11.01 -22.66
CA GLN A 50 -5.05 11.31 -21.37
C GLN A 50 -4.16 10.16 -20.92
N LYS A 51 -3.60 10.27 -19.72
CA LYS A 51 -2.73 9.25 -19.18
C LYS A 51 -3.41 8.49 -18.04
N ASN A 52 -3.34 7.15 -18.10
CA ASN A 52 -3.94 6.32 -17.07
C ASN A 52 -2.97 5.21 -16.65
N VAL A 53 -3.05 4.82 -15.37
CA VAL A 53 -2.17 3.77 -14.85
C VAL A 53 -2.92 2.46 -14.67
N THR A 54 -2.18 1.37 -14.56
CA THR A 54 -2.77 0.04 -14.39
C THR A 54 -3.42 -0.09 -13.01
N SER A 55 -3.07 0.82 -12.11
CA SER A 55 -3.62 0.79 -10.76
C SER A 55 -3.25 -0.51 -10.05
N GLU A 56 -2.30 -0.43 -9.13
CA GLU A 56 -1.86 -1.60 -8.38
C GLU A 56 -1.13 -1.19 -7.10
N SER A 57 -0.40 -0.08 -7.17
CA SER A 57 0.34 0.41 -6.02
C SER A 57 -0.60 0.95 -4.94
N THR A 58 -1.47 0.08 -4.44
CA THR A 58 -2.43 0.46 -3.41
C THR A 58 -1.71 0.92 -2.15
N CYS A 59 -2.29 1.90 -1.46
CA CYS A 59 -1.69 2.43 -0.23
C CYS A 59 -2.55 2.12 0.98
N CYS A 60 -1.96 1.44 1.96
CA CYS A 60 -2.67 1.08 3.19
C CYS A 60 -2.14 1.88 4.37
N VAL A 61 -2.10 3.20 4.21
CA VAL A 61 -1.63 4.08 5.27
C VAL A 61 -2.25 3.71 6.61
N ALA A 62 -1.60 2.78 7.32
CA ALA A 62 -2.07 2.32 8.62
C ALA A 62 -3.34 3.05 9.06
N LYS A 63 -4.45 2.34 9.11
CA LYS A 63 -5.71 2.92 9.53
C LYS A 63 -5.54 3.53 10.90
N SER A 64 -4.69 2.89 11.68
CA SER A 64 -4.37 3.34 13.03
C SER A 64 -2.90 3.08 13.29
N TYR A 65 -2.28 3.91 14.12
CA TYR A 65 -0.86 3.75 14.40
C TYR A 65 -0.56 3.81 15.88
N ASN A 66 0.59 3.25 16.25
CA ASN A 66 1.04 3.30 17.63
C ASN A 66 2.46 3.80 17.63
N ARG A 67 2.69 4.59 16.61
CA ARG A 67 3.97 5.23 16.35
C ARG A 67 4.97 5.01 17.46
N VAL A 68 6.15 4.56 17.07
CA VAL A 68 7.25 4.31 18.00
C VAL A 68 8.56 4.78 17.40
N THR A 69 8.55 6.01 16.91
CA THR A 69 9.72 6.60 16.28
C THR A 69 11.01 5.91 16.75
N VAL A 70 11.71 5.32 15.80
CA VAL A 70 12.96 4.63 16.09
C VAL A 70 14.15 5.34 15.47
N MET A 71 15.25 4.61 15.41
CA MET A 71 16.49 5.12 14.86
C MET A 71 16.25 6.22 13.84
N GLY A 72 17.18 7.18 13.77
CA GLY A 72 17.05 8.27 12.84
C GLY A 72 15.68 8.91 12.89
N GLY A 73 14.99 8.72 14.00
CA GLY A 73 13.66 9.29 14.15
C GLY A 73 12.64 8.60 13.28
N PHE A 74 12.79 7.29 13.12
CA PHE A 74 11.86 6.51 12.30
C PHE A 74 10.42 6.77 12.73
N LYS A 75 9.48 6.20 11.99
CA LYS A 75 8.07 6.36 12.30
C LYS A 75 7.26 5.18 11.76
N VAL A 76 7.10 4.16 12.59
CA VAL A 76 6.34 2.97 12.22
C VAL A 76 4.91 3.12 12.60
N GLU A 77 4.56 4.34 12.95
CA GLU A 77 3.20 4.62 13.40
C GLU A 77 2.65 3.31 13.93
N ASN A 78 3.54 2.61 14.64
CA ASN A 78 3.29 1.28 15.14
C ASN A 78 1.90 0.85 14.73
N HIS A 79 1.77 0.67 13.43
CA HIS A 79 0.52 0.33 12.79
C HIS A 79 -0.29 -0.69 13.54
N THR A 80 -1.47 -0.24 13.91
CA THR A 80 -2.42 -1.07 14.60
C THR A 80 -3.51 -1.48 13.62
N ALA A 81 -3.56 -0.75 12.51
CA ALA A 81 -4.53 -1.03 11.46
C ALA A 81 -4.02 -0.48 10.13
N CYS A 82 -4.31 -1.19 9.04
CA CYS A 82 -3.86 -0.75 7.71
C CYS A 82 -4.98 -0.92 6.69
N HIS A 83 -5.29 0.16 5.97
CA HIS A 83 -6.34 0.14 4.96
C HIS A 83 -5.82 0.66 3.62
N CYS A 84 -5.67 -0.26 2.67
CA CYS A 84 -5.19 0.09 1.34
C CYS A 84 -5.96 1.27 0.77
N SER A 85 -5.49 1.80 -0.36
CA SER A 85 -6.13 2.94 -0.99
C SER A 85 -6.18 4.13 -0.04
N THR A 86 -6.99 5.12 -0.39
CA THR A 86 -7.13 6.32 0.44
C THR A 86 -5.77 6.79 0.94
N CYS A 87 -5.20 7.78 0.27
CA CYS A 87 -3.91 8.33 0.65
C CYS A 87 -3.99 9.84 0.78
N TYR A 88 -2.89 10.47 1.16
CA TYR A 88 -2.86 11.92 1.33
C TYR A 88 -2.77 12.62 -0.02
N TYR A 89 -2.82 11.85 -1.09
CA TYR A 89 -2.75 12.38 -2.44
C TYR A 89 -2.57 11.25 -3.46
N HIS A 90 -3.69 10.71 -3.94
CA HIS A 90 -3.64 9.62 -4.92
C HIS A 90 -3.27 10.14 -6.30
N LYS A 91 -2.74 9.25 -7.13
CA LYS A 91 -2.34 9.62 -8.49
C LYS A 91 -0.99 10.34 -8.49
N SER A 92 0.08 9.58 -8.38
CA SER A 92 1.43 10.15 -8.36
C SER A 92 2.48 9.06 -8.50
N ALA A 1 -5.87 -16.92 14.43
CA ALA A 1 -4.96 -17.62 13.48
C ALA A 1 -3.84 -16.69 13.01
N PRO A 2 -2.67 -16.76 13.68
CA PRO A 2 -1.51 -15.93 13.33
C PRO A 2 -0.77 -16.46 12.11
N ASP A 3 -1.51 -16.79 11.07
CA ASP A 3 -0.92 -17.30 9.83
C ASP A 3 -0.84 -16.21 8.77
N VAL A 4 0.36 -15.71 8.53
CA VAL A 4 0.56 -14.66 7.53
C VAL A 4 1.06 -15.25 6.22
N GLN A 5 0.25 -15.13 5.17
CA GLN A 5 0.61 -15.65 3.86
C GLN A 5 1.15 -14.54 2.96
N ASP A 6 1.54 -14.92 1.74
CA ASP A 6 2.07 -13.95 0.79
C ASP A 6 1.39 -12.60 0.93
N CYS A 7 2.19 -11.56 1.16
CA CYS A 7 1.68 -10.21 1.32
C CYS A 7 2.82 -9.20 1.37
N PRO A 8 3.42 -8.89 0.21
CA PRO A 8 4.54 -7.94 0.10
C PRO A 8 4.22 -6.61 0.78
N GLU A 9 4.91 -5.56 0.34
CA GLU A 9 4.71 -4.23 0.91
C GLU A 9 3.87 -3.36 -0.04
N CYS A 10 2.98 -2.57 0.55
CA CYS A 10 2.12 -1.69 -0.23
C CYS A 10 2.95 -0.67 -1.01
N THR A 11 2.67 -0.56 -2.30
CA THR A 11 3.37 0.38 -3.16
C THR A 11 2.63 0.56 -4.46
N LEU A 12 3.30 1.15 -5.44
CA LEU A 12 2.70 1.38 -6.74
C LEU A 12 3.00 0.24 -7.68
N GLN A 13 1.98 -0.19 -8.40
CA GLN A 13 2.13 -1.27 -9.36
C GLN A 13 2.10 -0.74 -10.76
N GLU A 14 2.93 0.24 -10.98
CA GLU A 14 3.06 0.92 -12.27
C GLU A 14 2.15 0.30 -13.30
N ASN A 15 1.29 1.12 -13.85
CA ASN A 15 0.34 0.69 -14.85
C ASN A 15 0.99 0.17 -16.12
N PRO A 16 0.97 -1.15 -16.31
CA PRO A 16 1.52 -1.77 -17.52
C PRO A 16 0.52 -1.63 -18.65
N PHE A 17 -0.47 -0.79 -18.40
CA PHE A 17 -1.54 -0.52 -19.35
C PHE A 17 -1.32 0.84 -20.02
N PHE A 18 -1.34 1.88 -19.20
CA PHE A 18 -1.16 3.24 -19.67
C PHE A 18 0.31 3.55 -19.92
N SER A 19 1.15 2.57 -19.66
CA SER A 19 2.59 2.73 -19.84
C SER A 19 2.91 3.29 -21.22
N GLN A 20 3.33 4.55 -21.25
CA GLN A 20 3.67 5.23 -22.49
C GLN A 20 5.18 5.46 -22.57
N PRO A 21 5.66 6.03 -23.69
CA PRO A 21 7.09 6.31 -23.87
C PRO A 21 7.66 7.17 -22.76
N GLY A 22 7.75 6.60 -21.57
CA GLY A 22 8.28 7.32 -20.42
C GLY A 22 7.23 7.54 -19.34
N ALA A 23 6.21 6.70 -19.34
CA ALA A 23 5.14 6.81 -18.35
C ALA A 23 4.35 5.53 -18.25
N PRO A 24 4.78 4.71 -17.31
CA PRO A 24 4.20 3.41 -17.02
C PRO A 24 3.13 3.45 -15.93
N ILE A 25 2.43 4.56 -15.85
CA ILE A 25 1.37 4.80 -14.89
C ILE A 25 1.44 3.87 -13.68
N LEU A 26 0.45 3.97 -12.79
CA LEU A 26 0.47 3.20 -11.57
C LEU A 26 -0.88 2.92 -10.98
N GLN A 27 -0.82 2.55 -9.72
CA GLN A 27 -2.00 2.24 -8.93
C GLN A 27 -1.61 1.44 -7.68
N CYS A 28 -1.20 2.17 -6.65
CA CYS A 28 -0.76 1.57 -5.39
C CYS A 28 -1.40 0.19 -5.19
N MET A 29 -0.57 -0.85 -5.23
CA MET A 29 -1.06 -2.21 -5.05
C MET A 29 -0.10 -3.02 -4.19
N GLY A 30 -0.63 -3.63 -3.13
CA GLY A 30 0.20 -4.43 -2.25
C GLY A 30 -0.44 -4.67 -0.90
N CYS A 31 0.37 -5.04 0.08
CA CYS A 31 -0.12 -5.31 1.43
C CYS A 31 0.46 -4.31 2.43
N CYS A 32 -0.13 -4.27 3.62
CA CYS A 32 0.33 -3.37 4.67
C CYS A 32 0.40 -4.09 6.01
N PHE A 33 0.35 -5.41 5.96
CA PHE A 33 0.40 -6.24 7.16
C PHE A 33 -0.54 -5.68 8.23
N SER A 34 -0.47 -6.26 9.43
CA SER A 34 -1.31 -5.82 10.54
C SER A 34 -0.67 -4.63 11.26
N ARG A 35 -1.07 -4.41 12.50
CA ARG A 35 -0.53 -3.31 13.29
C ARG A 35 0.96 -3.49 13.52
N ALA A 36 1.48 -2.83 14.55
CA ALA A 36 2.90 -2.93 14.88
C ALA A 36 3.38 -4.38 14.83
N TYR A 37 4.54 -4.60 14.22
CA TYR A 37 5.09 -5.94 14.10
C TYR A 37 5.01 -6.68 15.43
N PRO A 38 4.52 -7.92 15.42
CA PRO A 38 4.38 -8.75 16.62
C PRO A 38 5.69 -8.95 17.35
N THR A 39 5.63 -9.56 18.53
CA THR A 39 6.82 -9.82 19.33
C THR A 39 7.83 -10.64 18.55
N PRO A 40 9.11 -10.25 18.59
CA PRO A 40 10.18 -10.96 17.89
C PRO A 40 10.56 -12.26 18.58
N LEU A 41 10.83 -13.28 17.78
CA LEU A 41 11.21 -14.59 18.32
C LEU A 41 12.32 -14.44 19.37
N ARG A 42 11.92 -14.28 20.62
CA ARG A 42 12.88 -14.14 21.71
C ARG A 42 14.03 -13.20 21.32
N SER A 43 13.75 -12.28 20.42
CA SER A 43 14.77 -11.33 19.97
C SER A 43 14.69 -10.03 20.76
N LYS A 44 15.85 -9.50 21.11
CA LYS A 44 15.92 -8.25 21.88
C LYS A 44 15.21 -7.12 21.15
N LYS A 45 14.07 -6.70 21.68
CA LYS A 45 13.28 -5.62 21.10
C LYS A 45 13.77 -5.24 19.70
N THR A 46 13.02 -5.65 18.69
CA THR A 46 13.38 -5.35 17.30
C THR A 46 12.24 -4.68 16.56
N MET A 47 11.21 -4.27 17.30
CA MET A 47 10.06 -3.62 16.68
C MET A 47 9.62 -2.39 17.48
N LEU A 48 9.85 -2.40 18.79
CA LEU A 48 9.47 -1.27 19.63
C LEU A 48 7.97 -1.05 19.57
N VAL A 49 7.52 0.10 20.08
CA VAL A 49 6.10 0.44 20.07
C VAL A 49 5.83 1.64 19.16
N GLN A 50 4.69 1.62 18.49
CA GLN A 50 4.31 2.71 17.60
C GLN A 50 3.23 3.58 18.22
N LYS A 51 3.27 4.88 17.92
CA LYS A 51 2.31 5.83 18.44
C LYS A 51 1.18 6.07 17.44
N ASN A 52 -0.02 5.61 17.77
CA ASN A 52 -1.18 5.77 16.91
C ASN A 52 -2.46 5.44 17.66
N VAL A 53 -3.60 5.55 16.97
CA VAL A 53 -4.89 5.26 17.58
C VAL A 53 -5.57 4.09 16.87
N THR A 54 -6.49 3.44 17.57
CA THR A 54 -7.22 2.30 17.02
C THR A 54 -6.47 1.66 15.85
N SER A 55 -5.68 0.65 16.14
CA SER A 55 -4.90 -0.03 15.11
C SER A 55 -5.54 -1.37 14.74
N GLU A 56 -6.20 -1.40 13.59
CA GLU A 56 -6.86 -2.62 13.12
C GLU A 56 -6.41 -2.96 11.70
N SER A 57 -6.79 -2.11 10.75
CA SER A 57 -6.42 -2.32 9.35
C SER A 57 -5.67 -1.11 8.82
N THR A 58 -5.52 -1.04 7.49
CA THR A 58 -4.81 0.06 6.86
C THR A 58 -5.02 0.05 5.35
N CYS A 59 -4.72 1.18 4.71
CA CYS A 59 -4.87 1.31 3.27
C CYS A 59 -4.13 2.54 2.75
N CYS A 60 -3.30 2.36 1.72
CA CYS A 60 -2.54 3.45 1.15
C CYS A 60 -3.38 4.26 0.17
N VAL A 61 -3.21 5.58 0.23
CA VAL A 61 -3.95 6.49 -0.65
C VAL A 61 -3.00 7.50 -1.28
N ALA A 62 -2.11 7.00 -2.15
CA ALA A 62 -1.13 7.84 -2.83
C ALA A 62 -0.97 9.20 -2.16
N LYS A 63 0.13 9.39 -1.44
CA LYS A 63 0.40 10.65 -0.78
C LYS A 63 0.39 11.77 -1.81
N SER A 64 0.84 11.42 -3.01
CA SER A 64 0.89 12.35 -4.11
C SER A 64 0.65 11.61 -5.41
N TYR A 65 -0.42 11.98 -6.11
CA TYR A 65 -0.76 11.33 -7.36
C TYR A 65 -0.38 12.17 -8.55
N ASN A 66 -0.25 11.52 -9.70
CA ASN A 66 0.05 12.23 -10.93
C ASN A 66 -1.00 11.87 -11.93
N ARG A 67 -2.14 11.56 -11.36
CA ARG A 67 -3.33 11.17 -12.08
C ARG A 67 -3.17 11.32 -13.59
N VAL A 68 -3.43 10.23 -14.28
CA VAL A 68 -3.33 10.20 -15.73
C VAL A 68 -4.59 9.57 -16.30
N THR A 69 -5.73 9.97 -15.75
CA THR A 69 -7.02 9.45 -16.18
C THR A 69 -6.90 8.82 -17.55
N VAL A 70 -7.19 7.54 -17.61
CA VAL A 70 -7.10 6.79 -18.84
C VAL A 70 -8.38 6.02 -19.13
N MET A 71 -8.34 5.22 -20.18
CA MET A 71 -9.49 4.42 -20.59
C MET A 71 -10.75 5.25 -20.63
N GLY A 72 -11.80 4.72 -20.00
CA GLY A 72 -13.06 5.40 -19.97
C GLY A 72 -13.14 6.46 -18.89
N GLY A 73 -11.98 6.92 -18.42
CA GLY A 73 -11.95 7.93 -17.38
C GLY A 73 -11.36 7.42 -16.09
N PHE A 74 -10.54 6.38 -16.18
CA PHE A 74 -9.91 5.80 -15.01
C PHE A 74 -9.06 6.84 -14.28
N LYS A 75 -8.37 6.41 -13.24
CA LYS A 75 -7.54 7.34 -12.47
C LYS A 75 -6.51 6.59 -11.63
N VAL A 76 -5.28 6.54 -12.12
CA VAL A 76 -4.19 5.89 -11.41
C VAL A 76 -3.50 6.88 -10.54
N GLU A 77 -4.15 8.01 -10.38
CA GLU A 77 -3.59 9.10 -9.61
C GLU A 77 -2.10 8.96 -9.70
N ASN A 78 -1.67 8.60 -10.91
CA ASN A 78 -0.29 8.30 -11.21
C ASN A 78 0.54 8.50 -9.97
N HIS A 79 0.29 7.62 -9.03
CA HIS A 79 0.93 7.67 -7.73
C HIS A 79 2.38 8.05 -7.76
N THR A 80 2.65 9.13 -7.07
CA THR A 80 4.00 9.65 -6.92
C THR A 80 4.46 9.38 -5.49
N ALA A 81 3.48 9.13 -4.64
CA ALA A 81 3.73 8.84 -3.23
C ALA A 81 2.54 8.09 -2.65
N CYS A 82 2.79 7.20 -1.69
CA CYS A 82 1.72 6.42 -1.08
C CYS A 82 1.86 6.40 0.45
N HIS A 83 0.73 6.52 1.14
CA HIS A 83 0.72 6.51 2.60
C HIS A 83 -0.42 5.65 3.15
N CYS A 84 -0.07 4.52 3.76
CA CYS A 84 -1.06 3.61 4.33
C CYS A 84 -1.83 4.28 5.46
N SER A 85 -3.14 4.07 5.48
CA SER A 85 -4.00 4.65 6.51
C SER A 85 -5.37 4.00 6.50
N THR A 86 -6.17 4.31 7.51
CA THR A 86 -7.52 3.75 7.63
C THR A 86 -8.12 3.48 6.24
N CYS A 87 -8.94 2.44 6.16
CA CYS A 87 -9.57 2.07 4.90
C CYS A 87 -11.07 2.37 4.93
N TYR A 88 -11.74 2.11 3.82
CA TYR A 88 -13.17 2.36 3.71
C TYR A 88 -13.75 1.63 2.49
N TYR A 89 -14.17 0.39 2.70
CA TYR A 89 -14.75 -0.42 1.62
C TYR A 89 -13.84 -0.41 0.40
N HIS A 90 -12.91 -1.37 0.35
CA HIS A 90 -11.97 -1.48 -0.77
C HIS A 90 -10.96 -2.58 -0.51
N LYS A 91 -11.45 -3.79 -0.26
CA LYS A 91 -10.58 -4.93 0.00
C LYS A 91 -9.42 -4.97 -1.00
N SER A 92 -8.24 -4.57 -0.54
CA SER A 92 -7.06 -4.56 -1.40
C SER A 92 -5.97 -5.47 -0.83
N ALA A 1 12.44 -18.01 -2.34
CA ALA A 1 11.35 -17.18 -1.76
C ALA A 1 10.38 -16.73 -2.85
N PRO A 2 9.19 -16.30 -2.44
CA PRO A 2 8.15 -15.83 -3.37
C PRO A 2 8.73 -15.00 -4.52
N ASP A 3 8.28 -15.30 -5.73
CA ASP A 3 8.74 -14.59 -6.92
C ASP A 3 8.87 -13.09 -6.65
N VAL A 4 7.72 -12.43 -6.55
CA VAL A 4 7.69 -10.99 -6.31
C VAL A 4 7.74 -10.21 -7.61
N GLN A 5 7.02 -9.09 -7.66
CA GLN A 5 6.99 -8.25 -8.84
C GLN A 5 5.80 -7.29 -8.82
N ASP A 6 6.04 -6.08 -8.35
CA ASP A 6 5.00 -5.06 -8.28
C ASP A 6 4.10 -5.27 -7.07
N CYS A 7 4.52 -4.74 -5.92
CA CYS A 7 3.74 -4.84 -4.69
C CYS A 7 3.35 -6.29 -4.41
N PRO A 8 3.81 -6.83 -3.27
CA PRO A 8 3.52 -8.20 -2.88
C PRO A 8 2.26 -8.31 -2.02
N GLU A 9 1.19 -7.67 -2.46
CA GLU A 9 -0.09 -7.69 -1.75
C GLU A 9 -0.06 -6.73 -0.55
N CYS A 10 -1.20 -6.11 -0.28
CA CYS A 10 -1.32 -5.17 0.83
C CYS A 10 -1.14 -5.90 2.16
N THR A 11 -0.19 -5.41 2.97
CA THR A 11 0.09 -6.01 4.26
C THR A 11 1.11 -5.18 5.01
N LEU A 12 1.81 -5.83 5.92
CA LEU A 12 2.83 -5.18 6.71
C LEU A 12 4.15 -5.93 6.58
N GLN A 13 5.24 -5.20 6.54
CA GLN A 13 6.56 -5.82 6.43
C GLN A 13 7.31 -5.73 7.72
N GLU A 14 6.74 -6.34 8.72
CA GLU A 14 7.31 -6.38 10.06
C GLU A 14 8.66 -5.69 10.09
N ASN A 15 8.73 -4.69 10.92
CA ASN A 15 9.95 -3.90 11.09
C ASN A 15 11.16 -4.80 11.30
N PRO A 16 12.15 -4.69 10.41
CA PRO A 16 13.38 -5.48 10.50
C PRO A 16 14.36 -4.90 11.50
N PHE A 17 13.83 -4.04 12.38
CA PHE A 17 14.63 -3.39 13.41
C PHE A 17 14.01 -3.62 14.77
N PHE A 18 12.75 -3.24 14.87
CA PHE A 18 11.99 -3.38 16.11
C PHE A 18 11.61 -4.83 16.33
N SER A 19 11.53 -5.58 15.23
CA SER A 19 11.16 -6.98 15.29
C SER A 19 11.95 -7.72 16.36
N GLN A 20 11.30 -8.00 17.48
CA GLN A 20 11.94 -8.71 18.59
C GLN A 20 10.97 -9.65 19.29
N PRO A 21 11.50 -10.58 20.09
CA PRO A 21 10.69 -11.55 20.84
C PRO A 21 9.69 -10.86 21.76
N GLY A 22 8.77 -10.12 21.17
CA GLY A 22 7.77 -9.40 21.93
C GLY A 22 7.27 -8.18 21.19
N ALA A 23 8.05 -7.74 20.22
CA ALA A 23 7.69 -6.57 19.43
C ALA A 23 8.14 -6.73 18.00
N PRO A 24 7.20 -7.10 17.16
CA PRO A 24 7.40 -7.34 15.75
C PRO A 24 6.83 -6.24 14.88
N ILE A 25 7.26 -5.03 15.16
CA ILE A 25 6.83 -3.87 14.43
C ILE A 25 6.59 -4.14 12.95
N LEU A 26 6.27 -3.09 12.20
CA LEU A 26 5.92 -3.26 10.81
C LEU A 26 6.18 -2.05 9.94
N GLN A 27 5.47 -2.04 8.84
CA GLN A 27 5.57 -0.96 7.86
C GLN A 27 4.89 -1.34 6.53
N CYS A 28 3.58 -1.52 6.61
CA CYS A 28 2.73 -1.87 5.46
C CYS A 28 3.54 -2.26 4.22
N MET A 29 3.44 -3.54 3.86
CA MET A 29 4.14 -4.07 2.68
C MET A 29 3.14 -4.45 1.60
N GLY A 30 3.03 -3.60 0.57
CA GLY A 30 2.12 -3.86 -0.52
C GLY A 30 1.37 -2.61 -0.96
N CYS A 31 0.29 -2.81 -1.71
CA CYS A 31 -0.52 -1.69 -2.18
C CYS A 31 -1.66 -2.18 -3.05
N CYS A 32 -2.36 -3.19 -2.54
CA CYS A 32 -3.50 -3.76 -3.25
C CYS A 32 -3.21 -3.87 -4.75
N PHE A 33 -4.22 -4.24 -5.52
CA PHE A 33 -4.07 -4.37 -6.97
C PHE A 33 -5.42 -4.58 -7.65
N SER A 34 -6.49 -4.23 -6.95
CA SER A 34 -7.84 -4.38 -7.50
C SER A 34 -8.24 -3.13 -8.28
N ARG A 35 -7.71 -3.00 -9.49
CA ARG A 35 -8.02 -1.85 -10.34
C ARG A 35 -8.23 -2.27 -11.79
N ALA A 36 -9.20 -3.15 -12.01
CA ALA A 36 -9.51 -3.63 -13.35
C ALA A 36 -10.95 -4.13 -13.43
N TYR A 37 -11.87 -3.19 -13.62
CA TYR A 37 -13.30 -3.52 -13.70
C TYR A 37 -13.64 -4.10 -15.07
N PRO A 38 -13.15 -3.49 -16.15
CA PRO A 38 -13.41 -3.95 -17.51
C PRO A 38 -13.04 -5.42 -17.71
N THR A 39 -13.85 -6.14 -18.48
CA THR A 39 -13.60 -7.55 -18.74
C THR A 39 -12.49 -7.72 -19.78
N PRO A 40 -12.14 -8.97 -20.10
CA PRO A 40 -11.08 -9.26 -21.07
C PRO A 40 -11.54 -9.04 -22.52
N LEU A 41 -12.34 -8.00 -22.73
CA LEU A 41 -12.85 -7.69 -24.06
C LEU A 41 -12.82 -6.19 -24.30
N ARG A 42 -12.26 -5.45 -23.35
CA ARG A 42 -12.17 -3.99 -23.44
C ARG A 42 -10.71 -3.54 -23.36
N SER A 43 -10.06 -3.85 -22.25
CA SER A 43 -8.67 -3.48 -22.03
C SER A 43 -7.72 -4.40 -22.81
N LYS A 44 -6.80 -3.79 -23.56
CA LYS A 44 -5.84 -4.56 -24.34
C LYS A 44 -4.41 -4.09 -24.06
N LYS A 45 -4.08 -2.91 -24.56
CA LYS A 45 -2.75 -2.34 -24.38
C LYS A 45 -2.77 -0.84 -24.65
N THR A 46 -3.88 -0.20 -24.28
CA THR A 46 -4.04 1.24 -24.48
C THR A 46 -4.30 1.55 -25.96
N MET A 47 -4.81 2.75 -26.23
CA MET A 47 -5.10 3.16 -27.60
C MET A 47 -5.09 4.68 -27.74
N LEU A 48 -5.23 5.14 -28.97
CA LEU A 48 -5.25 6.58 -29.26
C LEU A 48 -3.94 7.24 -28.83
N VAL A 49 -3.95 8.57 -28.79
CA VAL A 49 -2.76 9.33 -28.40
C VAL A 49 -2.93 9.91 -27.00
N GLN A 50 -4.11 9.71 -26.45
CA GLN A 50 -4.42 10.20 -25.12
C GLN A 50 -3.53 9.53 -24.08
N LYS A 51 -3.02 10.34 -23.15
CA LYS A 51 -2.14 9.83 -22.10
C LYS A 51 -1.97 10.87 -20.99
N ASN A 52 -3.07 11.24 -20.36
CA ASN A 52 -3.04 12.24 -19.28
C ASN A 52 -3.01 11.56 -17.92
N VAL A 53 -2.90 12.37 -16.87
CA VAL A 53 -2.86 11.84 -15.51
C VAL A 53 -4.13 11.07 -15.17
N THR A 54 -3.95 9.90 -14.58
CA THR A 54 -5.09 9.05 -14.21
C THR A 54 -4.87 8.44 -12.83
N SER A 55 -3.81 8.89 -12.14
CA SER A 55 -3.49 8.39 -10.82
C SER A 55 -3.11 6.91 -10.88
N GLU A 56 -1.99 6.57 -10.28
CA GLU A 56 -1.52 5.18 -10.27
C GLU A 56 -2.60 4.25 -9.73
N SER A 57 -2.80 4.27 -8.41
CA SER A 57 -3.82 3.42 -7.79
C SER A 57 -4.00 3.77 -6.31
N THR A 58 -4.84 3.01 -5.63
CA THR A 58 -5.10 3.24 -4.20
C THR A 58 -3.80 3.26 -3.42
N CYS A 59 -3.91 3.32 -2.09
CA CYS A 59 -2.73 3.36 -1.23
C CYS A 59 -3.03 2.76 0.14
N CYS A 60 -2.20 1.81 0.56
CA CYS A 60 -2.36 1.15 1.85
C CYS A 60 -1.69 1.95 2.96
N VAL A 61 -2.48 2.75 3.67
CA VAL A 61 -1.96 3.56 4.77
C VAL A 61 -2.50 3.05 6.10
N ALA A 62 -1.95 1.92 6.56
CA ALA A 62 -2.36 1.30 7.80
C ALA A 62 -3.68 1.86 8.32
N LYS A 63 -4.74 1.06 8.18
CA LYS A 63 -6.05 1.45 8.65
C LYS A 63 -5.97 1.80 10.12
N SER A 64 -5.14 1.06 10.84
CA SER A 64 -4.94 1.29 12.26
C SER A 64 -3.50 1.01 12.63
N TYR A 65 -2.77 2.07 12.91
CA TYR A 65 -1.36 1.96 13.26
C TYR A 65 -1.16 1.85 14.76
N ASN A 66 0.04 1.41 15.13
CA ASN A 66 0.40 1.30 16.53
C ASN A 66 1.80 1.87 16.66
N ARG A 67 2.03 2.80 15.76
CA ARG A 67 3.29 3.51 15.63
C ARG A 67 4.23 3.22 16.79
N VAL A 68 5.44 2.84 16.43
CA VAL A 68 6.48 2.52 17.38
C VAL A 68 7.79 3.16 16.97
N THR A 69 7.74 4.44 16.66
CA THR A 69 8.92 5.18 16.22
C THR A 69 10.19 4.53 16.72
N VAL A 70 11.01 4.08 15.78
CA VAL A 70 12.27 3.43 16.11
C VAL A 70 13.44 4.09 15.44
N MET A 71 14.57 3.39 15.47
CA MET A 71 15.81 3.86 14.87
C MET A 71 15.57 5.06 13.94
N GLY A 72 16.35 6.11 14.15
CA GLY A 72 16.21 7.29 13.32
C GLY A 72 14.79 7.82 13.29
N GLY A 73 14.01 7.48 14.30
CA GLY A 73 12.64 7.92 14.35
C GLY A 73 11.75 7.20 13.36
N PHE A 74 12.10 5.95 13.06
CA PHE A 74 11.33 5.15 12.12
C PHE A 74 9.89 4.99 12.58
N LYS A 75 8.97 5.52 11.79
CA LYS A 75 7.55 5.43 12.11
C LYS A 75 6.86 4.32 11.33
N VAL A 76 6.66 3.20 12.00
CA VAL A 76 6.02 2.04 11.39
C VAL A 76 4.56 2.04 11.69
N GLU A 77 4.11 3.17 12.20
CA GLU A 77 2.71 3.29 12.57
C GLU A 77 2.23 1.89 12.91
N ASN A 78 3.11 1.17 13.59
CA ASN A 78 2.92 -0.22 13.92
C ASN A 78 1.56 -0.66 13.42
N HIS A 79 1.49 -0.78 12.12
CA HIS A 79 0.27 -1.13 11.43
C HIS A 79 -0.46 -2.31 12.03
N THR A 80 -1.63 -2.00 12.51
CA THR A 80 -2.51 -2.99 13.09
C THR A 80 -3.53 -3.38 12.04
N ALA A 81 -3.69 -2.50 11.07
CA ALA A 81 -4.61 -2.72 9.96
C ALA A 81 -4.17 -1.89 8.77
N CYS A 82 -4.16 -2.49 7.59
CA CYS A 82 -3.75 -1.79 6.38
C CYS A 82 -4.85 -1.86 5.32
N HIS A 83 -5.30 -0.70 4.87
CA HIS A 83 -6.36 -0.63 3.86
C HIS A 83 -5.94 0.28 2.71
N CYS A 84 -6.04 -0.23 1.48
CA CYS A 84 -5.67 0.55 0.30
C CYS A 84 -6.74 1.60 0.01
N SER A 85 -6.35 2.87 0.09
CA SER A 85 -7.27 3.98 -0.15
C SER A 85 -6.82 5.22 0.60
N THR A 86 -7.71 6.21 0.69
CA THR A 86 -7.40 7.46 1.39
C THR A 86 -6.24 8.18 0.70
N CYS A 87 -5.43 8.87 1.50
CA CYS A 87 -4.29 9.62 0.97
C CYS A 87 -4.76 10.67 -0.03
N TYR A 88 -5.94 11.22 0.22
CA TYR A 88 -6.52 12.24 -0.65
C TYR A 88 -5.94 13.62 -0.33
N TYR A 89 -5.86 14.47 -1.35
CA TYR A 89 -5.33 15.81 -1.19
C TYR A 89 -6.45 16.85 -1.25
N HIS A 90 -7.21 16.97 -0.17
CA HIS A 90 -8.31 17.93 -0.12
C HIS A 90 -7.82 19.29 0.38
N LYS A 91 -8.71 20.29 0.33
CA LYS A 91 -8.36 21.63 0.77
C LYS A 91 -7.40 22.30 -0.21
N SER A 92 -6.55 23.18 0.31
CA SER A 92 -5.59 23.89 -0.52
C SER A 92 -6.16 25.21 -1.03
N ALA A 1 -6.23 -26.66 -1.15
CA ALA A 1 -6.28 -25.20 -1.43
C ALA A 1 -6.16 -24.40 -0.14
N PRO A 2 -4.94 -23.94 0.18
CA PRO A 2 -4.67 -23.16 1.40
C PRO A 2 -5.14 -21.71 1.29
N ASP A 3 -6.15 -21.36 2.09
CA ASP A 3 -6.71 -20.01 2.11
C ASP A 3 -8.23 -20.05 2.03
N VAL A 4 -8.86 -18.91 2.27
CA VAL A 4 -10.31 -18.82 2.22
C VAL A 4 -10.77 -17.68 1.32
N GLN A 5 -10.11 -17.53 0.18
CA GLN A 5 -10.44 -16.47 -0.78
C GLN A 5 -10.24 -15.09 -0.17
N ASP A 6 -11.11 -14.15 -0.54
CA ASP A 6 -11.04 -12.78 -0.05
C ASP A 6 -10.05 -11.96 -0.86
N CYS A 7 -10.06 -10.64 -0.66
CA CYS A 7 -9.17 -9.75 -1.39
C CYS A 7 -7.73 -9.90 -0.94
N PRO A 8 -6.78 -9.76 -1.87
CA PRO A 8 -5.35 -9.88 -1.58
C PRO A 8 -4.86 -8.78 -0.63
N GLU A 9 -3.61 -8.37 -0.81
CA GLU A 9 -3.03 -7.33 0.02
C GLU A 9 -2.93 -6.02 -0.73
N CYS A 10 -3.00 -4.91 0.01
CA CYS A 10 -2.91 -3.58 -0.59
C CYS A 10 -1.46 -3.24 -0.94
N THR A 11 -1.22 -2.95 -2.21
CA THR A 11 0.13 -2.62 -2.66
C THR A 11 0.12 -2.11 -4.09
N LEU A 12 1.19 -1.46 -4.50
CA LEU A 12 1.29 -0.96 -5.86
C LEU A 12 0.98 -2.04 -6.85
N GLN A 13 0.11 -1.73 -7.80
CA GLN A 13 -0.26 -2.70 -8.80
C GLN A 13 -0.22 -2.09 -10.17
N GLU A 14 0.97 -1.69 -10.52
CA GLU A 14 1.29 -1.06 -11.78
C GLU A 14 0.05 -0.74 -12.60
N ASN A 15 -0.04 0.50 -12.99
CA ASN A 15 -1.14 1.01 -13.78
C ASN A 15 -1.32 0.20 -15.06
N PRO A 16 -2.39 -0.59 -15.15
CA PRO A 16 -2.67 -1.38 -16.35
C PRO A 16 -3.25 -0.51 -17.46
N PHE A 17 -2.97 0.78 -17.37
CA PHE A 17 -3.44 1.74 -18.36
C PHE A 17 -2.28 2.57 -18.87
N PHE A 18 -1.60 3.24 -17.92
CA PHE A 18 -0.47 4.07 -18.24
C PHE A 18 0.70 3.22 -18.68
N SER A 19 0.72 1.98 -18.24
CA SER A 19 1.79 1.06 -18.59
C SER A 19 2.18 1.25 -20.05
N GLN A 20 3.25 1.99 -20.27
CA GLN A 20 3.73 2.27 -21.61
C GLN A 20 5.15 1.75 -21.78
N PRO A 21 5.62 1.62 -23.03
CA PRO A 21 6.97 1.14 -23.33
C PRO A 21 8.04 2.03 -22.71
N GLY A 22 8.09 2.05 -21.39
CA GLY A 22 9.08 2.87 -20.69
C GLY A 22 8.52 3.50 -19.43
N ALA A 23 7.24 3.26 -19.14
CA ALA A 23 6.61 3.82 -17.96
C ALA A 23 5.40 3.00 -17.55
N PRO A 24 5.57 2.23 -16.48
CA PRO A 24 4.56 1.36 -15.94
C PRO A 24 3.95 1.87 -14.66
N ILE A 25 3.16 2.94 -14.79
CA ILE A 25 2.50 3.55 -13.67
C ILE A 25 2.01 2.55 -12.64
N LEU A 26 1.29 3.05 -11.63
CA LEU A 26 0.86 2.22 -10.52
C LEU A 26 -0.42 2.67 -9.89
N GLN A 27 -0.59 2.20 -8.67
CA GLN A 27 -1.76 2.52 -7.86
C GLN A 27 -1.97 1.47 -6.78
N CYS A 28 -1.26 1.63 -5.67
CA CYS A 28 -1.36 0.70 -4.55
C CYS A 28 -2.77 0.13 -4.46
N MET A 29 -2.99 -1.02 -5.09
CA MET A 29 -4.31 -1.65 -5.06
C MET A 29 -4.34 -2.83 -4.10
N GLY A 30 -5.55 -3.20 -3.68
CA GLY A 30 -5.70 -4.31 -2.75
C GLY A 30 -6.24 -3.87 -1.40
N CYS A 31 -5.88 -4.60 -0.35
CA CYS A 31 -6.35 -4.27 0.99
C CYS A 31 -5.25 -4.56 2.02
N CYS A 32 -5.22 -3.75 3.07
CA CYS A 32 -4.23 -3.91 4.13
C CYS A 32 -4.89 -4.36 5.43
N PHE A 33 -5.11 -5.66 5.55
CA PHE A 33 -5.74 -6.22 6.74
C PHE A 33 -4.75 -6.27 7.90
N SER A 34 -3.47 -6.11 7.58
CA SER A 34 -2.42 -6.13 8.59
C SER A 34 -2.15 -7.55 9.07
N ARG A 35 -1.06 -8.13 8.57
CA ARG A 35 -0.69 -9.49 8.94
C ARG A 35 0.83 -9.66 8.94
N ALA A 36 1.40 -9.93 10.11
CA ALA A 36 2.83 -10.12 10.24
C ALA A 36 3.57 -8.78 10.26
N TYR A 37 4.84 -8.80 9.84
CA TYR A 37 5.64 -7.58 9.82
C TYR A 37 6.37 -7.43 8.49
N PRO A 38 6.11 -6.34 7.77
CA PRO A 38 6.74 -6.06 6.49
C PRO A 38 8.05 -5.30 6.63
N THR A 39 8.55 -4.76 5.53
CA THR A 39 9.79 -3.99 5.56
C THR A 39 10.86 -4.71 6.37
N PRO A 40 11.61 -5.62 5.74
CA PRO A 40 12.67 -6.38 6.40
C PRO A 40 13.79 -5.48 6.91
N LEU A 41 14.26 -5.74 8.13
CA LEU A 41 15.33 -4.96 8.73
C LEU A 41 16.35 -5.86 9.42
N ARG A 42 16.04 -6.26 10.65
CA ARG A 42 16.92 -7.13 11.42
C ARG A 42 18.09 -6.34 12.01
N SER A 43 17.90 -5.84 13.23
CA SER A 43 18.94 -5.07 13.92
C SER A 43 18.31 -4.08 14.90
N LYS A 44 17.55 -4.60 15.85
CA LYS A 44 16.88 -3.76 16.83
C LYS A 44 17.32 -4.10 18.25
N LYS A 45 17.21 -3.11 19.15
CA LYS A 45 17.59 -3.30 20.55
C LYS A 45 16.42 -3.01 21.46
N THR A 46 15.66 -1.96 21.15
CA THR A 46 14.50 -1.57 21.94
C THR A 46 14.09 -0.13 21.65
N MET A 47 12.99 0.03 20.93
CA MET A 47 12.49 1.37 20.59
C MET A 47 11.03 1.32 20.14
N LEU A 48 10.24 2.28 20.63
CA LEU A 48 8.83 2.35 20.28
C LEU A 48 8.18 3.62 20.84
N VAL A 49 7.27 4.21 20.06
CA VAL A 49 6.59 5.44 20.48
C VAL A 49 5.82 5.23 21.79
N GLN A 50 5.66 6.30 22.55
CA GLN A 50 4.96 6.24 23.83
C GLN A 50 3.65 5.47 23.69
N LYS A 51 3.15 4.97 24.82
CA LYS A 51 1.91 4.20 24.83
C LYS A 51 0.72 5.12 25.05
N ASN A 52 -0.32 4.94 24.22
CA ASN A 52 -1.55 5.74 24.30
C ASN A 52 -1.88 6.34 22.94
N VAL A 53 -2.95 5.81 22.32
CA VAL A 53 -3.37 6.29 21.00
C VAL A 53 -2.33 5.94 19.94
N THR A 54 -2.67 6.18 18.69
CA THR A 54 -1.77 5.90 17.58
C THR A 54 -1.93 6.92 16.46
N SER A 55 -0.82 7.41 15.94
CA SER A 55 -0.84 8.38 14.86
C SER A 55 -0.23 7.80 13.59
N GLU A 56 -1.09 7.33 12.70
CA GLU A 56 -0.64 6.75 11.44
C GLU A 56 -1.82 6.44 10.52
N SER A 57 -1.92 7.20 9.44
CA SER A 57 -2.99 7.00 8.47
C SER A 57 -2.89 5.62 7.83
N THR A 58 -4.01 4.89 7.82
CA THR A 58 -4.03 3.55 7.25
C THR A 58 -3.94 3.59 5.72
N CYS A 59 -4.15 2.43 5.10
CA CYS A 59 -4.08 2.31 3.65
C CYS A 59 -2.67 2.61 3.18
N CYS A 60 -2.19 1.83 2.23
CA CYS A 60 -0.85 2.03 1.70
C CYS A 60 -0.78 3.34 0.92
N VAL A 61 -1.05 4.44 1.61
CA VAL A 61 -1.01 5.76 1.00
C VAL A 61 0.38 6.06 0.45
N ALA A 62 0.76 5.32 -0.60
CA ALA A 62 2.06 5.49 -1.23
C ALA A 62 2.97 6.39 -0.41
N LYS A 63 3.98 5.80 0.20
CA LYS A 63 4.93 6.55 1.01
C LYS A 63 5.54 7.65 0.17
N SER A 64 5.65 7.35 -1.12
CA SER A 64 6.20 8.30 -2.07
C SER A 64 5.52 8.09 -3.41
N TYR A 65 4.98 9.16 -3.99
CA TYR A 65 4.28 9.05 -5.27
C TYR A 65 5.02 9.76 -6.37
N ASN A 66 4.71 9.35 -7.60
CA ASN A 66 5.31 9.99 -8.78
C ASN A 66 4.19 10.35 -9.72
N ARG A 67 3.06 10.56 -9.10
CA ARG A 67 1.81 10.92 -9.75
C ARG A 67 1.98 11.12 -11.25
N VAL A 68 1.14 10.42 -11.99
CA VAL A 68 1.14 10.48 -13.45
C VAL A 68 -0.29 10.52 -13.97
N THR A 69 -1.08 11.45 -13.45
CA THR A 69 -2.48 11.59 -13.83
C THR A 69 -2.71 11.06 -15.25
N VAL A 70 -3.57 10.05 -15.34
CA VAL A 70 -3.91 9.44 -16.62
C VAL A 70 -5.39 9.59 -16.95
N MET A 71 -5.82 8.87 -17.98
CA MET A 71 -7.20 8.89 -18.42
C MET A 71 -7.80 10.29 -18.32
N GLY A 72 -9.05 10.36 -17.85
CA GLY A 72 -9.72 11.63 -17.71
C GLY A 72 -9.14 12.49 -16.62
N GLY A 73 -8.06 12.03 -16.00
CA GLY A 73 -7.44 12.77 -14.93
C GLY A 73 -7.11 11.90 -13.73
N PHE A 74 -6.80 10.65 -13.99
CA PHE A 74 -6.47 9.69 -12.94
C PHE A 74 -5.31 10.21 -12.09
N LYS A 75 -4.97 9.49 -11.03
CA LYS A 75 -3.87 9.88 -10.16
C LYS A 75 -3.28 8.66 -9.46
N VAL A 76 -2.28 8.06 -10.09
CA VAL A 76 -1.61 6.89 -9.53
C VAL A 76 -0.50 7.31 -8.63
N GLU A 77 -0.48 8.58 -8.33
CA GLU A 77 0.59 9.14 -7.51
C GLU A 77 1.79 8.24 -7.71
N ASN A 78 1.93 7.85 -8.99
CA ASN A 78 2.93 6.90 -9.41
C ASN A 78 3.73 6.44 -8.22
N HIS A 79 3.06 5.66 -7.40
CA HIS A 79 3.61 5.16 -6.16
C HIS A 79 5.01 4.62 -6.28
N THR A 80 5.90 5.29 -5.59
CA THR A 80 7.29 4.91 -5.54
C THR A 80 7.51 4.11 -4.27
N ALA A 81 6.58 4.30 -3.34
CA ALA A 81 6.60 3.61 -2.07
C ALA A 81 5.17 3.48 -1.54
N CYS A 82 4.97 2.67 -0.51
CA CYS A 82 3.64 2.48 0.05
C CYS A 82 3.72 2.03 1.51
N HIS A 83 2.94 2.68 2.37
CA HIS A 83 2.92 2.35 3.78
C HIS A 83 1.51 2.50 4.36
N CYS A 84 0.89 1.38 4.70
CA CYS A 84 -0.47 1.38 5.26
C CYS A 84 -0.42 1.20 6.77
N SER A 85 -1.59 1.12 7.40
CA SER A 85 -1.68 0.92 8.84
C SER A 85 -2.96 0.16 9.21
N THR A 86 -3.31 -0.81 8.37
CA THR A 86 -4.51 -1.63 8.60
C THR A 86 -5.73 -1.03 7.91
N CYS A 87 -5.81 -1.16 6.60
CA CYS A 87 -6.93 -0.64 5.84
C CYS A 87 -7.85 -1.75 5.34
N TYR A 88 -9.13 -1.44 5.19
CA TYR A 88 -10.10 -2.42 4.72
C TYR A 88 -11.04 -1.80 3.69
N TYR A 89 -11.76 -2.65 2.97
CA TYR A 89 -12.69 -2.20 1.93
C TYR A 89 -13.54 -1.02 2.44
N HIS A 90 -13.72 -0.01 1.58
CA HIS A 90 -14.52 1.15 1.95
C HIS A 90 -14.99 1.91 0.71
N LYS A 91 -14.05 2.33 -0.13
CA LYS A 91 -14.37 3.07 -1.35
C LYS A 91 -13.13 3.39 -2.16
N SER A 92 -12.03 2.72 -1.87
CA SER A 92 -10.77 2.93 -2.57
C SER A 92 -9.92 1.67 -2.56
N ALA A 1 -5.09 -17.55 5.95
CA ALA A 1 -5.84 -18.06 4.78
C ALA A 1 -5.29 -19.42 4.34
N PRO A 2 -5.85 -20.51 4.89
CA PRO A 2 -5.42 -21.87 4.57
C PRO A 2 -5.85 -22.31 3.17
N ASP A 3 -7.16 -22.32 2.95
CA ASP A 3 -7.71 -22.73 1.65
C ASP A 3 -8.07 -21.52 0.81
N VAL A 4 -9.09 -20.78 1.24
CA VAL A 4 -9.53 -19.59 0.52
C VAL A 4 -8.50 -18.47 0.61
N GLN A 5 -8.10 -17.94 -0.54
CA GLN A 5 -7.12 -16.87 -0.59
C GLN A 5 -7.49 -15.83 -1.65
N ASP A 6 -8.30 -14.86 -1.27
CA ASP A 6 -8.73 -13.82 -2.19
C ASP A 6 -7.71 -12.69 -2.23
N CYS A 7 -7.65 -11.99 -3.36
CA CYS A 7 -6.72 -10.87 -3.53
C CYS A 7 -5.35 -11.38 -3.96
N PRO A 8 -4.75 -10.74 -4.97
CA PRO A 8 -3.43 -11.11 -5.49
C PRO A 8 -2.30 -10.56 -4.61
N GLU A 9 -2.57 -10.44 -3.32
CA GLU A 9 -1.58 -9.92 -2.38
C GLU A 9 -1.29 -8.45 -2.64
N CYS A 10 -1.49 -7.62 -1.62
CA CYS A 10 -1.25 -6.19 -1.74
C CYS A 10 0.09 -5.92 -2.40
N THR A 11 0.08 -5.14 -3.48
CA THR A 11 1.31 -4.83 -4.20
C THR A 11 1.08 -3.83 -5.31
N LEU A 12 2.15 -3.21 -5.77
CA LEU A 12 2.09 -2.26 -6.86
C LEU A 12 1.93 -3.01 -8.16
N GLN A 13 0.94 -2.64 -8.95
CA GLN A 13 0.74 -3.31 -10.22
C GLN A 13 0.84 -2.36 -11.38
N GLU A 14 2.04 -1.82 -11.49
CA GLU A 14 2.38 -0.86 -12.53
C GLU A 14 1.20 -0.56 -13.44
N ASN A 15 0.88 0.70 -13.50
CA ASN A 15 -0.22 1.18 -14.30
C ASN A 15 -0.14 0.66 -15.73
N PRO A 16 -0.95 -0.36 -16.05
CA PRO A 16 -0.99 -0.91 -17.39
C PRO A 16 -1.72 0.05 -18.32
N PHE A 17 -1.80 1.30 -17.85
CA PHE A 17 -2.47 2.37 -18.56
C PHE A 17 -1.51 3.49 -18.91
N PHE A 18 -0.88 4.04 -17.88
CA PHE A 18 0.06 5.15 -18.04
C PHE A 18 1.44 4.63 -18.47
N SER A 19 1.60 3.31 -18.47
CA SER A 19 2.87 2.72 -18.86
C SER A 19 3.30 3.25 -20.22
N GLN A 20 4.34 4.07 -20.21
CA GLN A 20 4.87 4.66 -21.42
C GLN A 20 6.40 4.62 -21.40
N PRO A 21 7.03 4.50 -22.57
CA PRO A 21 8.49 4.44 -22.68
C PRO A 21 9.15 5.53 -21.85
N GLY A 22 9.27 5.27 -20.55
CA GLY A 22 9.88 6.23 -19.66
C GLY A 22 9.00 6.55 -18.46
N ALA A 23 7.84 5.91 -18.40
CA ALA A 23 6.91 6.14 -17.30
C ALA A 23 5.91 5.00 -17.17
N PRO A 24 6.21 4.11 -16.23
CA PRO A 24 5.45 2.92 -15.93
C PRO A 24 4.70 3.02 -14.61
N ILE A 25 3.72 3.90 -14.59
CA ILE A 25 2.91 4.14 -13.43
C ILE A 25 2.53 2.87 -12.67
N LEU A 26 1.78 3.05 -11.58
CA LEU A 26 1.41 1.96 -10.69
C LEU A 26 0.07 2.10 -10.06
N GLN A 27 -0.09 1.34 -9.00
CA GLN A 27 -1.32 1.32 -8.22
C GLN A 27 -1.37 0.06 -7.35
N CYS A 28 -0.90 0.19 -6.12
CA CYS A 28 -0.88 -0.92 -5.20
C CYS A 28 -2.22 -1.66 -5.21
N MET A 29 -2.28 -2.77 -5.90
CA MET A 29 -3.52 -3.55 -6.00
C MET A 29 -3.39 -4.88 -5.26
N GLY A 30 -4.41 -5.21 -4.49
CA GLY A 30 -4.40 -6.45 -3.73
C GLY A 30 -5.00 -6.29 -2.34
N CYS A 31 -4.58 -7.14 -1.42
CA CYS A 31 -5.07 -7.08 -0.05
C CYS A 31 -3.91 -7.14 0.94
N CYS A 32 -3.91 -6.21 1.89
CA CYS A 32 -2.87 -6.14 2.91
C CYS A 32 -2.16 -7.48 3.09
N PHE A 33 -2.94 -8.55 3.26
CA PHE A 33 -2.37 -9.87 3.44
C PHE A 33 -1.08 -10.03 2.63
N SER A 34 0.00 -10.35 3.32
CA SER A 34 1.30 -10.52 2.67
C SER A 34 2.09 -11.63 3.32
N ARG A 35 1.41 -12.46 4.10
CA ARG A 35 2.04 -13.58 4.79
C ARG A 35 3.16 -13.10 5.70
N ALA A 36 2.89 -12.02 6.43
CA ALA A 36 3.87 -11.45 7.36
C ALA A 36 4.00 -12.31 8.60
N TYR A 37 5.09 -12.12 9.34
CA TYR A 37 5.32 -12.88 10.56
C TYR A 37 6.63 -12.47 11.22
N PRO A 38 7.71 -12.37 10.43
CA PRO A 38 9.03 -11.99 10.92
C PRO A 38 9.12 -10.51 11.28
N THR A 39 9.21 -10.22 12.57
CA THR A 39 9.31 -8.85 13.06
C THR A 39 8.93 -7.83 11.99
N PRO A 40 7.68 -7.89 11.51
CA PRO A 40 7.18 -6.98 10.48
C PRO A 40 6.58 -5.70 11.05
N LEU A 41 6.74 -4.61 10.31
CA LEU A 41 6.20 -3.32 10.73
C LEU A 41 6.47 -3.07 12.22
N ARG A 42 5.77 -2.09 12.78
CA ARG A 42 5.93 -1.75 14.19
C ARG A 42 7.40 -1.68 14.56
N SER A 43 8.09 -0.63 14.11
CA SER A 43 9.50 -0.45 14.40
C SER A 43 9.70 0.19 15.77
N LYS A 44 10.94 0.51 16.10
CA LYS A 44 11.27 1.14 17.37
C LYS A 44 12.23 2.30 17.19
N LYS A 45 12.11 2.98 16.05
CA LYS A 45 12.97 4.12 15.75
C LYS A 45 12.56 4.78 14.44
N THR A 46 12.39 3.96 13.40
CA THR A 46 12.00 4.47 12.09
C THR A 46 10.73 5.32 12.18
N MET A 47 10.92 6.62 12.37
CA MET A 47 9.80 7.55 12.47
C MET A 47 8.70 7.02 13.38
N LEU A 48 8.56 7.62 14.56
CA LEU A 48 7.54 7.20 15.51
C LEU A 48 7.44 5.68 15.56
N VAL A 49 6.26 5.18 15.94
CA VAL A 49 6.03 3.75 16.03
C VAL A 49 4.78 3.35 15.24
N GLN A 50 4.19 2.22 15.60
CA GLN A 50 3.00 1.74 14.92
C GLN A 50 1.78 2.58 15.29
N LYS A 51 1.22 3.27 14.31
CA LYS A 51 0.05 4.11 14.53
C LYS A 51 -1.16 3.27 14.91
N ASN A 52 -1.74 3.57 16.08
CA ASN A 52 -2.92 2.84 16.56
C ASN A 52 -3.93 2.61 15.45
N VAL A 53 -4.05 1.35 15.02
CA VAL A 53 -4.99 1.00 13.96
C VAL A 53 -6.00 -0.05 14.43
N THR A 54 -7.16 0.42 14.87
CA THR A 54 -8.22 -0.47 15.34
C THR A 54 -8.40 -1.66 14.41
N SER A 55 -8.31 -2.86 14.98
CA SER A 55 -8.46 -4.09 14.19
C SER A 55 -9.86 -4.18 13.58
N GLU A 56 -10.04 -3.56 12.43
CA GLU A 56 -11.34 -3.59 11.75
C GLU A 56 -11.18 -3.45 10.24
N SER A 57 -10.24 -2.61 9.82
CA SER A 57 -9.99 -2.40 8.41
C SER A 57 -8.51 -2.11 8.15
N THR A 58 -7.98 -2.68 7.07
CA THR A 58 -6.58 -2.49 6.72
C THR A 58 -6.45 -1.98 5.29
N CYS A 59 -5.22 -1.65 4.89
CA CYS A 59 -4.97 -1.15 3.54
C CYS A 59 -3.55 -0.62 3.39
N CYS A 60 -2.97 -0.83 2.21
CA CYS A 60 -1.60 -0.38 1.93
C CYS A 60 -1.62 0.90 1.11
N VAL A 61 -1.50 2.03 1.81
CA VAL A 61 -1.50 3.34 1.14
C VAL A 61 -0.07 3.76 0.77
N ALA A 62 0.41 3.27 -0.37
CA ALA A 62 1.75 3.59 -0.85
C ALA A 62 2.54 4.41 0.16
N LYS A 63 3.55 3.79 0.75
CA LYS A 63 4.39 4.46 1.72
C LYS A 63 5.00 5.70 1.08
N SER A 64 5.38 5.54 -0.17
CA SER A 64 5.96 6.62 -0.93
C SER A 64 5.47 6.57 -2.37
N TYR A 65 4.57 7.50 -2.70
CA TYR A 65 3.98 7.56 -4.02
C TYR A 65 4.71 8.55 -4.92
N ASN A 66 4.47 8.43 -6.22
CA ASN A 66 5.05 9.34 -7.18
C ASN A 66 3.96 9.82 -8.08
N ARG A 67 2.79 9.86 -7.47
CA ARG A 67 1.55 10.27 -8.11
C ARG A 67 1.78 10.88 -9.49
N VAL A 68 1.02 10.39 -10.44
CA VAL A 68 1.10 10.86 -11.81
C VAL A 68 -0.30 11.05 -12.39
N THR A 69 -1.16 11.62 -11.57
CA THR A 69 -2.55 11.86 -11.93
C THR A 69 -2.74 11.89 -13.44
N VAL A 70 -3.54 10.96 -13.93
CA VAL A 70 -3.84 10.86 -15.36
C VAL A 70 -5.34 10.75 -15.60
N MET A 71 -5.68 10.42 -16.83
CA MET A 71 -7.06 10.29 -17.24
C MET A 71 -7.86 11.52 -16.85
N GLY A 72 -8.98 11.28 -16.20
CA GLY A 72 -9.83 12.36 -15.77
C GLY A 72 -9.47 12.87 -14.39
N GLY A 73 -8.28 12.50 -13.92
CA GLY A 73 -7.84 12.91 -12.60
C GLY A 73 -7.42 11.75 -11.73
N PHE A 74 -7.05 10.63 -12.35
CA PHE A 74 -6.62 9.45 -11.62
C PHE A 74 -5.45 9.79 -10.71
N LYS A 75 -5.10 8.85 -9.83
CA LYS A 75 -3.98 9.06 -8.91
C LYS A 75 -3.34 7.73 -8.53
N VAL A 76 -2.32 7.32 -9.27
CA VAL A 76 -1.61 6.07 -9.00
C VAL A 76 -0.56 6.30 -7.96
N GLU A 77 -0.62 7.47 -7.38
CA GLU A 77 0.36 7.86 -6.39
C GLU A 77 1.62 7.11 -6.73
N ASN A 78 1.87 7.07 -8.04
CA ASN A 78 2.97 6.31 -8.62
C ASN A 78 3.78 5.71 -7.50
N HIS A 79 3.17 4.72 -6.89
CA HIS A 79 3.71 4.03 -5.74
C HIS A 79 5.17 3.66 -5.86
N THR A 80 5.92 4.20 -4.93
CA THR A 80 7.34 3.93 -4.83
C THR A 80 7.57 3.05 -3.61
N ALA A 81 6.56 3.02 -2.74
CA ALA A 81 6.59 2.22 -1.53
C ALA A 81 5.18 1.97 -1.04
N CYS A 82 4.94 0.80 -0.46
CA CYS A 82 3.60 0.46 0.03
C CYS A 82 3.66 -0.03 1.48
N HIS A 83 2.57 0.16 2.22
CA HIS A 83 2.50 -0.26 3.61
C HIS A 83 1.07 -0.42 4.07
N CYS A 84 0.67 -1.66 4.35
CA CYS A 84 -0.68 -1.95 4.81
C CYS A 84 -0.89 -1.42 6.23
N SER A 85 -2.00 -0.71 6.45
CA SER A 85 -2.30 -0.16 7.75
C SER A 85 -3.53 0.74 7.71
N THR A 86 -4.69 0.15 7.45
CA THR A 86 -5.94 0.90 7.41
C THR A 86 -5.94 1.92 6.27
N CYS A 87 -7.12 2.20 5.73
CA CYS A 87 -7.27 3.16 4.65
C CYS A 87 -8.36 4.17 4.95
N TYR A 88 -7.99 5.26 5.62
CA TYR A 88 -8.94 6.31 5.98
C TYR A 88 -10.05 5.74 6.86
N TYR A 89 -9.73 5.47 8.12
CA TYR A 89 -10.70 4.93 9.06
C TYR A 89 -10.04 4.59 10.40
N HIS A 90 -10.12 5.50 11.34
CA HIS A 90 -9.53 5.30 12.67
C HIS A 90 -10.23 6.16 13.71
N LYS A 91 -11.48 6.49 13.45
CA LYS A 91 -12.27 7.30 14.37
C LYS A 91 -13.17 6.43 15.23
N SER A 92 -13.38 5.19 14.79
CA SER A 92 -14.23 4.26 15.52
C SER A 92 -15.69 4.59 15.33
N ALA A 1 14.32 -16.90 2.12
CA ALA A 1 15.27 -17.39 1.09
C ALA A 1 14.79 -17.04 -0.31
N PRO A 2 13.69 -17.68 -0.75
CA PRO A 2 13.13 -17.44 -2.09
C PRO A 2 12.38 -16.11 -2.18
N ASP A 3 11.90 -15.78 -3.37
CA ASP A 3 11.17 -14.55 -3.59
C ASP A 3 9.85 -14.55 -2.83
N VAL A 4 8.97 -13.62 -3.18
CA VAL A 4 7.67 -13.51 -2.53
C VAL A 4 7.06 -12.13 -2.72
N GLN A 5 6.51 -11.89 -3.91
CA GLN A 5 5.90 -10.60 -4.21
C GLN A 5 4.43 -10.59 -3.77
N ASP A 6 4.18 -11.11 -2.58
CA ASP A 6 2.81 -11.16 -2.05
C ASP A 6 2.54 -9.97 -1.13
N CYS A 7 1.78 -9.01 -1.64
CA CYS A 7 1.42 -7.82 -0.87
C CYS A 7 2.63 -7.27 -0.12
N PRO A 8 3.59 -6.68 -0.85
CA PRO A 8 4.78 -6.10 -0.25
C PRO A 8 4.51 -4.72 0.35
N GLU A 9 5.56 -4.01 0.73
CA GLU A 9 5.41 -2.68 1.30
C GLU A 9 4.48 -1.83 0.45
N CYS A 10 3.27 -1.61 0.95
CA CYS A 10 2.27 -0.82 0.24
C CYS A 10 2.94 0.31 -0.56
N THR A 11 2.48 0.52 -1.78
CA THR A 11 3.02 1.56 -2.64
C THR A 11 2.49 1.42 -4.04
N LEU A 12 3.09 2.15 -4.97
CA LEU A 12 2.67 2.11 -6.35
C LEU A 12 3.25 0.92 -7.07
N GLN A 13 2.43 0.24 -7.85
CA GLN A 13 2.88 -0.92 -8.59
C GLN A 13 2.80 -0.66 -10.08
N GLU A 14 3.51 0.36 -10.47
CA GLU A 14 3.58 0.80 -11.86
C GLU A 14 2.71 -0.05 -12.76
N ASN A 15 1.81 0.63 -13.41
CA ASN A 15 0.87 0.00 -14.32
C ASN A 15 1.57 -0.84 -15.37
N PRO A 16 1.58 -2.17 -15.21
CA PRO A 16 2.18 -3.07 -16.18
C PRO A 16 1.27 -3.17 -17.40
N PHE A 17 0.31 -2.23 -17.44
CA PHE A 17 -0.68 -2.15 -18.50
C PHE A 17 -0.39 -0.93 -19.39
N PHE A 18 -0.34 0.23 -18.75
CA PHE A 18 -0.10 1.48 -19.46
C PHE A 18 1.38 1.84 -19.46
N SER A 19 2.18 0.98 -18.85
CA SER A 19 3.62 1.19 -18.76
C SER A 19 4.28 1.14 -20.14
N GLN A 20 4.68 2.29 -20.64
CA GLN A 20 5.34 2.39 -21.94
C GLN A 20 6.76 2.91 -21.76
N PRO A 21 7.60 2.76 -22.80
CA PRO A 21 9.00 3.23 -22.77
C PRO A 21 9.08 4.74 -22.60
N GLY A 22 8.54 5.21 -21.48
CA GLY A 22 8.54 6.64 -21.20
C GLY A 22 7.45 7.03 -20.24
N ALA A 23 6.44 6.17 -20.11
CA ALA A 23 5.33 6.42 -19.23
C ALA A 23 4.82 5.13 -18.60
N PRO A 24 5.24 4.92 -17.37
CA PRO A 24 4.93 3.75 -16.59
C PRO A 24 3.88 3.98 -15.52
N ILE A 25 2.63 4.09 -15.94
CA ILE A 25 1.52 4.30 -15.04
C ILE A 25 1.66 3.53 -13.74
N LEU A 26 0.65 3.66 -12.87
CA LEU A 26 0.73 3.04 -11.56
C LEU A 26 -0.59 2.56 -11.02
N GLN A 27 -0.53 2.33 -9.72
CA GLN A 27 -1.66 1.86 -8.94
C GLN A 27 -1.18 1.34 -7.60
N CYS A 28 -1.28 2.18 -6.58
CA CYS A 28 -0.84 1.83 -5.24
C CYS A 28 -1.31 0.42 -4.87
N MET A 29 -0.39 -0.54 -4.84
CA MET A 29 -0.73 -1.91 -4.51
C MET A 29 0.17 -2.47 -3.42
N GLY A 30 -0.43 -3.17 -2.46
CA GLY A 30 0.33 -3.75 -1.38
C GLY A 30 -0.39 -3.64 -0.06
N CYS A 31 0.36 -3.38 1.00
CA CYS A 31 -0.21 -3.27 2.34
C CYS A 31 0.63 -2.34 3.20
N CYS A 32 -0.04 -1.56 4.06
CA CYS A 32 0.66 -0.64 4.95
C CYS A 32 1.38 -1.39 6.07
N PHE A 33 2.12 -2.44 5.69
CA PHE A 33 2.86 -3.24 6.66
C PHE A 33 1.91 -4.03 7.56
N SER A 34 1.16 -3.31 8.39
CA SER A 34 0.21 -3.94 9.30
C SER A 34 0.94 -4.72 10.39
N ARG A 35 0.38 -4.73 11.59
CA ARG A 35 0.97 -5.43 12.72
C ARG A 35 0.41 -6.84 12.83
N ALA A 36 0.51 -7.43 14.02
CA ALA A 36 0.02 -8.78 14.26
C ALA A 36 0.95 -9.82 13.64
N TYR A 37 1.12 -10.94 14.33
CA TYR A 37 1.99 -12.00 13.84
C TYR A 37 1.64 -13.34 14.50
N PRO A 38 0.48 -13.91 14.14
CA PRO A 38 0.02 -15.20 14.69
C PRO A 38 0.91 -16.37 14.28
N THR A 39 1.95 -16.05 13.55
CA THR A 39 2.90 -17.06 13.08
C THR A 39 4.22 -16.94 13.83
N PRO A 40 4.86 -18.08 14.13
CA PRO A 40 6.14 -18.12 14.84
C PRO A 40 7.09 -17.04 14.35
N LEU A 41 7.21 -15.97 15.14
CA LEU A 41 8.10 -14.86 14.79
C LEU A 41 9.54 -15.20 15.15
N ARG A 42 10.43 -14.23 14.99
CA ARG A 42 11.85 -14.43 15.31
C ARG A 42 12.62 -13.11 15.23
N SER A 43 12.62 -12.50 14.04
CA SER A 43 13.32 -11.24 13.84
C SER A 43 13.28 -10.39 15.10
N LYS A 44 14.36 -9.64 15.34
CA LYS A 44 14.45 -8.78 16.52
C LYS A 44 13.62 -7.52 16.33
N LYS A 45 12.35 -7.70 15.96
CA LYS A 45 11.44 -6.57 15.76
C LYS A 45 12.21 -5.35 15.24
N THR A 46 11.72 -4.15 15.55
CA THR A 46 12.36 -2.92 15.12
C THR A 46 11.68 -1.70 15.71
N MET A 47 11.18 -1.84 16.93
CA MET A 47 10.51 -0.75 17.61
C MET A 47 10.61 -0.91 19.12
N LEU A 48 9.88 -0.06 19.85
CA LEU A 48 9.88 -0.11 21.31
C LEU A 48 8.47 -0.27 21.85
N VAL A 49 8.37 -0.75 23.09
CA VAL A 49 7.08 -0.95 23.74
C VAL A 49 6.08 -1.58 22.78
N GLN A 50 4.84 -1.71 23.24
CA GLN A 50 3.78 -2.30 22.42
C GLN A 50 2.42 -2.11 23.10
N LYS A 51 1.82 -0.95 22.87
CA LYS A 51 0.53 -0.64 23.46
C LYS A 51 -0.24 0.36 22.61
N ASN A 52 -0.35 0.08 21.32
CA ASN A 52 -1.06 0.96 20.40
C ASN A 52 -1.59 0.19 19.19
N VAL A 53 -2.88 0.35 18.93
CA VAL A 53 -3.52 -0.33 17.80
C VAL A 53 -3.21 -1.82 17.80
N THR A 54 -3.92 -2.56 16.95
CA THR A 54 -3.74 -4.00 16.84
C THR A 54 -4.16 -4.49 15.45
N SER A 55 -3.21 -4.56 14.54
CA SER A 55 -3.48 -5.01 13.17
C SER A 55 -4.79 -4.42 12.66
N GLU A 56 -4.73 -3.17 12.21
CA GLU A 56 -5.91 -2.49 11.70
C GLU A 56 -5.62 -1.02 11.39
N SER A 57 -6.59 -0.35 10.79
CA SER A 57 -6.46 1.07 10.45
C SER A 57 -5.51 1.26 9.27
N THR A 58 -5.18 2.52 9.00
CA THR A 58 -4.29 2.85 7.89
C THR A 58 -4.86 2.35 6.57
N CYS A 59 -4.59 3.07 5.49
CA CYS A 59 -5.07 2.70 4.16
C CYS A 59 -4.38 3.53 3.09
N CYS A 60 -3.72 2.85 2.16
CA CYS A 60 -3.03 3.51 1.07
C CYS A 60 -3.99 4.29 0.20
N VAL A 61 -3.69 5.56 -0.01
CA VAL A 61 -4.52 6.43 -0.84
C VAL A 61 -3.68 7.50 -1.51
N ALA A 62 -3.07 7.15 -2.64
CA ALA A 62 -2.21 8.07 -3.38
C ALA A 62 -2.37 9.50 -2.89
N LYS A 63 -1.33 10.00 -2.22
CA LYS A 63 -1.33 11.36 -1.73
C LYS A 63 -1.52 12.29 -2.89
N SER A 64 -0.89 11.94 -3.99
CA SER A 64 -0.96 12.71 -5.21
C SER A 64 -1.02 11.76 -6.41
N TYR A 65 -1.96 12.01 -7.30
CA TYR A 65 -2.14 11.18 -8.47
C TYR A 65 -1.82 11.92 -9.76
N ASN A 66 -1.57 11.16 -10.81
CA ASN A 66 -1.31 11.76 -12.11
C ASN A 66 -2.21 11.06 -13.10
N ARG A 67 -3.29 10.59 -12.54
CA ARG A 67 -4.33 9.88 -13.27
C ARG A 67 -4.13 9.99 -14.76
N VAL A 68 -3.98 8.84 -15.41
CA VAL A 68 -3.80 8.77 -16.85
C VAL A 68 -4.90 7.97 -17.48
N THR A 69 -6.12 8.20 -16.99
CA THR A 69 -7.30 7.49 -17.47
C THR A 69 -7.02 6.77 -18.77
N VAL A 70 -7.13 5.46 -18.75
CA VAL A 70 -6.91 4.64 -19.92
C VAL A 70 -8.07 3.70 -20.18
N MET A 71 -7.83 2.77 -21.07
CA MET A 71 -8.84 1.78 -21.43
C MET A 71 -10.17 2.47 -21.68
N GLY A 72 -11.24 1.87 -21.17
CA GLY A 72 -12.55 2.44 -21.34
C GLY A 72 -12.84 3.56 -20.36
N GLY A 73 -11.79 4.08 -19.73
CA GLY A 73 -11.95 5.15 -18.76
C GLY A 73 -11.32 4.82 -17.43
N PHE A 74 -10.35 3.91 -17.44
CA PHE A 74 -9.66 3.51 -16.21
C PHE A 74 -9.03 4.72 -15.54
N LYS A 75 -8.37 4.52 -14.40
CA LYS A 75 -7.73 5.61 -13.69
C LYS A 75 -6.73 5.10 -12.65
N VAL A 76 -5.44 5.27 -12.96
CA VAL A 76 -4.37 4.86 -12.04
C VAL A 76 -3.93 6.04 -11.23
N GLU A 77 -4.75 7.05 -11.26
CA GLU A 77 -4.42 8.29 -10.56
C GLU A 77 -2.91 8.38 -10.57
N ASN A 78 -2.38 7.95 -11.72
CA ASN A 78 -0.95 7.84 -11.92
C ASN A 78 -0.24 8.32 -10.68
N HIS A 79 -0.44 7.54 -9.64
CA HIS A 79 0.08 7.82 -8.33
C HIS A 79 1.45 8.43 -8.33
N THR A 80 1.50 9.62 -7.78
CA THR A 80 2.75 10.34 -7.64
C THR A 80 3.13 10.38 -6.17
N ALA A 81 2.16 10.02 -5.33
CA ALA A 81 2.36 9.99 -3.89
C ALA A 81 1.32 9.09 -3.24
N CYS A 82 1.72 8.37 -2.20
CA CYS A 82 0.81 7.48 -1.49
C CYS A 82 0.99 7.61 0.02
N HIS A 83 -0.12 7.76 0.75
CA HIS A 83 -0.06 7.90 2.20
C HIS A 83 -1.19 7.14 2.88
N CYS A 84 -0.84 6.17 3.72
CA CYS A 84 -1.82 5.38 4.45
C CYS A 84 -2.63 6.26 5.39
N SER A 85 -3.95 6.18 5.29
CA SER A 85 -4.84 6.98 6.13
C SER A 85 -5.97 6.13 6.70
N THR A 86 -6.40 6.46 7.91
CA THR A 86 -7.48 5.74 8.57
C THR A 86 -8.57 5.36 7.56
N CYS A 87 -9.11 4.15 7.71
CA CYS A 87 -10.15 3.67 6.80
C CYS A 87 -11.53 3.74 7.45
N TYR A 88 -12.50 4.27 6.70
CA TYR A 88 -13.86 4.39 7.19
C TYR A 88 -13.93 5.25 8.45
N TYR A 89 -15.09 5.27 9.08
CA TYR A 89 -15.29 6.05 10.30
C TYR A 89 -16.70 5.82 10.86
N HIS A 90 -16.77 5.56 12.16
CA HIS A 90 -18.05 5.31 12.82
C HIS A 90 -17.94 5.56 14.32
N LYS A 91 -17.97 6.83 14.70
CA LYS A 91 -17.89 7.20 16.11
C LYS A 91 -19.27 7.40 16.71
N SER A 92 -20.22 7.84 15.88
CA SER A 92 -21.60 8.08 16.30
C SER A 92 -21.97 9.55 16.09
N ALA A 1 10.16 -20.77 -4.90
CA ALA A 1 11.53 -20.76 -5.48
C ALA A 1 11.49 -20.56 -6.99
N PRO A 2 10.76 -21.43 -7.71
CA PRO A 2 10.65 -21.34 -9.17
C PRO A 2 9.74 -20.19 -9.61
N ASP A 3 10.36 -19.10 -10.05
CA ASP A 3 9.61 -17.93 -10.51
C ASP A 3 10.48 -16.68 -10.48
N VAL A 4 10.89 -16.27 -9.29
CA VAL A 4 11.72 -15.09 -9.12
C VAL A 4 10.88 -13.84 -8.97
N GLN A 5 11.23 -13.01 -7.98
CA GLN A 5 10.50 -11.77 -7.74
C GLN A 5 9.10 -12.05 -7.19
N ASP A 6 8.74 -11.35 -6.12
CA ASP A 6 7.43 -11.52 -5.49
C ASP A 6 7.00 -10.22 -4.82
N CYS A 7 5.86 -9.70 -5.23
CA CYS A 7 5.33 -8.47 -4.66
C CYS A 7 4.35 -8.75 -3.54
N PRO A 8 4.79 -8.56 -2.28
CA PRO A 8 3.93 -8.80 -1.11
C PRO A 8 2.66 -7.96 -1.15
N GLU A 9 1.53 -8.61 -1.42
CA GLU A 9 0.25 -7.94 -1.49
C GLU A 9 0.08 -6.97 -0.33
N CYS A 10 -0.55 -5.84 -0.62
CA CYS A 10 -0.80 -4.81 0.39
C CYS A 10 -0.58 -5.33 1.79
N THR A 11 0.58 -5.01 2.37
CA THR A 11 0.91 -5.45 3.71
C THR A 11 1.72 -4.37 4.40
N LEU A 12 2.43 -4.75 5.46
CA LEU A 12 3.24 -3.80 6.20
C LEU A 12 4.73 -4.09 6.03
N GLN A 13 5.51 -3.03 5.85
CA GLN A 13 6.94 -3.17 5.67
C GLN A 13 7.67 -2.97 6.97
N GLU A 14 7.18 -3.66 7.97
CA GLU A 14 7.73 -3.59 9.32
C GLU A 14 8.93 -2.68 9.38
N ASN A 15 8.81 -1.69 10.21
CA ASN A 15 9.85 -0.70 10.40
C ASN A 15 11.10 -1.29 11.04
N PRO A 16 12.15 -1.53 10.24
CA PRO A 16 13.41 -2.04 10.73
C PRO A 16 14.19 -0.93 11.41
N PHE A 17 13.51 0.22 11.47
CA PHE A 17 14.06 1.43 12.08
C PHE A 17 13.62 1.53 13.53
N PHE A 18 12.31 1.49 13.74
CA PHE A 18 11.75 1.58 15.08
C PHE A 18 11.65 0.20 15.73
N SER A 19 12.01 -0.83 14.98
CA SER A 19 11.96 -2.19 15.49
C SER A 19 12.89 -2.36 16.69
N GLN A 20 12.29 -2.65 17.82
CA GLN A 20 13.04 -2.85 19.06
C GLN A 20 12.77 -4.23 19.64
N PRO A 21 13.36 -4.52 20.81
CA PRO A 21 13.20 -5.82 21.48
C PRO A 21 11.73 -6.16 21.76
N GLY A 22 11.00 -6.50 20.69
CA GLY A 22 9.60 -6.86 20.85
C GLY A 22 8.64 -5.80 20.34
N ALA A 23 9.07 -5.05 19.32
CA ALA A 23 8.22 -4.02 18.75
C ALA A 23 8.78 -3.51 17.44
N PRO A 24 8.29 -4.12 16.37
CA PRO A 24 8.68 -3.86 15.01
C PRO A 24 7.68 -3.02 14.22
N ILE A 25 7.86 -1.71 14.28
CA ILE A 25 7.01 -0.77 13.59
C ILE A 25 6.74 -1.14 12.14
N LEU A 26 6.06 -0.26 11.40
CA LEU A 26 5.69 -0.57 10.04
C LEU A 26 5.55 0.63 9.13
N GLN A 27 4.91 0.33 8.02
CA GLN A 27 4.64 1.30 6.97
C GLN A 27 4.15 0.58 5.71
N CYS A 28 2.89 0.19 5.75
CA CYS A 28 2.23 -0.53 4.66
C CYS A 28 3.04 -0.50 3.36
N MET A 29 3.42 -1.68 2.88
CA MET A 29 4.17 -1.80 1.63
C MET A 29 3.37 -1.23 0.47
N GLY A 30 2.24 -1.86 0.18
CA GLY A 30 1.39 -1.41 -0.90
C GLY A 30 1.57 -2.22 -2.18
N CYS A 31 0.73 -3.24 -2.36
CA CYS A 31 0.81 -4.07 -3.55
C CYS A 31 -0.52 -4.77 -3.79
N CYS A 32 -1.58 -3.99 -3.95
CA CYS A 32 -2.91 -4.52 -4.19
C CYS A 32 -3.15 -4.75 -5.68
N PHE A 33 -3.27 -6.01 -6.09
CA PHE A 33 -3.48 -6.36 -7.49
C PHE A 33 -4.70 -7.25 -7.65
N SER A 34 -5.38 -7.53 -6.53
CA SER A 34 -6.57 -8.38 -6.56
C SER A 34 -7.84 -7.54 -6.60
N ARG A 35 -8.94 -8.15 -7.01
CA ARG A 35 -10.22 -7.47 -7.09
C ARG A 35 -10.25 -6.53 -8.29
N ALA A 36 -11.07 -5.48 -8.20
CA ALA A 36 -11.20 -4.51 -9.27
C ALA A 36 -11.74 -5.17 -10.54
N TYR A 37 -12.33 -6.34 -10.37
CA TYR A 37 -12.88 -7.08 -11.50
C TYR A 37 -14.28 -6.58 -11.88
N PRO A 38 -15.23 -6.62 -10.94
CA PRO A 38 -16.61 -6.15 -11.19
C PRO A 38 -16.64 -4.68 -11.57
N THR A 39 -17.79 -4.21 -12.07
CA THR A 39 -17.92 -2.83 -12.48
C THR A 39 -16.67 -2.37 -13.20
N PRO A 40 -16.30 -3.07 -14.28
CA PRO A 40 -15.11 -2.77 -15.07
C PRO A 40 -15.13 -1.36 -15.64
N LEU A 41 -14.02 -0.64 -15.45
CA LEU A 41 -13.89 0.71 -15.96
C LEU A 41 -12.71 0.79 -16.92
N ARG A 42 -11.92 -0.27 -16.95
CA ARG A 42 -10.75 -0.34 -17.83
C ARG A 42 -11.05 0.33 -19.16
N SER A 43 -9.99 0.67 -19.89
CA SER A 43 -10.14 1.31 -21.19
C SER A 43 -10.89 2.64 -21.06
N LYS A 44 -11.68 2.96 -22.06
CA LYS A 44 -12.46 4.21 -22.05
C LYS A 44 -11.55 5.41 -21.83
N LYS A 45 -11.34 5.76 -20.57
CA LYS A 45 -10.48 6.90 -20.24
C LYS A 45 -9.07 6.69 -20.77
N THR A 46 -8.80 7.28 -21.93
CA THR A 46 -7.50 7.17 -22.56
C THR A 46 -7.36 8.18 -23.69
N MET A 47 -7.74 7.76 -24.90
CA MET A 47 -7.68 8.62 -26.06
C MET A 47 -6.30 8.56 -26.73
N LEU A 48 -5.32 9.20 -26.12
CA LEU A 48 -3.97 9.23 -26.67
C LEU A 48 -2.93 8.91 -25.60
N VAL A 49 -1.66 9.14 -25.95
CA VAL A 49 -0.57 8.88 -25.03
C VAL A 49 -0.40 10.04 -24.04
N GLN A 50 0.71 10.03 -23.31
CA GLN A 50 1.00 11.07 -22.32
C GLN A 50 0.54 10.64 -20.93
N LYS A 51 0.98 9.46 -20.52
CA LYS A 51 0.63 8.91 -19.21
C LYS A 51 1.32 7.56 -18.99
N ASN A 52 2.63 7.55 -19.16
CA ASN A 52 3.41 6.32 -18.99
C ASN A 52 3.98 6.22 -17.58
N VAL A 53 3.30 5.45 -16.73
CA VAL A 53 3.75 5.27 -15.35
C VAL A 53 3.59 3.83 -14.89
N THR A 54 3.17 2.97 -15.80
CA THR A 54 2.98 1.56 -15.51
C THR A 54 2.37 1.37 -14.12
N SER A 55 2.35 0.12 -13.67
CA SER A 55 1.79 -0.22 -12.36
C SER A 55 0.64 0.72 -11.97
N GLU A 56 -0.59 0.25 -12.17
CA GLU A 56 -1.77 1.04 -11.84
C GLU A 56 -2.74 0.25 -10.97
N SER A 57 -2.66 0.45 -9.67
CA SER A 57 -3.52 -0.25 -8.73
C SER A 57 -4.15 0.72 -7.72
N THR A 58 -4.41 0.23 -6.52
CA THR A 58 -5.02 1.05 -5.47
C THR A 58 -4.02 1.35 -4.36
N CYS A 59 -4.54 1.84 -3.23
CA CYS A 59 -3.69 2.18 -2.08
C CYS A 59 -4.31 1.65 -0.80
N CYS A 60 -3.47 1.09 0.07
CA CYS A 60 -3.93 0.56 1.34
C CYS A 60 -3.41 1.39 2.52
N VAL A 61 -4.19 2.38 2.92
CA VAL A 61 -3.82 3.25 4.03
C VAL A 61 -4.19 2.60 5.36
N ALA A 62 -3.37 1.65 5.80
CA ALA A 62 -3.61 0.93 7.06
C ALA A 62 -5.04 1.11 7.57
N LYS A 63 -5.81 0.02 7.54
CA LYS A 63 -7.18 0.06 8.03
C LYS A 63 -7.17 0.62 9.43
N SER A 64 -6.13 0.25 10.14
CA SER A 64 -5.91 0.69 11.50
C SER A 64 -4.45 1.07 11.67
N TYR A 65 -4.07 1.53 12.84
CA TYR A 65 -2.69 1.91 13.06
C TYR A 65 -2.33 1.90 14.54
N ASN A 66 -1.04 1.74 14.80
CA ASN A 66 -0.56 1.76 16.17
C ASN A 66 0.52 2.81 16.26
N ARG A 67 0.35 3.77 15.39
CA ARG A 67 1.25 4.92 15.26
C ARG A 67 2.17 5.03 16.45
N VAL A 68 3.42 4.66 16.24
CA VAL A 68 4.43 4.71 17.29
C VAL A 68 5.38 5.87 17.04
N THR A 69 4.81 7.00 16.66
CA THR A 69 5.59 8.19 16.38
C THR A 69 7.01 8.03 16.90
N VAL A 70 7.97 8.10 15.98
CA VAL A 70 9.37 7.93 16.34
C VAL A 70 10.22 9.04 15.77
N MET A 71 11.52 8.88 15.91
CA MET A 71 12.48 9.85 15.42
C MET A 71 12.10 11.26 15.82
N GLY A 72 12.14 12.16 14.86
CA GLY A 72 11.80 13.53 15.13
C GLY A 72 10.31 13.79 15.02
N GLY A 73 9.51 12.77 15.34
CA GLY A 73 8.07 12.90 15.27
C GLY A 73 7.48 12.10 14.12
N PHE A 74 8.21 11.08 13.67
CA PHE A 74 7.74 10.24 12.58
C PHE A 74 6.42 9.58 12.92
N LYS A 75 5.88 8.81 12.00
CA LYS A 75 4.61 8.13 12.22
C LYS A 75 4.43 6.95 11.27
N VAL A 76 4.33 5.76 11.85
CA VAL A 76 4.14 4.53 11.08
C VAL A 76 2.76 3.99 11.31
N GLU A 77 1.95 4.83 11.91
CA GLU A 77 0.60 4.43 12.27
C GLU A 77 0.67 2.94 12.53
N ASN A 78 1.80 2.57 13.16
CA ASN A 78 2.12 1.18 13.41
C ASN A 78 1.00 0.31 12.90
N HIS A 79 0.92 0.25 11.59
CA HIS A 79 -0.13 -0.46 10.90
C HIS A 79 -0.45 -1.80 11.51
N THR A 80 -1.70 -1.90 11.88
CA THR A 80 -2.24 -3.12 12.44
C THR A 80 -3.16 -3.76 11.42
N ALA A 81 -3.60 -2.94 10.46
CA ALA A 81 -4.47 -3.40 9.40
C ALA A 81 -4.30 -2.53 8.16
N CYS A 82 -4.39 -3.13 6.98
CA CYS A 82 -4.24 -2.39 5.74
C CYS A 82 -5.29 -2.81 4.71
N HIS A 83 -5.96 -1.83 4.12
CA HIS A 83 -7.00 -2.11 3.12
C HIS A 83 -6.78 -1.29 1.85
N CYS A 84 -6.45 -1.97 0.76
CA CYS A 84 -6.21 -1.32 -0.52
C CYS A 84 -7.51 -0.77 -1.10
N SER A 85 -7.41 0.26 -1.92
CA SER A 85 -8.58 0.87 -2.54
C SER A 85 -9.34 1.74 -1.54
N THR A 86 -8.67 2.76 -1.01
CA THR A 86 -9.29 3.66 -0.05
C THR A 86 -8.91 5.10 -0.33
N CYS A 87 -8.27 5.32 -1.47
CA CYS A 87 -7.85 6.66 -1.88
C CYS A 87 -9.02 7.46 -2.44
N TYR A 88 -9.67 8.24 -1.59
CA TYR A 88 -10.81 9.04 -2.00
C TYR A 88 -11.99 8.15 -2.37
N TYR A 89 -13.19 8.68 -2.26
CA TYR A 89 -14.40 7.92 -2.58
C TYR A 89 -14.55 7.77 -4.09
N HIS A 90 -14.46 6.52 -4.56
CA HIS A 90 -14.59 6.22 -5.98
C HIS A 90 -15.89 5.48 -6.27
N LYS A 91 -16.53 4.98 -5.22
CA LYS A 91 -17.78 4.26 -5.35
C LYS A 91 -18.95 5.20 -5.62
N SER A 92 -18.69 6.49 -5.52
CA SER A 92 -19.73 7.50 -5.74
C SER A 92 -19.31 8.47 -6.85
N ALA A 1 1.87 -19.32 6.40
CA ALA A 1 0.67 -18.45 6.33
C ALA A 1 -0.03 -18.59 4.98
N PRO A 2 -1.34 -18.34 4.95
CA PRO A 2 -2.14 -18.45 3.72
C PRO A 2 -1.95 -17.26 2.80
N ASP A 3 -0.90 -17.31 1.98
CA ASP A 3 -0.61 -16.23 1.04
C ASP A 3 0.31 -16.72 -0.08
N VAL A 4 1.32 -17.49 0.28
CA VAL A 4 2.26 -18.02 -0.69
C VAL A 4 2.82 -16.92 -1.60
N GLN A 5 3.88 -17.25 -2.33
CA GLN A 5 4.51 -16.29 -3.23
C GLN A 5 5.13 -15.13 -2.46
N ASP A 6 5.96 -14.36 -3.14
CA ASP A 6 6.63 -13.22 -2.51
C ASP A 6 5.82 -11.95 -2.73
N CYS A 7 4.59 -12.11 -3.20
CA CYS A 7 3.70 -10.98 -3.45
C CYS A 7 2.44 -11.09 -2.59
N PRO A 8 2.60 -10.98 -1.26
CA PRO A 8 1.47 -11.07 -0.32
C PRO A 8 0.58 -9.84 -0.35
N GLU A 9 -0.59 -9.97 0.25
CA GLU A 9 -1.55 -8.87 0.30
C GLU A 9 -0.88 -7.60 0.80
N CYS A 10 -1.01 -6.53 0.02
CA CYS A 10 -0.42 -5.26 0.38
C CYS A 10 -0.97 -4.75 1.71
N THR A 11 -0.07 -4.57 2.67
CA THR A 11 -0.44 -4.08 3.99
C THR A 11 0.79 -3.84 4.82
N LEU A 12 0.58 -3.61 6.11
CA LEU A 12 1.69 -3.35 7.01
C LEU A 12 2.47 -4.59 7.34
N GLN A 13 3.79 -4.45 7.33
CA GLN A 13 4.65 -5.56 7.66
C GLN A 13 5.53 -5.19 8.83
N GLU A 14 4.87 -4.90 9.93
CA GLU A 14 5.51 -4.49 11.17
C GLU A 14 7.02 -4.51 11.04
N ASN A 15 7.60 -3.38 11.34
CA ASN A 15 9.03 -3.21 11.26
C ASN A 15 9.78 -4.17 12.16
N PRO A 16 10.34 -5.24 11.58
CA PRO A 16 11.12 -6.22 12.33
C PRO A 16 12.49 -5.64 12.63
N PHE A 17 12.59 -4.34 12.39
CA PHE A 17 13.81 -3.58 12.59
C PHE A 17 13.70 -2.69 13.82
N PHE A 18 12.70 -1.82 13.79
CA PHE A 18 12.46 -0.88 14.89
C PHE A 18 11.66 -1.54 16.01
N SER A 19 11.32 -2.80 15.83
CA SER A 19 10.57 -3.54 16.83
C SER A 19 11.29 -3.50 18.17
N GLN A 20 10.72 -2.75 19.10
CA GLN A 20 11.28 -2.60 20.44
C GLN A 20 10.45 -3.37 21.46
N PRO A 21 10.80 -3.24 22.75
CA PRO A 21 10.09 -3.91 23.85
C PRO A 21 8.75 -3.24 24.14
N GLY A 22 7.89 -3.20 23.12
CA GLY A 22 6.58 -2.59 23.28
C GLY A 22 6.18 -1.77 22.09
N ALA A 23 7.04 -1.71 21.08
CA ALA A 23 6.75 -0.95 19.87
C ALA A 23 7.33 -1.62 18.65
N PRO A 24 6.45 -2.25 17.88
CA PRO A 24 6.78 -2.98 16.68
C PRO A 24 6.39 -2.25 15.42
N ILE A 25 7.20 -1.25 15.06
CA ILE A 25 6.99 -0.44 13.89
C ILE A 25 6.41 -1.19 12.70
N LEU A 26 6.27 -0.50 11.58
CA LEU A 26 5.66 -1.07 10.40
C LEU A 26 6.15 -0.49 9.09
N GLN A 27 5.33 -0.73 8.10
CA GLN A 27 5.56 -0.28 6.74
C GLN A 27 4.74 -1.10 5.77
N CYS A 28 3.69 -0.50 5.25
CA CYS A 28 2.79 -1.17 4.31
C CYS A 28 3.59 -1.85 3.20
N MET A 29 3.76 -3.17 3.31
CA MET A 29 4.51 -3.92 2.30
C MET A 29 3.68 -5.07 1.76
N GLY A 30 3.77 -5.29 0.45
CA GLY A 30 3.02 -6.36 -0.18
C GLY A 30 2.60 -6.03 -1.59
N CYS A 31 1.36 -6.36 -1.94
CA CYS A 31 0.85 -6.09 -3.28
C CYS A 31 -0.55 -6.68 -3.46
N CYS A 32 -1.57 -5.84 -3.30
CA CYS A 32 -2.95 -6.26 -3.44
C CYS A 32 -3.09 -7.25 -4.60
N PHE A 33 -3.54 -8.46 -4.28
CA PHE A 33 -3.72 -9.50 -5.29
C PHE A 33 -4.44 -8.95 -6.52
N SER A 34 -4.63 -9.81 -7.52
CA SER A 34 -5.30 -9.41 -8.75
C SER A 34 -4.56 -8.26 -9.44
N ARG A 35 -3.73 -8.59 -10.42
CA ARG A 35 -2.97 -7.57 -11.15
C ARG A 35 -2.05 -8.21 -12.19
N ALA A 36 -2.47 -9.34 -12.75
CA ALA A 36 -1.69 -10.04 -13.76
C ALA A 36 -1.72 -9.30 -15.10
N TYR A 37 -1.47 -10.04 -16.17
CA TYR A 37 -1.47 -9.48 -17.52
C TYR A 37 -2.33 -8.22 -17.59
N PRO A 38 -1.70 -7.05 -17.37
CA PRO A 38 -2.39 -5.76 -17.41
C PRO A 38 -3.20 -5.55 -18.68
N THR A 39 -3.57 -4.30 -18.94
CA THR A 39 -4.34 -3.96 -20.13
C THR A 39 -3.48 -3.22 -21.15
N PRO A 40 -3.84 -3.32 -22.44
CA PRO A 40 -3.09 -2.66 -23.51
C PRO A 40 -2.81 -1.18 -23.23
N LEU A 41 -3.80 -0.34 -23.51
CA LEU A 41 -3.64 1.09 -23.29
C LEU A 41 -2.49 1.63 -24.13
N ARG A 42 -2.68 1.64 -25.44
CA ARG A 42 -1.67 2.11 -26.38
C ARG A 42 -0.97 3.37 -25.87
N SER A 43 0.33 3.47 -26.18
CA SER A 43 1.13 4.61 -25.77
C SER A 43 1.14 4.77 -24.25
N LYS A 44 2.28 5.22 -23.72
CA LYS A 44 2.41 5.43 -22.29
C LYS A 44 1.77 6.75 -21.88
N LYS A 45 0.98 6.72 -20.81
CA LYS A 45 0.30 7.92 -20.34
C LYS A 45 0.35 8.00 -18.81
N THR A 46 1.51 8.41 -18.29
CA THR A 46 1.68 8.54 -16.85
C THR A 46 0.82 7.53 -16.10
N MET A 47 0.34 7.91 -14.92
CA MET A 47 -0.49 7.01 -14.12
C MET A 47 -1.97 7.32 -14.33
N LEU A 48 -2.82 6.59 -13.64
CA LEU A 48 -4.27 6.79 -13.75
C LEU A 48 -4.79 6.29 -15.10
N VAL A 49 -5.72 7.03 -15.68
CA VAL A 49 -6.31 6.65 -16.97
C VAL A 49 -7.21 5.43 -16.82
N GLN A 50 -8.47 5.59 -17.22
CA GLN A 50 -9.44 4.50 -17.14
C GLN A 50 -10.85 5.00 -17.45
N LYS A 51 -11.64 4.17 -18.12
CA LYS A 51 -13.01 4.53 -18.47
C LYS A 51 -14.00 4.00 -17.45
N ASN A 52 -13.47 3.48 -16.34
CA ASN A 52 -14.29 2.94 -15.27
C ASN A 52 -14.03 3.69 -13.97
N VAL A 53 -14.46 4.95 -13.93
CA VAL A 53 -14.26 5.79 -12.75
C VAL A 53 -12.90 6.49 -12.82
N THR A 54 -12.90 7.79 -12.57
CA THR A 54 -11.67 8.56 -12.61
C THR A 54 -10.49 7.74 -12.10
N SER A 55 -10.77 6.84 -11.16
CA SER A 55 -9.74 5.98 -10.59
C SER A 55 -9.24 4.97 -11.62
N GLU A 56 -8.87 3.78 -11.16
CA GLU A 56 -8.38 2.73 -12.05
C GLU A 56 -8.47 1.37 -11.37
N SER A 57 -7.72 1.19 -10.30
CA SER A 57 -7.72 -0.08 -9.56
C SER A 57 -7.38 0.14 -8.08
N THR A 58 -7.17 -0.97 -7.38
CA THR A 58 -6.83 -0.91 -5.95
C THR A 58 -5.63 -0.01 -5.70
N CYS A 59 -5.36 0.28 -4.42
CA CYS A 59 -4.23 1.12 -4.05
C CYS A 59 -4.14 1.29 -2.54
N CYS A 60 -2.94 1.09 -2.01
CA CYS A 60 -2.70 1.21 -0.58
C CYS A 60 -2.24 2.62 -0.20
N VAL A 61 -1.87 2.78 1.06
CA VAL A 61 -1.41 4.07 1.61
C VAL A 61 -1.89 4.22 3.04
N ALA A 62 -1.14 3.63 3.98
CA ALA A 62 -1.50 3.68 5.39
C ALA A 62 -2.61 4.68 5.67
N LYS A 63 -3.78 4.14 6.03
CA LYS A 63 -4.94 4.95 6.35
C LYS A 63 -4.59 5.94 7.45
N SER A 64 -3.69 5.49 8.31
CA SER A 64 -3.22 6.29 9.42
C SER A 64 -1.83 5.84 9.84
N TYR A 65 -0.87 6.75 9.79
CA TYR A 65 0.51 6.44 10.16
C TYR A 65 0.83 6.92 11.55
N ASN A 66 1.90 6.37 12.11
CA ASN A 66 2.35 6.77 13.42
C ASN A 66 3.85 6.94 13.35
N ARG A 67 4.24 7.25 12.14
CA ARG A 67 5.62 7.47 11.76
C ARG A 67 6.54 7.49 12.97
N VAL A 68 7.53 6.62 12.92
CA VAL A 68 8.51 6.50 13.99
C VAL A 68 9.92 6.60 13.43
N THR A 69 10.14 7.59 12.58
CA THR A 69 11.44 7.81 11.97
C THR A 69 12.53 7.15 12.79
N VAL A 70 13.22 6.21 12.18
CA VAL A 70 14.29 5.48 12.84
C VAL A 70 15.58 5.55 12.06
N MET A 71 16.45 4.62 12.40
CA MET A 71 17.75 4.51 11.78
C MET A 71 17.83 5.22 10.44
N GLY A 72 18.82 6.10 10.32
CA GLY A 72 19.00 6.84 9.09
C GLY A 72 17.81 7.70 8.74
N GLY A 73 17.08 8.15 9.76
CA GLY A 73 15.92 8.98 9.52
C GLY A 73 14.84 8.25 8.75
N PHE A 74 14.82 6.93 8.89
CA PHE A 74 13.83 6.10 8.20
C PHE A 74 12.44 6.65 8.45
N LYS A 75 11.44 5.98 7.90
CA LYS A 75 10.06 6.40 8.08
C LYS A 75 9.09 5.26 7.81
N VAL A 76 8.44 4.78 8.85
CA VAL A 76 7.47 3.69 8.74
C VAL A 76 6.09 4.22 8.93
N GLU A 77 5.99 5.52 8.91
CA GLU A 77 4.72 6.17 9.13
C GLU A 77 3.93 5.24 10.01
N ASN A 78 4.67 4.65 10.96
CA ASN A 78 4.15 3.64 11.85
C ASN A 78 2.69 3.42 11.54
N HIS A 79 2.49 2.81 10.38
CA HIS A 79 1.18 2.55 9.86
C HIS A 79 0.22 1.96 10.87
N THR A 80 -0.75 2.75 11.21
CA THR A 80 -1.78 2.34 12.14
C THR A 80 -2.90 1.69 11.36
N ALA A 81 -2.89 1.94 10.05
CA ALA A 81 -3.88 1.37 9.15
C ALA A 81 -3.50 1.61 7.70
N CYS A 82 -3.98 0.74 6.81
CA CYS A 82 -3.70 0.85 5.37
C CYS A 82 -4.98 0.64 4.57
N HIS A 83 -5.12 1.35 3.45
CA HIS A 83 -6.31 1.22 2.62
C HIS A 83 -5.97 0.86 1.18
N CYS A 84 -6.37 -0.35 0.78
CA CYS A 84 -6.14 -0.83 -0.59
C CYS A 84 -7.39 -0.59 -1.43
N SER A 85 -7.40 0.54 -2.16
CA SER A 85 -8.53 0.92 -3.01
C SER A 85 -8.98 2.33 -2.67
N THR A 86 -10.17 2.70 -3.15
CA THR A 86 -10.73 4.03 -2.90
C THR A 86 -9.62 5.05 -2.69
N CYS A 87 -8.87 5.33 -3.74
CA CYS A 87 -7.78 6.29 -3.67
C CYS A 87 -8.32 7.71 -3.54
N TYR A 88 -8.43 8.19 -2.31
CA TYR A 88 -8.94 9.54 -2.06
C TYR A 88 -10.16 9.80 -2.93
N TYR A 89 -11.28 9.15 -2.59
CA TYR A 89 -12.52 9.32 -3.34
C TYR A 89 -13.53 10.15 -2.55
N HIS A 90 -13.82 11.34 -3.05
CA HIS A 90 -14.78 12.23 -2.39
C HIS A 90 -16.10 11.52 -2.13
N LYS A 91 -17.06 12.26 -1.58
CA LYS A 91 -18.38 11.71 -1.29
C LYS A 91 -19.38 12.09 -2.38
N SER A 92 -20.33 11.20 -2.65
CA SER A 92 -21.33 11.45 -3.68
C SER A 92 -22.55 12.16 -3.08
N ALA A 1 5.65 -20.93 -13.57
CA ALA A 1 6.19 -21.35 -12.25
C ALA A 1 5.08 -21.48 -11.22
N PRO A 2 4.26 -22.54 -11.34
CA PRO A 2 3.15 -22.79 -10.41
C PRO A 2 3.56 -22.62 -8.95
N ASP A 3 2.88 -21.71 -8.25
CA ASP A 3 3.19 -21.45 -6.84
C ASP A 3 2.00 -20.82 -6.14
N VAL A 4 2.26 -20.24 -4.97
CA VAL A 4 1.21 -19.59 -4.18
C VAL A 4 0.69 -18.34 -4.88
N GLN A 5 -0.54 -18.42 -5.39
CA GLN A 5 -1.15 -17.29 -6.07
C GLN A 5 -2.18 -16.62 -5.17
N ASP A 6 -1.78 -16.30 -3.94
CA ASP A 6 -2.67 -15.66 -2.98
C ASP A 6 -2.11 -14.32 -2.51
N CYS A 7 -3.00 -13.38 -2.21
CA CYS A 7 -2.61 -12.06 -1.75
C CYS A 7 -1.37 -11.57 -2.48
N PRO A 8 -1.54 -10.98 -3.69
CA PRO A 8 -0.43 -10.47 -4.49
C PRO A 8 0.23 -9.25 -3.83
N GLU A 9 1.53 -9.34 -3.60
CA GLU A 9 2.27 -8.26 -2.99
C GLU A 9 1.70 -6.91 -3.39
N CYS A 10 1.60 -6.00 -2.42
CA CYS A 10 1.06 -4.67 -2.67
C CYS A 10 1.92 -3.90 -3.66
N THR A 11 1.28 -3.39 -4.71
CA THR A 11 1.98 -2.62 -5.74
C THR A 11 0.98 -1.94 -6.64
N LEU A 12 1.46 -1.40 -7.75
CA LEU A 12 0.61 -0.72 -8.69
C LEU A 12 0.09 -1.68 -9.74
N GLN A 13 -1.19 -1.57 -10.06
CA GLN A 13 -1.78 -2.42 -11.06
C GLN A 13 -2.16 -1.63 -12.29
N GLU A 14 -1.16 -0.97 -12.82
CA GLU A 14 -1.29 -0.13 -14.01
C GLU A 14 -2.70 -0.09 -14.52
N ASN A 15 -3.22 1.10 -14.62
CA ASN A 15 -4.58 1.33 -15.06
C ASN A 15 -4.78 0.96 -16.53
N PRO A 16 -5.40 -0.21 -16.78
CA PRO A 16 -5.70 -0.63 -18.14
C PRO A 16 -6.96 0.07 -18.60
N PHE A 17 -7.42 0.96 -17.73
CA PHE A 17 -8.60 1.77 -17.95
C PHE A 17 -8.21 3.12 -18.53
N PHE A 18 -7.31 3.81 -17.82
CA PHE A 18 -6.84 5.12 -18.25
C PHE A 18 -5.72 4.97 -19.27
N SER A 19 -5.10 3.78 -19.28
CA SER A 19 -4.01 3.49 -20.19
C SER A 19 -4.24 4.13 -21.55
N GLN A 20 -3.37 5.05 -21.88
CA GLN A 20 -3.43 5.76 -23.15
C GLN A 20 -2.09 5.64 -23.88
N PRO A 21 -2.11 5.69 -25.22
CA PRO A 21 -0.89 5.59 -26.04
C PRO A 21 0.24 6.44 -25.49
N GLY A 22 0.86 5.97 -24.40
CA GLY A 22 1.95 6.71 -23.80
C GLY A 22 1.70 7.04 -22.34
N ALA A 23 0.69 6.40 -21.76
CA ALA A 23 0.37 6.64 -20.36
C ALA A 23 -0.49 5.54 -19.77
N PRO A 24 0.17 4.67 -19.01
CA PRO A 24 -0.41 3.53 -18.37
C PRO A 24 -0.66 3.76 -16.88
N ILE A 25 -1.72 4.49 -16.59
CA ILE A 25 -2.11 4.83 -15.24
C ILE A 25 -1.96 3.67 -14.28
N LEU A 26 -2.37 3.88 -13.03
CA LEU A 26 -2.21 2.86 -12.01
C LEU A 26 -3.23 2.87 -10.92
N GLN A 27 -2.87 2.17 -9.88
CA GLN A 27 -3.68 2.02 -8.69
C GLN A 27 -3.13 0.90 -7.80
N CYS A 28 -2.30 1.28 -6.86
CA CYS A 28 -1.67 0.34 -5.95
C CYS A 28 -2.66 -0.75 -5.53
N MET A 29 -2.50 -1.95 -6.08
CA MET A 29 -3.38 -3.06 -5.76
C MET A 29 -2.59 -4.25 -5.22
N GLY A 30 -3.21 -5.03 -4.34
CA GLY A 30 -2.55 -6.19 -3.77
C GLY A 30 -2.81 -6.33 -2.28
N CYS A 31 -1.73 -6.35 -1.50
CA CYS A 31 -1.84 -6.50 -0.06
C CYS A 31 -0.49 -6.83 0.56
N CYS A 32 -0.13 -6.11 1.62
CA CYS A 32 1.15 -6.32 2.28
C CYS A 32 1.16 -7.65 3.05
N PHE A 33 2.34 -8.00 3.58
CA PHE A 33 2.50 -9.23 4.35
C PHE A 33 3.68 -9.10 5.31
N SER A 34 3.72 -9.98 6.30
CA SER A 34 4.81 -9.97 7.27
C SER A 34 4.67 -11.12 8.26
N ARG A 35 5.71 -11.35 9.05
CA ARG A 35 5.70 -12.42 10.04
C ARG A 35 4.79 -12.07 11.22
N ALA A 36 3.89 -12.98 11.55
CA ALA A 36 2.95 -12.77 12.65
C ALA A 36 3.32 -13.59 13.87
N TYR A 37 2.95 -13.10 15.04
CA TYR A 37 3.23 -13.79 16.30
C TYR A 37 2.68 -13.01 17.48
N PRO A 38 1.59 -13.51 18.10
CA PRO A 38 0.97 -12.87 19.25
C PRO A 38 1.99 -12.29 20.23
N THR A 39 1.67 -11.13 20.79
CA THR A 39 2.56 -10.47 21.75
C THR A 39 4.01 -10.61 21.33
N PRO A 40 4.42 -9.85 20.30
CA PRO A 40 5.80 -9.88 19.78
C PRO A 40 6.83 -9.76 20.89
N LEU A 41 7.93 -10.49 20.74
CA LEU A 41 9.01 -10.47 21.72
C LEU A 41 10.37 -10.27 21.05
N ARG A 42 10.49 -9.18 20.29
CA ARG A 42 11.74 -8.88 19.60
C ARG A 42 12.84 -8.56 20.60
N SER A 43 13.96 -8.02 20.11
CA SER A 43 15.09 -7.66 20.95
C SER A 43 14.67 -7.52 22.42
N LYS A 44 15.28 -8.35 23.28
CA LYS A 44 14.98 -8.33 24.70
C LYS A 44 14.90 -6.90 25.23
N LYS A 45 16.02 -6.38 25.69
CA LYS A 45 16.07 -5.02 26.23
C LYS A 45 14.83 -4.70 27.05
N THR A 46 14.60 -3.41 27.27
CA THR A 46 13.43 -2.95 28.03
C THR A 46 13.00 -1.57 27.55
N MET A 47 13.39 -1.24 26.33
CA MET A 47 13.05 0.06 25.74
C MET A 47 11.54 0.24 25.65
N LEU A 48 11.12 1.39 25.11
CA LEU A 48 9.70 1.68 24.97
C LEU A 48 9.45 2.64 23.81
N VAL A 49 8.32 2.48 23.14
CA VAL A 49 7.97 3.33 22.02
C VAL A 49 6.50 3.72 22.06
N GLN A 50 6.24 5.02 21.96
CA GLN A 50 4.87 5.53 21.99
C GLN A 50 4.32 5.68 20.58
N LYS A 51 3.08 5.22 20.38
CA LYS A 51 2.44 5.30 19.07
C LYS A 51 0.96 5.60 19.23
N ASN A 52 0.56 6.01 20.43
CA ASN A 52 -0.83 6.32 20.71
C ASN A 52 -1.77 5.38 19.99
N VAL A 53 -3.04 5.77 19.89
CA VAL A 53 -4.04 4.95 19.23
C VAL A 53 -4.36 5.46 17.83
N THR A 54 -4.06 4.64 16.82
CA THR A 54 -4.32 5.01 15.44
C THR A 54 -3.59 4.09 14.46
N SER A 55 -2.62 3.33 14.96
CA SER A 55 -1.85 2.42 14.12
C SER A 55 -1.80 1.02 14.69
N GLU A 56 -2.67 0.14 14.20
CA GLU A 56 -2.71 -1.24 14.66
C GLU A 56 -2.51 -2.20 13.50
N SER A 57 -2.82 -1.73 12.29
CA SER A 57 -2.66 -2.54 11.08
C SER A 57 -1.94 -1.75 10.00
N THR A 58 -1.12 -2.44 9.22
CA THR A 58 -0.36 -1.80 8.15
C THR A 58 -1.21 -1.61 6.89
N CYS A 59 -0.70 -0.81 5.96
CA CYS A 59 -1.40 -0.54 4.72
C CYS A 59 -0.56 0.37 3.82
N CYS A 60 -0.67 0.17 2.51
CA CYS A 60 0.08 0.97 1.55
C CYS A 60 -0.75 2.12 1.01
N VAL A 61 -0.08 3.22 0.66
CA VAL A 61 -0.72 4.40 0.12
C VAL A 61 0.26 5.18 -0.75
N ALA A 62 0.40 4.75 -2.00
CA ALA A 62 1.33 5.39 -2.95
C ALA A 62 2.18 6.46 -2.29
N LYS A 63 3.47 6.16 -2.14
CA LYS A 63 4.42 7.11 -1.57
C LYS A 63 4.40 8.37 -2.40
N SER A 64 4.27 8.17 -3.70
CA SER A 64 4.22 9.26 -4.64
C SER A 64 3.22 8.92 -5.74
N TYR A 65 2.43 9.90 -6.13
CA TYR A 65 1.42 9.69 -7.13
C TYR A 65 1.58 10.63 -8.29
N ASN A 66 1.03 10.25 -9.43
CA ASN A 66 1.08 11.10 -10.60
C ASN A 66 -0.33 11.29 -11.08
N ARG A 67 -1.21 11.23 -10.10
CA ARG A 67 -2.64 11.37 -10.29
C ARG A 67 -2.96 11.89 -11.67
N VAL A 68 -3.75 11.11 -12.39
CA VAL A 68 -4.15 11.45 -13.74
C VAL A 68 -5.67 11.47 -13.83
N THR A 69 -6.30 12.12 -12.88
CA THR A 69 -7.75 12.20 -12.85
C THR A 69 -8.33 12.05 -14.25
N VAL A 70 -9.11 11.01 -14.43
CA VAL A 70 -9.73 10.72 -15.72
C VAL A 70 -11.22 10.52 -15.58
N MET A 71 -11.81 10.09 -16.66
CA MET A 71 -13.23 9.83 -16.72
C MET A 71 -14.04 10.91 -16.04
N GLY A 72 -14.93 10.49 -15.16
CA GLY A 72 -15.78 11.41 -14.46
C GLY A 72 -15.09 12.11 -13.31
N GLY A 73 -13.77 11.99 -13.24
CA GLY A 73 -13.02 12.62 -12.17
C GLY A 73 -12.28 11.62 -11.31
N PHE A 74 -11.99 10.46 -11.87
CA PHE A 74 -11.29 9.41 -11.14
C PHE A 74 -9.95 9.93 -10.65
N LYS A 75 -9.19 9.06 -9.98
CA LYS A 75 -7.88 9.44 -9.46
C LYS A 75 -7.02 8.22 -9.15
N VAL A 76 -6.02 8.00 -9.99
CA VAL A 76 -5.09 6.87 -9.82
C VAL A 76 -3.81 7.34 -9.22
N GLU A 77 -3.86 8.54 -8.69
CA GLU A 77 -2.66 9.15 -8.11
C GLU A 77 -1.50 8.53 -8.83
N ASN A 78 -1.72 8.36 -10.14
CA ASN A 78 -0.78 7.68 -11.01
C ASN A 78 0.43 7.28 -10.20
N HIS A 79 0.20 6.30 -9.35
CA HIS A 79 1.20 5.81 -8.43
C HIS A 79 2.57 5.66 -9.04
N THR A 80 3.48 6.34 -8.40
CA THR A 80 4.88 6.30 -8.80
C THR A 80 5.66 5.56 -7.72
N ALA A 81 5.05 5.47 -6.54
CA ALA A 81 5.67 4.77 -5.42
C ALA A 81 4.63 4.41 -4.38
N CYS A 82 4.84 3.28 -3.70
CA CYS A 82 3.91 2.83 -2.66
C CYS A 82 4.67 2.51 -1.38
N HIS A 83 4.01 2.67 -0.24
CA HIS A 83 4.64 2.40 1.05
C HIS A 83 3.61 1.91 2.07
N CYS A 84 3.82 0.71 2.58
CA CYS A 84 2.93 0.13 3.57
C CYS A 84 3.22 0.69 4.96
N SER A 85 2.17 1.12 5.64
CA SER A 85 2.31 1.69 6.98
C SER A 85 0.96 2.08 7.56
N THR A 86 0.93 3.16 8.34
CA THR A 86 -0.31 3.63 8.95
C THR A 86 -1.40 3.80 7.91
N CYS A 87 -2.51 3.08 8.08
CA CYS A 87 -3.63 3.18 7.16
C CYS A 87 -4.59 2.00 7.35
N TYR A 88 -5.48 2.13 8.32
CA TYR A 88 -6.46 1.08 8.62
C TYR A 88 -7.73 1.26 7.79
N TYR A 89 -7.58 1.59 6.51
CA TYR A 89 -8.72 1.78 5.63
C TYR A 89 -8.32 1.57 4.17
N HIS A 90 -9.32 1.49 3.29
CA HIS A 90 -9.10 1.29 1.88
C HIS A 90 -10.34 0.76 1.18
N LYS A 91 -10.24 0.53 -0.12
CA LYS A 91 -11.36 0.02 -0.91
C LYS A 91 -11.86 -1.31 -0.34
N SER A 92 -11.04 -1.93 0.50
CA SER A 92 -11.39 -3.20 1.12
C SER A 92 -11.09 -4.36 0.17
N ALA A 1 -17.58 -9.45 0.25
CA ALA A 1 -16.16 -9.50 0.66
C ALA A 1 -15.99 -10.28 1.96
N PRO A 2 -16.56 -11.48 2.03
CA PRO A 2 -16.48 -12.33 3.22
C PRO A 2 -15.17 -13.11 3.27
N ASP A 3 -15.14 -14.15 4.10
CA ASP A 3 -13.95 -14.98 4.24
C ASP A 3 -12.68 -14.14 4.11
N VAL A 4 -12.14 -13.73 5.26
CA VAL A 4 -10.92 -12.91 5.28
C VAL A 4 -9.71 -13.76 5.66
N GLN A 5 -8.62 -13.09 6.03
CA GLN A 5 -7.39 -13.78 6.42
C GLN A 5 -6.45 -13.93 5.23
N ASP A 6 -5.68 -12.89 4.95
CA ASP A 6 -4.73 -12.91 3.84
C ASP A 6 -4.08 -11.54 3.66
N CYS A 7 -3.41 -11.34 2.53
CA CYS A 7 -2.76 -10.07 2.23
C CYS A 7 -2.00 -10.14 0.91
N PRO A 8 -2.46 -9.40 -0.10
CA PRO A 8 -1.83 -9.38 -1.43
C PRO A 8 -0.58 -8.50 -1.50
N GLU A 9 0.04 -8.27 -0.35
CA GLU A 9 1.26 -7.47 -0.29
C GLU A 9 1.07 -6.09 -0.92
N CYS A 10 2.10 -5.26 -0.79
CA CYS A 10 2.08 -3.91 -1.33
C CYS A 10 2.82 -3.84 -2.67
N THR A 11 2.24 -3.11 -3.62
CA THR A 11 2.84 -2.95 -4.94
C THR A 11 1.89 -2.21 -5.86
N LEU A 12 2.11 -2.31 -7.17
CA LEU A 12 1.26 -1.64 -8.15
C LEU A 12 0.35 -2.61 -8.85
N GLN A 13 -0.91 -2.23 -8.96
CA GLN A 13 -1.89 -3.07 -9.60
C GLN A 13 -2.17 -2.61 -11.01
N GLU A 14 -1.08 -2.41 -11.72
CA GLU A 14 -1.13 -1.97 -13.11
C GLU A 14 -2.55 -1.81 -13.59
N ASN A 15 -2.88 -0.61 -13.91
CA ASN A 15 -4.19 -0.25 -14.38
C ASN A 15 -4.56 -1.00 -15.64
N PRO A 16 -5.47 -1.98 -15.52
CA PRO A 16 -5.95 -2.77 -16.66
C PRO A 16 -7.00 -2.03 -17.44
N PHE A 17 -6.95 -0.71 -17.34
CA PHE A 17 -7.90 0.17 -18.01
C PHE A 17 -7.16 1.07 -18.99
N PHE A 18 -6.32 1.91 -18.41
CA PHE A 18 -5.54 2.87 -19.18
C PHE A 18 -4.55 2.15 -20.08
N SER A 19 -4.23 0.91 -19.71
CA SER A 19 -3.28 0.11 -20.48
C SER A 19 -3.42 0.44 -21.96
N GLN A 20 -2.46 1.20 -22.46
CA GLN A 20 -2.45 1.60 -23.86
C GLN A 20 -1.35 0.88 -24.62
N PRO A 21 -1.28 1.09 -25.94
CA PRO A 21 -0.26 0.46 -26.78
C PRO A 21 1.13 0.94 -26.40
N GLY A 22 1.50 0.69 -25.15
CA GLY A 22 2.80 1.11 -24.66
C GLY A 22 2.72 1.85 -23.33
N ALA A 23 1.67 1.60 -22.57
CA ALA A 23 1.50 2.26 -21.28
C ALA A 23 0.44 1.59 -20.43
N PRO A 24 0.91 0.81 -19.46
CA PRO A 24 0.09 0.05 -18.54
C PRO A 24 0.04 0.67 -17.15
N ILE A 25 -0.86 1.62 -17.00
CA ILE A 25 -1.07 2.35 -15.76
C ILE A 25 -1.08 1.48 -14.51
N LEU A 26 -1.36 2.11 -13.37
CA LEU A 26 -1.31 1.43 -12.08
C LEU A 26 -2.20 2.02 -11.02
N GLN A 27 -1.84 1.67 -9.80
CA GLN A 27 -2.55 2.14 -8.61
C GLN A 27 -2.10 1.38 -7.37
N CYS A 28 -0.81 1.49 -7.06
CA CYS A 28 -0.20 0.82 -5.89
C CYS A 28 -1.25 0.24 -4.96
N MET A 29 -1.33 -1.09 -4.91
CA MET A 29 -2.27 -1.79 -4.04
C MET A 29 -2.03 -1.41 -2.59
N GLY A 30 -1.00 -2.00 -1.98
CA GLY A 30 -0.68 -1.68 -0.60
C GLY A 30 -1.20 -2.70 0.41
N CYS A 31 -0.27 -3.48 0.97
CA CYS A 31 -0.61 -4.49 1.97
C CYS A 31 0.60 -4.77 2.84
N CYS A 32 1.23 -3.70 3.31
CA CYS A 32 2.42 -3.78 4.14
C CYS A 32 2.45 -5.10 4.91
N PHE A 33 3.60 -5.77 4.86
CA PHE A 33 3.77 -7.04 5.54
C PHE A 33 4.42 -6.84 6.91
N SER A 34 4.42 -5.61 7.39
CA SER A 34 5.01 -5.29 8.68
C SER A 34 6.52 -5.49 8.66
N ARG A 35 7.25 -4.43 8.34
CA ARG A 35 8.71 -4.49 8.28
C ARG A 35 9.26 -5.51 9.26
N ALA A 36 9.40 -6.75 8.81
CA ALA A 36 9.92 -7.81 9.66
C ALA A 36 8.95 -8.10 10.81
N TYR A 37 8.53 -9.36 10.93
CA TYR A 37 7.61 -9.77 11.98
C TYR A 37 8.21 -9.52 13.35
N PRO A 38 7.68 -8.51 14.08
CA PRO A 38 8.17 -8.16 15.41
C PRO A 38 7.66 -9.13 16.48
N THR A 39 8.17 -8.98 17.70
CA THR A 39 7.77 -9.84 18.81
C THR A 39 8.66 -9.60 20.02
N PRO A 40 8.18 -9.97 21.21
CA PRO A 40 8.92 -9.80 22.46
C PRO A 40 10.04 -10.83 22.62
N LEU A 41 10.75 -11.11 21.53
CA LEU A 41 11.84 -12.08 21.56
C LEU A 41 13.05 -11.52 22.30
N ARG A 42 14.07 -12.35 22.46
CA ARG A 42 15.29 -11.95 23.16
C ARG A 42 15.64 -10.50 22.84
N SER A 43 15.61 -10.16 21.55
CA SER A 43 15.93 -8.81 21.11
C SER A 43 17.10 -8.24 21.92
N LYS A 44 16.95 -6.99 22.37
CA LYS A 44 18.00 -6.34 23.15
C LYS A 44 17.59 -4.94 23.59
N LYS A 45 16.49 -4.86 24.35
CA LYS A 45 15.99 -3.57 24.84
C LYS A 45 15.82 -3.59 26.35
N THR A 46 14.75 -2.97 26.84
CA THR A 46 14.49 -2.91 28.28
C THR A 46 13.05 -3.33 28.60
N MET A 47 12.11 -2.89 27.78
CA MET A 47 10.71 -3.22 27.99
C MET A 47 10.10 -2.39 29.11
N LEU A 48 8.81 -2.09 28.99
CA LEU A 48 8.13 -1.30 29.99
C LEU A 48 6.74 -0.87 29.50
N VAL A 49 5.73 -1.07 30.34
CA VAL A 49 4.36 -0.70 30.00
C VAL A 49 4.09 -0.91 28.51
N GLN A 50 3.09 -0.21 27.99
CA GLN A 50 2.72 -0.32 26.59
C GLN A 50 1.90 0.89 26.14
N LYS A 51 2.47 1.66 25.22
CA LYS A 51 1.81 2.86 24.71
C LYS A 51 0.40 2.55 24.20
N ASN A 52 -0.48 3.55 24.28
CA ASN A 52 -1.86 3.39 23.84
C ASN A 52 -1.92 2.89 22.40
N VAL A 53 -2.95 2.11 22.09
CA VAL A 53 -3.12 1.55 20.76
C VAL A 53 -2.20 0.35 20.56
N THR A 54 -2.48 -0.44 19.53
CA THR A 54 -1.67 -1.62 19.24
C THR A 54 -1.65 -1.93 17.74
N SER A 55 -2.80 -2.30 17.19
CA SER A 55 -2.91 -2.63 15.78
C SER A 55 -2.54 -1.44 14.89
N GLU A 56 -2.03 -1.74 13.70
CA GLU A 56 -1.64 -0.70 12.76
C GLU A 56 -2.07 -1.08 11.34
N SER A 57 -2.19 -0.07 10.47
CA SER A 57 -2.57 -0.30 9.09
C SER A 57 -1.45 0.06 8.13
N THR A 58 -1.45 1.30 7.67
CA THR A 58 -0.42 1.77 6.75
C THR A 58 -0.58 1.13 5.38
N CYS A 59 -0.06 1.79 4.35
CA CYS A 59 -0.13 1.29 3.00
C CYS A 59 0.74 2.12 2.07
N CYS A 60 1.64 1.45 1.35
CA CYS A 60 2.55 2.13 0.44
C CYS A 60 1.85 3.19 -0.40
N VAL A 61 2.29 4.43 -0.25
CA VAL A 61 1.72 5.55 -1.01
C VAL A 61 2.70 5.96 -2.10
N ALA A 62 2.52 5.39 -3.30
CA ALA A 62 3.41 5.66 -4.42
C ALA A 62 4.47 6.70 -4.07
N LYS A 63 5.72 6.26 -4.01
CA LYS A 63 6.83 7.15 -3.72
C LYS A 63 7.01 8.12 -4.87
N SER A 64 6.66 7.65 -6.05
CA SER A 64 6.77 8.45 -7.26
C SER A 64 5.70 8.04 -8.26
N TYR A 65 4.75 8.93 -8.48
CA TYR A 65 3.66 8.66 -9.40
C TYR A 65 3.95 9.18 -10.79
N ASN A 66 3.21 8.67 -11.76
CA ASN A 66 3.34 9.12 -13.13
C ASN A 66 1.95 9.36 -13.67
N ARG A 67 1.11 9.70 -12.71
CA ARG A 67 -0.29 10.00 -12.94
C ARG A 67 -0.62 10.10 -14.42
N VAL A 68 -1.68 9.42 -14.79
CA VAL A 68 -2.15 9.41 -16.17
C VAL A 68 -3.66 9.51 -16.22
N THR A 69 -4.19 10.42 -15.41
CA THR A 69 -5.63 10.63 -15.33
C THR A 69 -6.37 9.97 -16.48
N VAL A 70 -7.21 9.01 -16.15
CA VAL A 70 -7.98 8.30 -17.16
C VAL A 70 -9.46 8.56 -17.00
N MET A 71 -10.24 7.78 -17.74
CA MET A 71 -11.69 7.89 -17.71
C MET A 71 -12.12 9.33 -17.45
N GLY A 72 -13.16 9.50 -16.65
CA GLY A 72 -13.64 10.82 -16.34
C GLY A 72 -12.65 11.62 -15.50
N GLY A 73 -11.52 10.99 -15.19
CA GLY A 73 -10.50 11.65 -14.39
C GLY A 73 -9.86 10.71 -13.39
N PHE A 74 -9.62 9.48 -13.81
CA PHE A 74 -9.01 8.48 -12.95
C PHE A 74 -7.52 8.72 -12.78
N LYS A 75 -7.11 9.01 -11.56
CA LYS A 75 -5.71 9.28 -11.26
C LYS A 75 -5.01 8.07 -10.63
N VAL A 76 -4.09 7.48 -11.39
CA VAL A 76 -3.32 6.33 -10.92
C VAL A 76 -1.96 6.76 -10.52
N GLU A 77 -1.81 8.06 -10.46
CA GLU A 77 -0.51 8.63 -10.15
C GLU A 77 0.51 7.65 -10.67
N ASN A 78 0.17 7.12 -11.84
CA ASN A 78 0.94 6.08 -12.49
C ASN A 78 2.13 5.74 -11.62
N HIS A 79 1.80 5.13 -10.51
CA HIS A 79 2.76 4.77 -9.49
C HIS A 79 4.02 4.15 -10.06
N THR A 80 5.09 4.88 -9.91
CA THR A 80 6.39 4.42 -10.35
C THR A 80 7.11 3.79 -9.17
N ALA A 81 6.65 4.18 -7.98
CA ALA A 81 7.20 3.66 -6.74
C ALA A 81 6.11 3.57 -5.68
N CYS A 82 6.51 3.29 -4.45
CA CYS A 82 5.57 3.19 -3.34
C CYS A 82 6.32 2.96 -2.03
N HIS A 83 5.85 3.59 -0.96
CA HIS A 83 6.49 3.44 0.34
C HIS A 83 5.45 3.31 1.45
N CYS A 84 5.43 2.16 2.11
CA CYS A 84 4.49 1.92 3.20
C CYS A 84 4.25 3.19 3.99
N SER A 85 2.98 3.59 4.12
CA SER A 85 2.62 4.79 4.86
C SER A 85 1.14 5.11 4.69
N THR A 86 0.50 5.53 5.78
CA THR A 86 -0.91 5.88 5.75
C THR A 86 -1.33 6.38 4.38
N CYS A 87 -2.37 5.75 3.81
CA CYS A 87 -2.86 6.13 2.50
C CYS A 87 -4.32 5.75 2.33
N TYR A 88 -5.11 6.68 1.80
CA TYR A 88 -6.53 6.45 1.56
C TYR A 88 -7.10 7.53 0.63
N TYR A 89 -7.92 7.12 -0.32
CA TYR A 89 -8.51 8.05 -1.28
C TYR A 89 -9.99 8.26 -1.01
N HIS A 90 -10.56 9.29 -1.63
CA HIS A 90 -11.97 9.60 -1.46
C HIS A 90 -12.81 8.95 -2.55
N LYS A 91 -14.01 8.49 -2.19
CA LYS A 91 -14.91 7.84 -3.13
C LYS A 91 -15.03 8.66 -4.42
N SER A 92 -15.04 9.98 -4.28
CA SER A 92 -15.16 10.87 -5.42
C SER A 92 -13.80 11.10 -6.08
N ALA A 1 -9.91 -12.52 -20.42
CA ALA A 1 -10.75 -13.09 -19.33
C ALA A 1 -10.43 -12.43 -18.00
N PRO A 2 -11.47 -12.07 -17.23
CA PRO A 2 -11.32 -11.42 -15.93
C PRO A 2 -10.61 -12.31 -14.92
N ASP A 3 -11.32 -13.31 -14.40
CA ASP A 3 -10.76 -14.23 -13.42
C ASP A 3 -10.25 -13.46 -12.20
N VAL A 4 -9.17 -13.95 -11.60
CA VAL A 4 -8.59 -13.30 -10.43
C VAL A 4 -7.09 -13.13 -10.58
N GLN A 5 -6.47 -12.50 -9.59
CA GLN A 5 -5.03 -12.27 -9.59
C GLN A 5 -4.41 -12.60 -8.25
N ASP A 6 -3.18 -13.10 -8.26
CA ASP A 6 -2.48 -13.45 -7.03
C ASP A 6 -1.60 -12.31 -6.53
N CYS A 7 -1.46 -12.20 -5.22
CA CYS A 7 -0.66 -11.14 -4.61
C CYS A 7 -0.76 -11.19 -3.09
N PRO A 8 0.36 -10.97 -2.39
CA PRO A 8 0.40 -10.98 -0.94
C PRO A 8 -0.69 -10.11 -0.32
N GLU A 9 -0.65 -9.95 1.00
CA GLU A 9 -1.65 -9.14 1.69
C GLU A 9 -1.04 -7.84 2.21
N CYS A 10 -1.89 -6.93 2.65
CA CYS A 10 -1.43 -5.64 3.16
C CYS A 10 -1.25 -5.70 4.67
N THR A 11 -0.08 -5.26 5.15
CA THR A 11 0.19 -5.27 6.57
C THR A 11 1.49 -4.55 6.87
N LEU A 12 1.93 -4.65 8.10
CA LEU A 12 3.17 -4.00 8.52
C LEU A 12 4.34 -4.94 8.38
N GLN A 13 5.43 -4.41 7.86
CA GLN A 13 6.62 -5.20 7.69
C GLN A 13 7.69 -4.79 8.66
N GLU A 14 7.31 -4.85 9.90
CA GLU A 14 8.17 -4.50 11.03
C GLU A 14 9.53 -4.03 10.55
N ASN A 15 9.83 -2.81 10.92
CA ASN A 15 11.08 -2.18 10.56
C ASN A 15 12.27 -3.08 10.83
N PRO A 16 12.81 -3.71 9.77
CA PRO A 16 13.99 -4.56 9.90
C PRO A 16 15.23 -3.70 10.11
N PHE A 17 14.99 -2.46 10.48
CA PHE A 17 16.03 -1.49 10.73
C PHE A 17 16.00 -1.01 12.16
N PHE A 18 14.85 -0.45 12.54
CA PHE A 18 14.66 0.05 13.89
C PHE A 18 14.34 -1.09 14.84
N SER A 19 14.22 -2.29 14.28
CA SER A 19 13.93 -3.46 15.09
C SER A 19 15.03 -3.69 16.11
N GLN A 20 14.75 -3.33 17.36
CA GLN A 20 15.72 -3.50 18.44
C GLN A 20 15.16 -4.41 19.53
N PRO A 21 16.01 -4.81 20.48
CA PRO A 21 15.58 -5.68 21.59
C PRO A 21 14.56 -5.00 22.48
N GLY A 22 13.43 -4.61 21.88
CA GLY A 22 12.38 -3.95 22.63
C GLY A 22 11.50 -3.09 21.76
N ALA A 23 11.96 -2.79 20.55
CA ALA A 23 11.20 -1.95 19.64
C ALA A 23 11.37 -2.39 18.19
N PRO A 24 10.33 -3.03 17.66
CA PRO A 24 10.29 -3.55 16.32
C PRO A 24 9.42 -2.74 15.38
N ILE A 25 9.89 -1.53 15.08
CA ILE A 25 9.21 -0.63 14.20
C ILE A 25 8.55 -1.32 13.02
N LEU A 26 7.93 -0.53 12.13
CA LEU A 26 7.19 -1.07 11.01
C LEU A 26 7.19 -0.19 9.79
N GLN A 27 6.24 -0.51 8.94
CA GLN A 27 6.03 0.23 7.70
C GLN A 27 5.17 -0.58 6.74
N CYS A 28 3.85 -0.51 6.94
CA CYS A 28 2.88 -1.24 6.11
C CYS A 28 3.47 -1.54 4.74
N MET A 29 3.65 -2.82 4.44
CA MET A 29 4.20 -3.22 3.15
C MET A 29 3.50 -4.46 2.60
N GLY A 30 2.49 -4.23 1.76
CA GLY A 30 1.75 -5.33 1.17
C GLY A 30 0.95 -4.89 -0.04
N CYS A 31 -0.12 -5.61 -0.33
CA CYS A 31 -0.97 -5.28 -1.48
C CYS A 31 -2.42 -5.67 -1.22
N CYS A 32 -3.34 -4.91 -1.82
CA CYS A 32 -4.76 -5.17 -1.67
C CYS A 32 -5.29 -5.99 -2.85
N PHE A 33 -4.44 -6.88 -3.37
CA PHE A 33 -4.81 -7.73 -4.48
C PHE A 33 -5.23 -6.90 -5.70
N SER A 34 -4.26 -6.21 -6.30
CA SER A 34 -4.53 -5.38 -7.47
C SER A 34 -3.43 -4.32 -7.62
N ARG A 35 -2.67 -4.41 -8.71
CA ARG A 35 -1.60 -3.46 -8.97
C ARG A 35 -0.67 -3.94 -10.07
N ALA A 36 -0.19 -3.01 -10.88
CA ALA A 36 0.72 -3.33 -11.98
C ALA A 36 0.00 -4.01 -13.13
N TYR A 37 0.76 -4.59 -14.04
CA TYR A 37 0.21 -5.29 -15.20
C TYR A 37 -0.28 -4.30 -16.26
N PRO A 38 0.42 -4.23 -17.39
CA PRO A 38 0.09 -3.31 -18.49
C PRO A 38 -0.86 -3.93 -19.50
N THR A 39 -1.18 -5.17 -19.27
CA THR A 39 -2.07 -5.92 -20.15
C THR A 39 -3.53 -5.97 -19.65
N PRO A 40 -3.88 -5.21 -18.60
CA PRO A 40 -5.25 -5.20 -18.08
C PRO A 40 -6.22 -4.42 -18.96
N LEU A 41 -5.67 -3.65 -19.90
CA LEU A 41 -6.51 -2.85 -20.80
C LEU A 41 -5.76 -2.51 -22.08
N ARG A 42 -6.44 -1.79 -22.98
CA ARG A 42 -5.85 -1.38 -24.25
C ARG A 42 -6.62 -0.22 -24.84
N SER A 43 -7.16 0.65 -23.98
CA SER A 43 -7.92 1.80 -24.41
C SER A 43 -9.41 1.46 -24.52
N LYS A 44 -10.13 1.57 -23.41
CA LYS A 44 -11.55 1.28 -23.39
C LYS A 44 -12.34 2.44 -22.80
N LYS A 45 -11.74 3.14 -21.84
CA LYS A 45 -12.38 4.28 -21.19
C LYS A 45 -11.46 5.50 -21.20
N THR A 46 -11.00 5.91 -20.01
CA THR A 46 -10.11 7.06 -19.90
C THR A 46 -8.66 6.61 -19.94
N MET A 47 -7.75 7.51 -19.55
CA MET A 47 -6.33 7.20 -19.55
C MET A 47 -5.71 7.46 -20.92
N LEU A 48 -4.64 8.26 -20.95
CA LEU A 48 -3.96 8.58 -22.20
C LEU A 48 -2.48 8.21 -22.14
N VAL A 49 -2.21 6.92 -21.99
CA VAL A 49 -0.84 6.43 -21.92
C VAL A 49 0.04 7.33 -21.05
N GLN A 50 1.34 7.07 -21.06
CA GLN A 50 2.28 7.86 -20.28
C GLN A 50 2.34 7.37 -18.83
N LYS A 51 3.52 7.45 -18.23
CA LYS A 51 3.72 7.01 -16.85
C LYS A 51 2.87 5.78 -16.54
N ASN A 52 2.53 5.60 -15.28
CA ASN A 52 1.72 4.45 -14.85
C ASN A 52 0.35 4.48 -15.51
N VAL A 53 -0.40 3.40 -15.37
CA VAL A 53 -1.74 3.30 -15.96
C VAL A 53 -2.68 2.54 -15.03
N THR A 54 -3.90 2.30 -15.52
CA THR A 54 -4.91 1.57 -14.75
C THR A 54 -4.73 1.80 -13.24
N SER A 55 -5.34 2.86 -12.74
CA SER A 55 -5.25 3.19 -11.33
C SER A 55 -5.49 1.95 -10.46
N GLU A 56 -5.26 2.09 -9.16
CA GLU A 56 -5.44 0.98 -8.22
C GLU A 56 -6.70 1.18 -7.39
N SER A 57 -7.30 0.08 -6.96
CA SER A 57 -8.51 0.13 -6.14
C SER A 57 -8.18 -0.17 -4.68
N THR A 58 -8.87 0.52 -3.77
CA THR A 58 -8.64 0.32 -2.35
C THR A 58 -7.17 0.56 -2.00
N CYS A 59 -6.93 1.20 -0.85
CA CYS A 59 -5.58 1.49 -0.42
C CYS A 59 -5.47 1.44 1.11
N CYS A 60 -4.28 1.12 1.58
CA CYS A 60 -4.02 1.04 3.01
C CYS A 60 -3.58 2.39 3.56
N VAL A 61 -3.27 2.41 4.85
CA VAL A 61 -2.83 3.61 5.53
C VAL A 61 -2.90 3.44 7.03
N ALA A 62 -1.89 2.77 7.60
CA ALA A 62 -1.83 2.51 9.03
C ALA A 62 -3.00 3.16 9.77
N LYS A 63 -3.94 2.33 10.21
CA LYS A 63 -5.09 2.79 10.96
C LYS A 63 -4.64 3.66 12.10
N SER A 64 -3.56 3.20 12.71
CA SER A 64 -2.97 3.89 13.84
C SER A 64 -1.46 3.73 13.79
N TYR A 65 -0.76 4.85 13.73
CA TYR A 65 0.69 4.84 13.67
C TYR A 65 1.29 5.19 15.00
N ASN A 66 2.55 4.82 15.16
CA ASN A 66 3.27 5.14 16.38
C ASN A 66 4.61 5.71 15.99
N ARG A 67 4.57 6.30 14.81
CA ARG A 67 5.71 6.94 14.18
C ARG A 67 6.91 6.98 15.11
N VAL A 68 8.00 6.43 14.63
CA VAL A 68 9.24 6.38 15.41
C VAL A 68 10.40 6.91 14.58
N THR A 69 10.22 8.08 13.98
CA THR A 69 11.25 8.68 13.15
C THR A 69 12.64 8.28 13.63
N VAL A 70 13.37 7.59 12.76
CA VAL A 70 14.71 7.13 13.08
C VAL A 70 15.70 7.53 12.00
N MET A 71 16.89 6.95 12.09
CA MET A 71 17.94 7.21 11.13
C MET A 71 18.21 8.69 11.02
N GLY A 72 18.22 9.18 9.79
CA GLY A 72 18.46 10.57 9.56
C GLY A 72 17.17 11.35 9.44
N GLY A 73 16.09 10.77 9.97
CA GLY A 73 14.80 11.41 9.93
C GLY A 73 13.79 10.59 9.16
N PHE A 74 13.72 9.29 9.46
CA PHE A 74 12.79 8.39 8.80
C PHE A 74 11.42 8.47 9.46
N LYS A 75 10.50 7.64 8.98
CA LYS A 75 9.15 7.61 9.52
C LYS A 75 8.43 6.31 9.20
N VAL A 76 8.12 5.54 10.24
CA VAL A 76 7.41 4.26 10.07
C VAL A 76 6.05 4.37 10.67
N GLU A 77 5.66 5.60 10.94
CA GLU A 77 4.38 5.85 11.57
C GLU A 77 4.07 4.62 12.39
N ASN A 78 5.14 4.11 13.01
CA ASN A 78 5.11 2.88 13.76
C ASN A 78 3.71 2.33 13.76
N HIS A 79 3.34 1.83 12.59
CA HIS A 79 2.03 1.31 12.36
C HIS A 79 1.54 0.37 13.44
N THR A 80 0.55 0.83 14.15
CA THR A 80 -0.07 0.04 15.19
C THR A 80 -1.24 -0.72 14.60
N ALA A 81 -1.65 -0.26 13.43
CA ALA A 81 -2.77 -0.87 12.70
C ALA A 81 -2.82 -0.35 11.27
N CYS A 82 -3.25 -1.19 10.35
CA CYS A 82 -3.34 -0.80 8.94
C CYS A 82 -4.70 -1.19 8.37
N HIS A 83 -5.26 -0.32 7.53
CA HIS A 83 -6.57 -0.59 6.93
C HIS A 83 -6.61 -0.21 5.45
N CYS A 84 -7.00 -1.16 4.62
CA CYS A 84 -7.14 -0.93 3.18
C CYS A 84 -8.52 -0.40 2.86
N SER A 85 -8.67 0.19 1.67
CA SER A 85 -9.95 0.74 1.24
C SER A 85 -10.10 2.18 1.72
N THR A 86 -11.22 2.79 1.34
CA THR A 86 -11.50 4.18 1.73
C THR A 86 -10.44 5.12 1.17
N CYS A 87 -10.50 5.35 -0.14
CA CYS A 87 -9.56 6.23 -0.80
C CYS A 87 -9.64 6.06 -2.32
N TYR A 88 -10.86 6.11 -2.84
CA TYR A 88 -11.10 5.96 -4.28
C TYR A 88 -11.43 7.31 -4.91
N TYR A 89 -11.97 7.27 -6.12
CA TYR A 89 -12.33 8.49 -6.84
C TYR A 89 -13.73 8.38 -7.44
N HIS A 90 -14.25 9.50 -7.91
CA HIS A 90 -15.58 9.53 -8.52
C HIS A 90 -15.56 10.36 -9.80
N LYS A 91 -16.75 10.69 -10.30
CA LYS A 91 -16.87 11.48 -11.52
C LYS A 91 -18.33 11.83 -11.80
N SER A 92 -18.55 13.05 -12.29
CA SER A 92 -19.91 13.51 -12.60
C SER A 92 -19.89 14.50 -13.76
N ALA A 1 -8.09 -14.97 -12.44
CA ALA A 1 -6.79 -14.95 -13.16
C ALA A 1 -5.68 -15.54 -12.30
N PRO A 2 -5.56 -16.88 -12.29
CA PRO A 2 -4.54 -17.59 -11.52
C PRO A 2 -3.17 -16.94 -11.66
N ASP A 3 -2.49 -16.76 -10.53
CA ASP A 3 -1.16 -16.15 -10.52
C ASP A 3 -0.39 -16.52 -9.26
N VAL A 4 0.93 -16.33 -9.30
CA VAL A 4 1.78 -16.65 -8.16
C VAL A 4 2.17 -15.38 -7.41
N GLN A 5 1.18 -14.62 -6.97
CA GLN A 5 1.43 -13.38 -6.25
C GLN A 5 2.75 -13.43 -5.49
N ASP A 6 3.49 -12.33 -5.56
CA ASP A 6 4.79 -12.25 -4.88
C ASP A 6 5.26 -10.81 -4.79
N CYS A 7 4.34 -9.92 -4.37
CA CYS A 7 4.65 -8.50 -4.22
C CYS A 7 3.37 -7.68 -4.28
N PRO A 8 2.57 -7.85 -5.35
CA PRO A 8 1.32 -7.14 -5.54
C PRO A 8 0.65 -6.74 -4.24
N GLU A 9 0.13 -5.52 -4.21
CA GLU A 9 -0.54 -4.99 -3.03
C GLU A 9 0.45 -4.61 -1.95
N CYS A 10 0.18 -3.48 -1.29
CA CYS A 10 1.03 -2.99 -0.23
C CYS A 10 0.76 -3.76 1.06
N THR A 11 1.81 -4.30 1.65
CA THR A 11 1.70 -5.05 2.89
C THR A 11 2.57 -4.41 3.95
N LEU A 12 3.05 -5.20 4.91
CA LEU A 12 3.90 -4.67 5.97
C LEU A 12 5.26 -5.34 5.97
N GLN A 13 6.29 -4.52 6.12
CA GLN A 13 7.65 -5.03 6.14
C GLN A 13 8.13 -5.22 7.54
N GLU A 14 7.26 -5.81 8.32
CA GLU A 14 7.52 -6.08 9.73
C GLU A 14 8.89 -5.61 10.14
N ASN A 15 8.89 -4.71 11.10
CA ASN A 15 10.10 -4.11 11.61
C ASN A 15 11.04 -5.14 12.23
N PRO A 16 12.14 -5.46 11.53
CA PRO A 16 13.13 -6.40 12.04
C PRO A 16 14.02 -5.72 13.07
N PHE A 17 13.61 -4.51 13.43
CA PHE A 17 14.32 -3.68 14.40
C PHE A 17 13.61 -3.72 15.74
N PHE A 18 12.36 -3.27 15.73
CA PHE A 18 11.53 -3.22 16.93
C PHE A 18 10.88 -4.57 17.21
N SER A 19 11.11 -5.53 16.33
CA SER A 19 10.57 -6.86 16.48
C SER A 19 11.04 -7.51 17.76
N GLN A 20 10.09 -7.90 18.57
CA GLN A 20 10.38 -8.54 19.85
C GLN A 20 9.61 -9.85 19.99
N PRO A 21 9.90 -10.62 21.05
CA PRO A 21 9.23 -11.90 21.30
C PRO A 21 7.74 -11.74 21.55
N GLY A 22 7.04 -11.27 20.52
CA GLY A 22 5.60 -11.08 20.65
C GLY A 22 5.14 -9.79 20.01
N ALA A 23 6.08 -9.02 19.49
CA ALA A 23 5.75 -7.75 18.85
C ALA A 23 6.74 -7.41 17.77
N PRO A 24 6.33 -7.68 16.54
CA PRO A 24 7.10 -7.48 15.33
C PRO A 24 6.60 -6.30 14.52
N ILE A 25 7.06 -5.12 14.89
CA ILE A 25 6.70 -3.88 14.25
C ILE A 25 6.69 -3.98 12.73
N LEU A 26 6.46 -2.84 12.06
CA LEU A 26 6.33 -2.84 10.63
C LEU A 26 6.69 -1.53 9.97
N GLN A 27 6.19 -1.41 8.76
CA GLN A 27 6.40 -0.23 7.93
C GLN A 27 5.99 -0.50 6.48
N CYS A 28 4.71 -0.80 6.30
CA CYS A 28 4.11 -1.09 4.99
C CYS A 28 5.15 -1.21 3.88
N MET A 29 5.19 -2.37 3.24
CA MET A 29 6.11 -2.60 2.11
C MET A 29 5.72 -1.70 0.94
N GLY A 30 4.60 -2.03 0.31
CA GLY A 30 4.14 -1.24 -0.82
C GLY A 30 4.38 -1.91 -2.16
N CYS A 31 3.31 -2.34 -2.82
CA CYS A 31 3.42 -2.99 -4.12
C CYS A 31 2.06 -3.18 -4.74
N CYS A 32 1.24 -2.12 -4.66
CA CYS A 32 -0.10 -2.12 -5.20
C CYS A 32 -0.09 -2.04 -6.73
N PHE A 33 -0.01 -3.20 -7.38
CA PHE A 33 0.02 -3.28 -8.85
C PHE A 33 -0.11 -1.90 -9.48
N SER A 34 1.03 -1.32 -9.89
CA SER A 34 1.03 -0.01 -10.51
C SER A 34 2.16 0.10 -11.54
N ARG A 35 2.52 -1.02 -12.15
CA ARG A 35 3.58 -1.05 -13.15
C ARG A 35 3.19 -1.92 -14.34
N ALA A 36 4.18 -2.33 -15.12
CA ALA A 36 3.94 -3.16 -16.28
C ALA A 36 3.14 -2.41 -17.34
N TYR A 37 3.46 -2.65 -18.60
CA TYR A 37 2.78 -1.99 -19.71
C TYR A 37 1.27 -2.19 -19.61
N PRO A 38 0.84 -3.45 -19.48
CA PRO A 38 -0.59 -3.79 -19.37
C PRO A 38 -1.21 -3.23 -18.10
N THR A 39 -2.54 -3.06 -18.13
CA THR A 39 -3.25 -2.53 -16.97
C THR A 39 -4.02 -3.64 -16.24
N PRO A 40 -3.34 -4.33 -15.32
CA PRO A 40 -3.95 -5.42 -14.53
C PRO A 40 -4.89 -4.89 -13.46
N LEU A 41 -6.08 -4.44 -13.87
CA LEU A 41 -7.07 -3.91 -12.94
C LEU A 41 -8.48 -4.31 -13.34
N ARG A 42 -9.47 -3.69 -12.72
CA ARG A 42 -10.87 -3.97 -13.00
C ARG A 42 -11.51 -2.83 -13.77
N SER A 43 -12.84 -2.81 -13.81
CA SER A 43 -13.57 -1.77 -14.52
C SER A 43 -13.01 -1.58 -15.92
N LYS A 44 -13.44 -2.42 -16.85
CA LYS A 44 -12.97 -2.35 -18.23
C LYS A 44 -13.17 -0.94 -18.79
N LYS A 45 -12.17 -0.47 -19.53
CA LYS A 45 -12.23 0.86 -20.13
C LYS A 45 -12.55 0.77 -21.61
N THR A 46 -13.79 1.05 -21.97
CA THR A 46 -14.23 1.00 -23.36
C THR A 46 -13.71 2.19 -24.15
N MET A 47 -14.29 3.36 -23.90
CA MET A 47 -13.89 4.57 -24.59
C MET A 47 -14.26 5.82 -23.79
N LEU A 48 -13.41 6.16 -22.82
CA LEU A 48 -13.66 7.33 -21.98
C LEU A 48 -12.44 8.25 -21.99
N VAL A 49 -12.69 9.55 -21.78
CA VAL A 49 -11.62 10.55 -21.76
C VAL A 49 -10.32 9.99 -22.32
N GLN A 50 -10.01 10.35 -23.57
CA GLN A 50 -8.80 9.88 -24.22
C GLN A 50 -7.59 10.70 -23.83
N LYS A 51 -6.40 10.20 -24.15
CA LYS A 51 -5.16 10.88 -23.83
C LYS A 51 -4.87 10.78 -22.34
N ASN A 52 -4.12 9.75 -21.95
CA ASN A 52 -3.76 9.54 -20.56
C ASN A 52 -2.77 10.60 -20.08
N VAL A 53 -3.17 11.37 -19.07
CA VAL A 53 -2.31 12.41 -18.54
C VAL A 53 -2.49 12.56 -17.03
N THR A 54 -1.41 12.91 -16.33
CA THR A 54 -1.44 13.08 -14.89
C THR A 54 -2.47 12.16 -14.25
N SER A 55 -2.04 10.95 -13.92
CA SER A 55 -2.92 9.96 -13.29
C SER A 55 -2.33 9.46 -11.98
N GLU A 56 -1.13 9.93 -11.66
CA GLU A 56 -0.45 9.52 -10.44
C GLU A 56 -0.42 8.00 -10.31
N SER A 57 0.08 7.52 -9.17
CA SER A 57 0.16 6.08 -8.93
C SER A 57 -0.77 5.67 -7.78
N THR A 58 -0.34 4.70 -6.99
CA THR A 58 -1.13 4.22 -5.85
C THR A 58 -0.51 4.65 -4.53
N CYS A 59 -1.04 4.10 -3.43
CA CYS A 59 -0.54 4.44 -2.10
C CYS A 59 -0.59 3.23 -1.17
N CYS A 60 -0.21 3.45 0.09
CA CYS A 60 -0.20 2.39 1.09
C CYS A 60 -0.09 2.98 2.49
N VAL A 61 -0.99 3.89 2.81
CA VAL A 61 -0.99 4.53 4.14
C VAL A 61 -1.71 3.68 5.17
N ALA A 62 -0.99 2.70 5.72
CA ALA A 62 -1.54 1.81 6.73
C ALA A 62 -3.00 2.14 7.06
N LYS A 63 -3.91 1.29 6.58
CA LYS A 63 -5.33 1.44 6.79
C LYS A 63 -5.61 1.63 8.28
N SER A 64 -4.75 1.04 9.09
CA SER A 64 -4.85 1.11 10.53
C SER A 64 -3.49 0.82 11.16
N TYR A 65 -2.88 1.86 11.71
CA TYR A 65 -1.56 1.72 12.32
C TYR A 65 -1.66 1.41 13.80
N ASN A 66 -0.55 0.93 14.35
CA ASN A 66 -0.47 0.63 15.76
C ASN A 66 0.81 1.23 16.27
N ARG A 67 1.17 2.28 15.56
CA ARG A 67 2.36 3.07 15.83
C ARG A 67 3.03 2.67 17.14
N VAL A 68 4.26 2.21 17.02
CA VAL A 68 5.04 1.80 18.17
C VAL A 68 6.29 2.64 18.28
N THR A 69 6.12 3.94 18.10
CA THR A 69 7.24 4.88 18.14
C THR A 69 8.44 4.26 18.83
N VAL A 70 9.53 4.16 18.09
CA VAL A 70 10.76 3.57 18.61
C VAL A 70 11.95 4.49 18.37
N MET A 71 13.12 3.94 18.66
CA MET A 71 14.37 4.67 18.50
C MET A 71 14.23 6.11 18.95
N GLY A 72 14.67 7.02 18.08
CA GLY A 72 14.62 8.43 18.40
C GLY A 72 13.26 9.04 18.15
N GLY A 73 12.21 8.24 18.33
CA GLY A 73 10.86 8.73 18.11
C GLY A 73 10.27 8.27 16.79
N PHE A 74 10.83 7.18 16.24
CA PHE A 74 10.34 6.64 14.98
C PHE A 74 8.84 6.38 15.06
N LYS A 75 8.26 5.88 13.98
CA LYS A 75 6.83 5.60 13.95
C LYS A 75 6.47 4.67 12.81
N VAL A 76 6.36 3.38 13.12
CA VAL A 76 6.00 2.36 12.13
C VAL A 76 4.52 2.23 12.06
N GLU A 77 3.84 3.23 12.60
CA GLU A 77 2.39 3.20 12.65
C GLU A 77 2.00 1.75 12.70
N ASN A 78 2.80 1.01 13.47
CA ASN A 78 2.68 -0.43 13.58
C ASN A 78 1.48 -0.89 12.80
N HIS A 79 1.64 -0.80 11.50
CA HIS A 79 0.61 -1.12 10.55
C HIS A 79 -0.19 -2.35 10.89
N THR A 80 -1.46 -2.12 11.04
CA THR A 80 -2.42 -3.18 11.32
C THR A 80 -3.21 -3.44 10.06
N ALA A 81 -3.18 -2.46 9.15
CA ALA A 81 -3.86 -2.55 7.88
C ALA A 81 -3.23 -1.57 6.90
N CYS A 82 -3.11 -1.98 5.63
CA CYS A 82 -2.51 -1.12 4.62
C CYS A 82 -3.45 -0.95 3.43
N HIS A 83 -3.79 0.29 3.14
CA HIS A 83 -4.70 0.60 2.03
C HIS A 83 -4.08 1.58 1.05
N CYS A 84 -4.14 1.24 -0.23
CA CYS A 84 -3.59 2.09 -1.29
C CYS A 84 -4.63 3.10 -1.77
N SER A 85 -4.17 4.11 -2.51
CA SER A 85 -5.06 5.14 -3.03
C SER A 85 -5.66 5.98 -1.90
N THR A 86 -4.81 6.76 -1.25
CA THR A 86 -5.25 7.62 -0.15
C THR A 86 -4.28 8.78 0.05
N CYS A 87 -3.63 9.19 -1.04
CA CYS A 87 -2.68 10.30 -0.99
C CYS A 87 -3.32 11.61 -1.42
N TYR A 88 -4.54 11.84 -0.94
CA TYR A 88 -5.28 13.05 -1.27
C TYR A 88 -6.04 13.57 -0.06
N TYR A 89 -5.80 14.83 0.29
CA TYR A 89 -6.46 15.45 1.43
C TYR A 89 -7.68 16.25 0.99
N HIS A 90 -8.75 15.54 0.64
CA HIS A 90 -9.98 16.17 0.20
C HIS A 90 -10.49 17.18 1.23
N LYS A 91 -11.20 16.68 2.24
CA LYS A 91 -11.72 17.54 3.30
C LYS A 91 -11.99 16.75 4.57
N SER A 92 -12.58 15.56 4.42
CA SER A 92 -12.88 14.70 5.56
C SER A 92 -14.23 15.07 6.16
N ALA A 1 -14.44 -10.72 6.58
CA ALA A 1 -14.70 -10.23 7.96
C ALA A 1 -13.41 -9.71 8.59
N PRO A 2 -13.51 -9.18 9.83
CA PRO A 2 -12.37 -8.64 10.56
C PRO A 2 -11.45 -9.73 11.11
N ASP A 3 -11.17 -10.74 10.29
CA ASP A 3 -10.31 -11.84 10.69
C ASP A 3 -10.01 -12.75 9.51
N VAL A 4 -8.74 -13.07 9.30
CA VAL A 4 -8.34 -13.92 8.20
C VAL A 4 -7.02 -14.63 8.49
N GLN A 5 -6.84 -15.79 7.85
CA GLN A 5 -5.63 -16.58 8.02
C GLN A 5 -5.02 -16.89 6.66
N ASP A 6 -5.49 -16.18 5.63
CA ASP A 6 -5.02 -16.38 4.28
C ASP A 6 -4.26 -15.15 3.78
N CYS A 7 -3.39 -15.34 2.79
CA CYS A 7 -2.62 -14.24 2.24
C CYS A 7 -3.46 -13.39 1.30
N PRO A 8 -4.26 -14.04 0.43
CA PRO A 8 -5.14 -13.35 -0.52
C PRO A 8 -5.80 -12.11 0.05
N GLU A 9 -5.02 -11.04 0.21
CA GLU A 9 -5.54 -9.79 0.74
C GLU A 9 -4.39 -8.91 1.25
N CYS A 10 -4.34 -7.68 0.74
CA CYS A 10 -3.29 -6.74 1.13
C CYS A 10 -3.22 -6.60 2.65
N THR A 11 -2.04 -6.27 3.15
CA THR A 11 -1.83 -6.11 4.59
C THR A 11 -0.45 -5.54 4.85
N LEU A 12 -0.03 -5.59 6.12
CA LEU A 12 1.28 -5.07 6.50
C LEU A 12 2.27 -6.19 6.71
N GLN A 13 3.51 -5.96 6.29
CA GLN A 13 4.53 -6.97 6.43
C GLN A 13 5.63 -6.54 7.37
N GLU A 14 5.23 -6.22 8.56
CA GLU A 14 6.14 -5.80 9.62
C GLU A 14 7.53 -5.53 9.10
N ASN A 15 7.98 -4.32 9.32
CA ASN A 15 9.30 -3.88 8.90
C ASN A 15 10.36 -4.88 9.30
N PRO A 16 11.12 -5.38 8.32
CA PRO A 16 12.19 -6.34 8.57
C PRO A 16 13.48 -5.66 9.02
N PHE A 17 13.34 -4.41 9.46
CA PHE A 17 14.48 -3.63 9.92
C PHE A 17 14.20 -3.05 11.30
N PHE A 18 13.07 -2.35 11.40
CA PHE A 18 12.67 -1.74 12.67
C PHE A 18 12.18 -2.82 13.63
N SER A 19 11.72 -3.92 13.05
CA SER A 19 11.21 -5.03 13.85
C SER A 19 12.14 -5.31 15.02
N GLN A 20 11.72 -4.90 16.21
CA GLN A 20 12.52 -5.11 17.41
C GLN A 20 11.65 -5.55 18.58
N PRO A 21 12.26 -6.19 19.59
CA PRO A 21 11.55 -6.65 20.79
C PRO A 21 10.76 -5.53 21.46
N GLY A 22 9.73 -5.04 20.78
CA GLY A 22 8.92 -3.96 21.32
C GLY A 22 8.54 -2.95 20.26
N ALA A 23 9.04 -3.13 19.05
CA ALA A 23 8.74 -2.21 17.95
C ALA A 23 8.87 -2.88 16.61
N PRO A 24 7.73 -3.30 16.08
CA PRO A 24 7.61 -4.01 14.84
C PRO A 24 7.00 -3.20 13.70
N ILE A 25 7.77 -2.26 13.18
CA ILE A 25 7.33 -1.44 12.10
C ILE A 25 6.67 -2.25 11.00
N LEU A 26 6.34 -1.60 9.88
CA LEU A 26 5.61 -2.27 8.82
C LEU A 26 5.92 -1.75 7.44
N GLN A 27 5.01 -2.11 6.55
CA GLN A 27 5.09 -1.71 5.15
C GLN A 27 4.19 -2.59 4.28
N CYS A 28 2.91 -2.25 4.29
CA CYS A 28 1.88 -2.96 3.54
C CYS A 28 2.48 -3.90 2.49
N MET A 29 2.24 -5.20 2.66
CA MET A 29 2.74 -6.19 1.71
C MET A 29 1.98 -7.51 1.85
N GLY A 30 0.89 -7.65 1.11
CA GLY A 30 0.10 -8.86 1.16
C GLY A 30 -0.19 -9.42 -0.21
N CYS A 31 -1.44 -9.81 -0.44
CA CYS A 31 -1.84 -10.37 -1.73
C CYS A 31 -3.17 -9.74 -2.18
N CYS A 32 -3.08 -8.55 -2.76
CA CYS A 32 -4.26 -7.83 -3.23
C CYS A 32 -4.56 -8.18 -4.68
N PHE A 33 -4.79 -9.48 -4.93
CA PHE A 33 -5.09 -9.95 -6.28
C PHE A 33 -4.35 -9.11 -7.32
N SER A 34 -3.05 -8.96 -7.13
CA SER A 34 -2.23 -8.17 -8.05
C SER A 34 -0.90 -8.86 -8.32
N ARG A 35 -0.44 -8.78 -9.56
CA ARG A 35 0.82 -9.41 -9.95
C ARG A 35 1.06 -9.24 -11.45
N ALA A 36 2.13 -9.88 -11.93
CA ALA A 36 2.48 -9.80 -13.35
C ALA A 36 1.30 -10.16 -14.24
N TYR A 37 1.30 -9.61 -15.45
CA TYR A 37 0.24 -9.87 -16.42
C TYR A 37 0.11 -8.71 -17.40
N PRO A 38 -0.37 -7.55 -16.92
CA PRO A 38 -0.53 -6.36 -17.75
C PRO A 38 0.79 -5.88 -18.34
N THR A 39 0.84 -4.62 -18.76
CA THR A 39 2.05 -4.06 -19.33
C THR A 39 2.25 -2.62 -18.88
N PRO A 40 3.14 -2.40 -17.90
CA PRO A 40 3.44 -1.07 -17.38
C PRO A 40 3.55 -0.04 -18.50
N LEU A 41 3.32 1.22 -18.16
CA LEU A 41 3.40 2.30 -19.14
C LEU A 41 3.11 3.65 -18.50
N ARG A 42 4.15 4.47 -18.37
CA ARG A 42 4.01 5.79 -17.79
C ARG A 42 3.42 6.76 -18.82
N SER A 43 2.11 6.65 -19.04
CA SER A 43 1.42 7.50 -20.00
C SER A 43 1.12 8.88 -19.42
N LYS A 44 2.06 9.44 -18.66
CA LYS A 44 1.89 10.74 -18.06
C LYS A 44 1.03 10.66 -16.80
N LYS A 45 0.06 9.76 -16.79
CA LYS A 45 -0.82 9.59 -15.65
C LYS A 45 -1.97 10.60 -15.68
N THR A 46 -2.21 11.15 -16.86
CA THR A 46 -3.29 12.13 -17.04
C THR A 46 -4.62 11.58 -16.52
N MET A 47 -5.35 12.41 -15.78
CA MET A 47 -6.63 11.99 -15.23
C MET A 47 -7.58 13.18 -15.08
N LEU A 48 -7.63 14.02 -16.11
CA LEU A 48 -8.50 15.20 -16.09
C LEU A 48 -9.82 14.91 -16.81
N VAL A 49 -10.22 13.65 -16.83
CA VAL A 49 -11.46 13.25 -17.48
C VAL A 49 -12.06 12.02 -16.81
N GLN A 50 -12.80 12.25 -15.73
CA GLN A 50 -13.44 11.16 -15.00
C GLN A 50 -12.53 9.94 -14.93
N LYS A 51 -13.09 8.81 -14.51
CA LYS A 51 -12.32 7.58 -14.40
C LYS A 51 -11.39 7.60 -13.19
N ASN A 52 -10.91 6.42 -12.80
CA ASN A 52 -10.01 6.30 -11.67
C ASN A 52 -9.01 5.17 -11.89
N VAL A 53 -7.86 5.51 -12.46
CA VAL A 53 -6.82 4.52 -12.73
C VAL A 53 -7.40 3.14 -13.00
N THR A 54 -7.72 2.87 -14.26
CA THR A 54 -8.28 1.58 -14.65
C THR A 54 -7.30 0.77 -15.48
N SER A 55 -6.01 0.95 -15.20
CA SER A 55 -4.97 0.24 -15.92
C SER A 55 -4.12 -0.60 -14.98
N GLU A 56 -4.48 -0.59 -13.70
CA GLU A 56 -3.75 -1.35 -12.70
C GLU A 56 -4.70 -1.98 -11.68
N SER A 57 -4.22 -3.01 -11.00
CA SER A 57 -5.04 -3.70 -10.00
C SER A 57 -5.66 -2.72 -9.02
N THR A 58 -5.13 -2.69 -7.80
CA THR A 58 -5.64 -1.79 -6.76
C THR A 58 -4.51 -1.07 -6.06
N CYS A 59 -4.74 -0.69 -4.81
CA CYS A 59 -3.72 0.02 -4.03
C CYS A 59 -4.15 0.20 -2.57
N CYS A 60 -3.24 -0.11 -1.66
CA CYS A 60 -3.49 0.02 -0.23
C CYS A 60 -2.39 0.82 0.45
N VAL A 61 -2.43 2.13 0.29
CA VAL A 61 -1.43 3.01 0.88
C VAL A 61 -1.75 3.30 2.34
N ALA A 62 -1.62 2.27 3.18
CA ALA A 62 -1.89 2.40 4.61
C ALA A 62 -2.96 3.43 4.89
N LYS A 63 -4.13 2.95 5.32
CA LYS A 63 -5.25 3.83 5.65
C LYS A 63 -4.80 4.84 6.69
N SER A 64 -3.95 4.36 7.59
CA SER A 64 -3.39 5.19 8.64
C SER A 64 -1.96 4.76 8.92
N TYR A 65 -1.02 5.68 8.74
CA TYR A 65 0.38 5.37 8.95
C TYR A 65 0.92 5.98 10.23
N ASN A 66 1.95 5.35 10.77
CA ASN A 66 2.61 5.85 11.97
C ASN A 66 4.08 6.01 11.66
N ARG A 67 4.29 6.23 10.38
CA ARG A 67 5.61 6.39 9.79
C ARG A 67 6.73 6.40 10.83
N VAL A 68 7.70 5.54 10.58
CA VAL A 68 8.85 5.39 11.45
C VAL A 68 10.13 5.45 10.64
N THR A 69 10.19 6.44 9.76
CA THR A 69 11.34 6.63 8.88
C THR A 69 12.58 5.94 9.40
N VAL A 70 13.09 5.02 8.62
CA VAL A 70 14.29 4.28 8.99
C VAL A 70 15.43 4.53 8.02
N MET A 71 16.37 3.60 8.04
CA MET A 71 17.54 3.66 7.19
C MET A 71 17.29 4.47 5.93
N GLY A 72 18.33 5.15 5.45
CA GLY A 72 18.19 5.96 4.25
C GLY A 72 16.90 6.74 4.22
N GLY A 73 16.36 7.05 5.40
CA GLY A 73 15.12 7.79 5.48
C GLY A 73 13.92 6.95 5.13
N PHE A 74 14.00 5.65 5.38
CA PHE A 74 12.90 4.74 5.08
C PHE A 74 11.58 5.39 5.47
N LYS A 75 10.48 4.77 5.07
CA LYS A 75 9.15 5.30 5.38
C LYS A 75 8.10 4.19 5.37
N VAL A 76 7.92 3.53 6.51
CA VAL A 76 6.94 2.46 6.65
C VAL A 76 5.63 3.01 7.07
N GLU A 77 5.52 4.31 6.95
CA GLU A 77 4.30 4.99 7.35
C GLU A 77 3.61 4.11 8.36
N ASN A 78 4.42 3.59 9.29
CA ASN A 78 3.97 2.64 10.28
C ASN A 78 2.53 2.31 10.00
N HIS A 79 2.31 1.50 9.01
CA HIS A 79 0.96 1.21 8.63
C HIS A 79 0.15 0.74 9.81
N THR A 80 -0.69 1.64 10.25
CA THR A 80 -1.57 1.35 11.36
C THR A 80 -2.90 0.88 10.80
N ALA A 81 -3.07 1.15 9.51
CA ALA A 81 -4.26 0.75 8.79
C ALA A 81 -3.94 0.70 7.29
N CYS A 82 -4.39 -0.35 6.63
CA CYS A 82 -4.13 -0.51 5.19
C CYS A 82 -5.43 -0.78 4.46
N HIS A 83 -5.68 -0.06 3.37
CA HIS A 83 -6.91 -0.24 2.60
C HIS A 83 -6.65 -0.26 1.10
N CYS A 84 -6.84 -1.43 0.49
CA CYS A 84 -6.65 -1.60 -0.96
C CYS A 84 -7.78 -0.94 -1.73
N SER A 85 -7.43 -0.22 -2.79
CA SER A 85 -8.43 0.46 -3.62
C SER A 85 -8.70 1.86 -3.10
N THR A 86 -7.65 2.67 -3.00
CA THR A 86 -7.78 4.04 -2.52
C THR A 86 -6.95 5.00 -3.36
N CYS A 87 -6.98 4.80 -4.68
CA CYS A 87 -6.22 5.64 -5.60
C CYS A 87 -7.09 6.76 -6.17
N TYR A 88 -8.19 7.07 -5.49
CA TYR A 88 -9.09 8.13 -5.93
C TYR A 88 -9.09 9.30 -4.94
N TYR A 89 -9.03 10.52 -5.47
CA TYR A 89 -9.01 11.72 -4.64
C TYR A 89 -10.35 11.91 -3.91
N HIS A 90 -10.28 12.64 -2.80
CA HIS A 90 -11.47 12.94 -1.99
C HIS A 90 -12.65 12.05 -2.35
N LYS A 91 -13.47 12.50 -3.30
CA LYS A 91 -14.64 11.74 -3.72
C LYS A 91 -15.34 11.12 -2.53
N SER A 92 -15.71 11.95 -1.56
CA SER A 92 -16.39 11.49 -0.37
C SER A 92 -15.59 10.39 0.33
N ALA A 1 -3.37 -28.04 7.88
CA ALA A 1 -4.61 -27.67 7.17
C ALA A 1 -4.73 -26.15 7.04
N PRO A 2 -5.24 -25.67 5.90
CA PRO A 2 -5.41 -24.24 5.65
C PRO A 2 -6.67 -23.68 6.31
N ASP A 3 -6.94 -24.13 7.53
CA ASP A 3 -8.11 -23.67 8.27
C ASP A 3 -7.87 -22.29 8.88
N VAL A 4 -8.78 -21.88 9.76
CA VAL A 4 -8.70 -20.58 10.43
C VAL A 4 -7.38 -19.88 10.15
N GLN A 5 -7.24 -19.33 8.95
CA GLN A 5 -6.02 -18.62 8.56
C GLN A 5 -6.08 -18.19 7.09
N ASP A 6 -7.19 -17.56 6.72
CA ASP A 6 -7.37 -17.09 5.34
C ASP A 6 -6.40 -15.97 5.02
N CYS A 7 -6.16 -15.75 3.73
CA CYS A 7 -5.26 -14.69 3.29
C CYS A 7 -5.76 -13.32 3.72
N PRO A 8 -5.11 -12.70 4.72
CA PRO A 8 -5.49 -11.39 5.21
C PRO A 8 -5.21 -10.30 4.19
N GLU A 9 -6.20 -9.45 3.93
CA GLU A 9 -6.05 -8.37 2.97
C GLU A 9 -4.76 -7.63 3.19
N CYS A 10 -4.59 -6.55 2.44
CA CYS A 10 -3.40 -5.73 2.55
C CYS A 10 -3.09 -5.47 4.02
N THR A 11 -2.42 -6.42 4.63
CA THR A 11 -2.04 -6.32 6.03
C THR A 11 -0.73 -5.58 6.13
N LEU A 12 0.21 -6.10 6.90
CA LEU A 12 1.52 -5.47 7.04
C LEU A 12 2.61 -6.49 6.88
N GLN A 13 3.59 -6.17 6.04
CA GLN A 13 4.68 -7.09 5.79
C GLN A 13 5.96 -6.63 6.46
N GLU A 14 5.83 -6.36 7.73
CA GLU A 14 6.93 -5.90 8.56
C GLU A 14 8.23 -5.85 7.78
N ASN A 15 8.81 -4.67 7.78
CA ASN A 15 10.04 -4.43 7.06
C ASN A 15 11.22 -5.19 7.64
N PRO A 16 11.69 -6.22 6.91
CA PRO A 16 12.85 -6.98 7.31
C PRO A 16 14.10 -6.23 6.90
N PHE A 17 13.87 -5.02 6.40
CA PHE A 17 14.92 -4.13 5.94
C PHE A 17 15.27 -3.15 7.05
N PHE A 18 14.25 -2.47 7.56
CA PHE A 18 14.41 -1.50 8.62
C PHE A 18 14.29 -2.16 9.98
N SER A 19 14.07 -3.48 9.97
CA SER A 19 13.93 -4.26 11.19
C SER A 19 15.10 -4.03 12.14
N GLN A 20 14.80 -3.39 13.26
CA GLN A 20 15.81 -3.10 14.27
C GLN A 20 15.43 -3.71 15.62
N PRO A 21 16.41 -3.85 16.53
CA PRO A 21 16.17 -4.41 17.86
C PRO A 21 15.13 -3.62 18.64
N GLY A 22 13.87 -3.74 18.22
CA GLY A 22 12.80 -3.02 18.89
C GLY A 22 11.94 -2.24 17.92
N ALA A 23 12.21 -2.40 16.65
CA ALA A 23 11.46 -1.70 15.61
C ALA A 23 11.49 -2.45 14.30
N PRO A 24 10.41 -3.17 14.06
CA PRO A 24 10.22 -3.99 12.89
C PRO A 24 9.27 -3.35 11.89
N ILE A 25 9.79 -2.36 11.18
CA ILE A 25 9.04 -1.64 10.19
C ILE A 25 8.08 -2.50 9.39
N LEU A 26 7.41 -1.89 8.42
CA LEU A 26 6.41 -2.58 7.63
C LEU A 26 6.27 -2.02 6.24
N GLN A 27 5.14 -2.35 5.67
CA GLN A 27 4.79 -1.89 4.32
C GLN A 27 3.60 -2.65 3.75
N CYS A 28 2.51 -2.68 4.51
CA CYS A 28 1.27 -3.35 4.10
C CYS A 28 1.52 -4.55 3.19
N MET A 29 1.06 -5.72 3.64
CA MET A 29 1.20 -6.94 2.88
C MET A 29 0.57 -6.83 1.50
N GLY A 30 -0.71 -7.19 1.40
CA GLY A 30 -1.42 -7.13 0.13
C GLY A 30 -2.16 -8.41 -0.21
N CYS A 31 -3.48 -8.34 -0.23
CA CYS A 31 -4.31 -9.51 -0.54
C CYS A 31 -5.77 -9.11 -0.70
N CYS A 32 -6.05 -8.34 -1.75
CA CYS A 32 -7.42 -7.89 -2.02
C CYS A 32 -7.43 -6.91 -3.18
N PHE A 33 -6.97 -7.36 -4.34
CA PHE A 33 -6.92 -6.52 -5.53
C PHE A 33 -6.91 -7.36 -6.80
N SER A 34 -7.96 -8.16 -6.98
CA SER A 34 -8.08 -9.02 -8.16
C SER A 34 -6.71 -9.51 -8.60
N ARG A 35 -6.18 -8.89 -9.65
CA ARG A 35 -4.87 -9.26 -10.18
C ARG A 35 -4.57 -8.48 -11.46
N ALA A 36 -4.71 -7.17 -11.39
CA ALA A 36 -4.47 -6.30 -12.54
C ALA A 36 -3.09 -5.64 -12.44
N TYR A 37 -2.87 -4.60 -13.25
CA TYR A 37 -1.60 -3.90 -13.25
C TYR A 37 -1.46 -2.98 -14.47
N PRO A 38 -1.86 -1.72 -14.33
CA PRO A 38 -1.79 -0.73 -15.41
C PRO A 38 -0.35 -0.42 -15.81
N THR A 39 -0.18 0.59 -16.66
CA THR A 39 1.15 0.99 -17.11
C THR A 39 1.51 2.37 -16.59
N PRO A 40 2.64 2.49 -15.86
CA PRO A 40 3.09 3.75 -15.30
C PRO A 40 3.91 4.55 -16.31
N LEU A 41 5.10 4.05 -16.61
CA LEU A 41 5.99 4.72 -17.57
C LEU A 41 5.87 6.23 -17.43
N ARG A 42 6.76 6.83 -16.63
CA ARG A 42 6.76 8.27 -16.43
C ARG A 42 6.58 9.00 -17.74
N SER A 43 5.33 9.25 -18.11
CA SER A 43 5.01 9.95 -19.34
C SER A 43 4.71 11.42 -19.07
N LYS A 44 3.58 11.66 -18.40
CA LYS A 44 3.16 13.02 -18.08
C LYS A 44 1.79 13.03 -17.42
N LYS A 45 1.51 11.99 -16.64
CA LYS A 45 0.22 11.87 -15.96
C LYS A 45 0.39 11.33 -14.54
N THR A 46 0.74 12.21 -13.61
CA THR A 46 0.93 11.82 -12.22
C THR A 46 0.07 12.67 -11.30
N MET A 47 -0.95 13.32 -11.88
CA MET A 47 -1.84 14.16 -11.12
C MET A 47 -2.82 14.90 -12.03
N LEU A 48 -3.47 14.15 -12.91
CA LEU A 48 -4.42 14.73 -13.85
C LEU A 48 -5.11 13.66 -14.68
N VAL A 49 -6.10 13.01 -14.10
CA VAL A 49 -6.84 11.96 -14.78
C VAL A 49 -7.15 12.35 -16.22
N GLN A 50 -7.60 11.39 -17.01
CA GLN A 50 -7.93 11.64 -18.41
C GLN A 50 -9.04 10.71 -18.89
N LYS A 51 -10.28 11.10 -18.62
CA LYS A 51 -11.44 10.29 -19.04
C LYS A 51 -11.54 9.02 -18.21
N ASN A 52 -12.58 8.24 -18.48
CA ASN A 52 -12.81 6.99 -17.75
C ASN A 52 -11.53 6.19 -17.63
N VAL A 53 -11.59 5.09 -16.89
CA VAL A 53 -10.43 4.23 -16.69
C VAL A 53 -9.43 4.89 -15.74
N THR A 54 -8.49 4.11 -15.24
CA THR A 54 -7.48 4.61 -14.32
C THR A 54 -8.12 5.43 -13.20
N SER A 55 -9.36 5.11 -12.88
CA SER A 55 -10.08 5.83 -11.83
C SER A 55 -9.69 5.31 -10.45
N GLU A 56 -10.42 4.31 -9.96
CA GLU A 56 -10.15 3.73 -8.66
C GLU A 56 -9.78 2.26 -8.78
N SER A 57 -9.44 1.64 -7.65
CA SER A 57 -9.07 0.23 -7.62
C SER A 57 -8.47 -0.15 -6.28
N THR A 58 -9.29 -0.14 -5.23
CA THR A 58 -8.84 -0.48 -3.89
C THR A 58 -7.66 0.40 -3.50
N CYS A 59 -7.19 0.23 -2.26
CA CYS A 59 -6.07 1.01 -1.76
C CYS A 59 -5.83 0.75 -0.28
N CYS A 60 -4.64 0.25 0.03
CA CYS A 60 -4.25 -0.03 1.40
C CYS A 60 -3.12 0.88 1.86
N VAL A 61 -3.34 2.18 1.74
CA VAL A 61 -2.34 3.17 2.15
C VAL A 61 -2.28 3.29 3.66
N ALA A 62 -2.11 2.15 4.34
CA ALA A 62 -2.04 2.12 5.80
C ALA A 62 -3.02 3.12 6.42
N LYS A 63 -4.06 2.61 7.04
CA LYS A 63 -5.05 3.46 7.69
C LYS A 63 -4.34 4.37 8.67
N SER A 64 -3.35 3.82 9.34
CA SER A 64 -2.56 4.57 10.30
C SER A 64 -1.11 4.13 10.21
N TYR A 65 -0.31 4.97 9.58
CA TYR A 65 1.11 4.67 9.40
C TYR A 65 1.94 5.25 10.53
N ASN A 66 3.16 4.72 10.64
CA ASN A 66 4.09 5.21 11.65
C ASN A 66 5.39 5.46 10.96
N ARG A 67 5.24 5.78 9.69
CA ARG A 67 6.33 6.06 8.79
C ARG A 67 7.66 6.16 9.50
N VAL A 68 8.63 5.41 9.02
CA VAL A 68 9.97 5.42 9.57
C VAL A 68 10.98 5.64 8.47
N THR A 69 10.61 6.53 7.56
CA THR A 69 11.45 6.87 6.41
C THR A 69 12.86 6.36 6.60
N VAL A 70 13.28 5.48 5.73
CA VAL A 70 14.60 4.88 5.79
C VAL A 70 15.35 5.04 4.49
N MET A 71 16.36 4.21 4.36
CA MET A 71 17.23 4.20 3.18
C MET A 71 16.55 4.86 1.99
N GLY A 72 17.21 5.88 1.42
CA GLY A 72 16.68 6.57 0.27
C GLY A 72 15.40 7.33 0.58
N GLY A 73 15.22 7.68 1.86
CA GLY A 73 14.03 8.40 2.26
C GLY A 73 12.77 7.58 2.08
N PHE A 74 12.92 6.26 2.10
CA PHE A 74 11.78 5.36 1.94
C PHE A 74 10.63 5.79 2.84
N LYS A 75 9.54 5.05 2.81
CA LYS A 75 8.37 5.36 3.62
C LYS A 75 7.47 4.15 3.82
N VAL A 76 7.71 3.41 4.90
CA VAL A 76 6.90 2.24 5.22
C VAL A 76 5.70 2.67 5.98
N GLU A 77 5.48 3.96 5.99
CA GLU A 77 4.39 4.53 6.74
C GLU A 77 4.14 3.60 7.90
N ASN A 78 5.27 3.13 8.43
CA ASN A 78 5.29 2.14 9.48
C ASN A 78 3.88 1.80 9.86
N HIS A 79 3.22 1.17 8.92
CA HIS A 79 1.84 0.80 9.03
C HIS A 79 1.41 0.33 10.39
N THR A 80 0.46 1.03 10.92
CA THR A 80 -0.14 0.70 12.20
C THR A 80 -1.58 0.27 11.97
N ALA A 81 -2.07 0.57 10.77
CA ALA A 81 -3.41 0.22 10.35
C ALA A 81 -3.46 0.22 8.83
N CYS A 82 -4.01 -0.83 8.24
CA CYS A 82 -4.09 -0.92 6.79
C CYS A 82 -5.52 -1.19 6.32
N HIS A 83 -6.02 -0.34 5.43
CA HIS A 83 -7.35 -0.51 4.90
C HIS A 83 -7.34 -0.49 3.38
N CYS A 84 -7.64 -1.64 2.77
CA CYS A 84 -7.66 -1.76 1.32
C CYS A 84 -9.09 -1.69 0.78
N SER A 85 -9.35 -0.68 -0.05
CA SER A 85 -10.67 -0.49 -0.63
C SER A 85 -11.44 0.59 0.12
N THR A 86 -12.57 1.02 -0.44
CA THR A 86 -13.38 2.05 0.19
C THR A 86 -12.50 3.19 0.72
N CYS A 87 -11.73 3.81 -0.18
CA CYS A 87 -10.84 4.90 0.20
C CYS A 87 -11.62 6.20 0.37
N TYR A 88 -12.34 6.33 1.47
CA TYR A 88 -13.12 7.52 1.75
C TYR A 88 -12.21 8.73 1.93
N TYR A 89 -12.21 9.62 0.93
CA TYR A 89 -11.37 10.81 0.98
C TYR A 89 -12.20 12.05 1.35
N HIS A 90 -11.61 13.23 1.14
CA HIS A 90 -12.28 14.48 1.46
C HIS A 90 -12.44 15.35 0.21
N LYS A 91 -11.78 14.96 -0.87
CA LYS A 91 -11.84 15.72 -2.12
C LYS A 91 -11.18 14.95 -3.26
N SER A 92 -11.53 13.67 -3.38
CA SER A 92 -10.98 12.83 -4.43
C SER A 92 -12.05 11.93 -5.03
N ALA A 1 -11.04 -5.12 -12.56
CA ALA A 1 -10.56 -6.35 -13.25
C ALA A 1 -9.15 -6.70 -12.81
N PRO A 2 -8.17 -5.84 -13.10
CA PRO A 2 -6.78 -6.07 -12.74
C PRO A 2 -6.48 -5.69 -11.29
N ASP A 3 -7.51 -5.23 -10.58
CA ASP A 3 -7.35 -4.83 -9.19
C ASP A 3 -8.14 -5.75 -8.26
N VAL A 4 -7.60 -5.98 -7.08
CA VAL A 4 -8.26 -6.84 -6.09
C VAL A 4 -8.01 -8.32 -6.40
N GLN A 5 -8.41 -9.18 -5.47
CA GLN A 5 -8.24 -10.61 -5.63
C GLN A 5 -6.84 -11.06 -5.19
N ASP A 6 -6.80 -11.86 -4.12
CA ASP A 6 -5.53 -12.34 -3.59
C ASP A 6 -4.76 -11.24 -2.89
N CYS A 7 -3.94 -11.63 -1.92
CA CYS A 7 -3.14 -10.66 -1.16
C CYS A 7 -1.68 -10.71 -1.60
N PRO A 8 -1.37 -10.04 -2.72
CA PRO A 8 0.00 -10.00 -3.26
C PRO A 8 0.94 -9.17 -2.40
N GLU A 9 2.14 -8.91 -2.92
CA GLU A 9 3.13 -8.13 -2.19
C GLU A 9 2.77 -6.65 -2.20
N CYS A 10 2.49 -6.11 -1.02
CA CYS A 10 2.13 -4.71 -0.88
C CYS A 10 3.03 -3.82 -1.72
N THR A 11 2.48 -3.29 -2.81
CA THR A 11 3.24 -2.42 -3.70
C THR A 11 2.39 -1.98 -4.88
N LEU A 12 3.01 -1.31 -5.83
CA LEU A 12 2.31 -0.84 -7.00
C LEU A 12 2.12 -1.94 -8.01
N GLN A 13 0.91 -2.02 -8.54
CA GLN A 13 0.58 -3.04 -9.51
C GLN A 13 0.42 -2.44 -10.89
N GLU A 14 1.44 -1.71 -11.28
CA GLU A 14 1.49 -1.03 -12.57
C GLU A 14 0.17 -1.16 -13.31
N ASN A 15 -0.42 -0.02 -13.56
CA ASN A 15 -1.69 0.07 -14.24
C ASN A 15 -1.65 -0.66 -15.57
N PRO A 16 -2.32 -1.82 -15.65
CA PRO A 16 -2.38 -2.61 -16.88
C PRO A 16 -3.31 -1.98 -17.93
N PHE A 17 -3.48 -0.66 -17.82
CA PHE A 17 -4.33 0.09 -18.72
C PHE A 17 -3.60 1.32 -19.23
N PHE A 18 -3.13 2.13 -18.30
CA PHE A 18 -2.40 3.35 -18.63
C PHE A 18 -1.03 3.03 -19.19
N SER A 19 -0.55 1.83 -18.87
CA SER A 19 0.76 1.38 -19.33
C SER A 19 0.99 1.76 -20.78
N GLN A 20 1.85 2.76 -20.98
CA GLN A 20 2.17 3.24 -22.32
C GLN A 20 3.65 3.06 -22.59
N PRO A 21 4.06 3.12 -23.87
CA PRO A 21 5.46 2.98 -24.26
C PRO A 21 6.30 4.10 -23.68
N GLY A 22 6.35 4.16 -22.35
CA GLY A 22 7.11 5.20 -21.67
C GLY A 22 6.37 5.75 -20.46
N ALA A 23 5.32 5.06 -20.01
CA ALA A 23 4.55 5.50 -18.85
C ALA A 23 3.60 4.43 -18.39
N PRO A 24 4.03 3.72 -17.35
CA PRO A 24 3.32 2.61 -16.76
C PRO A 24 2.70 2.92 -15.40
N ILE A 25 1.50 3.46 -15.41
CA ILE A 25 0.78 3.78 -14.21
C ILE A 25 0.78 2.64 -13.21
N LEU A 26 0.02 2.80 -12.14
CA LEU A 26 0.03 1.83 -11.06
C LEU A 26 -1.24 1.78 -10.26
N GLN A 27 -1.05 1.34 -9.03
CA GLN A 27 -2.13 1.23 -8.07
C GLN A 27 -1.68 0.38 -6.86
N CYS A 28 -0.78 0.95 -6.06
CA CYS A 28 -0.26 0.26 -4.87
C CYS A 28 -1.25 -0.77 -4.35
N MET A 29 -1.04 -2.03 -4.71
CA MET A 29 -1.93 -3.10 -4.28
C MET A 29 -1.16 -4.18 -3.52
N GLY A 30 -1.82 -4.76 -2.52
CA GLY A 30 -1.20 -5.80 -1.72
C GLY A 30 -1.51 -5.66 -0.24
N CYS A 31 -0.64 -6.21 0.60
CA CYS A 31 -0.82 -6.15 2.05
C CYS A 31 0.50 -6.31 2.78
N CYS A 32 0.89 -5.29 3.54
CA CYS A 32 2.14 -5.33 4.29
C CYS A 32 2.24 -6.61 5.11
N PHE A 33 3.36 -7.31 4.98
CA PHE A 33 3.57 -8.55 5.72
C PHE A 33 4.98 -8.61 6.31
N SER A 34 5.17 -9.50 7.28
CA SER A 34 6.46 -9.66 7.93
C SER A 34 6.77 -8.48 8.84
N ARG A 35 6.05 -8.39 9.95
CA ARG A 35 6.25 -7.30 10.90
C ARG A 35 5.73 -7.67 12.29
N ALA A 36 6.06 -8.88 12.72
CA ALA A 36 5.62 -9.36 14.03
C ALA A 36 6.48 -10.52 14.51
N TYR A 37 7.14 -10.32 15.65
CA TYR A 37 8.01 -11.34 16.23
C TYR A 37 8.13 -11.15 17.74
N PRO A 38 7.16 -11.67 18.50
CA PRO A 38 7.15 -11.56 19.96
C PRO A 38 8.16 -12.48 20.63
N THR A 39 8.09 -12.57 21.95
CA THR A 39 9.01 -13.41 22.71
C THR A 39 8.50 -13.63 24.13
N PRO A 40 8.60 -14.87 24.63
CA PRO A 40 8.16 -15.23 25.97
C PRO A 40 9.22 -14.96 27.03
N LEU A 41 10.02 -13.94 26.80
CA LEU A 41 11.09 -13.58 27.73
C LEU A 41 10.73 -12.32 28.52
N ARG A 42 11.72 -11.75 29.19
CA ARG A 42 11.50 -10.54 29.99
C ARG A 42 12.71 -9.62 29.93
N SER A 43 12.46 -8.31 29.89
CA SER A 43 13.54 -7.33 29.83
C SER A 43 14.34 -7.48 28.55
N LYS A 44 14.14 -6.54 27.62
CA LYS A 44 14.85 -6.57 26.34
C LYS A 44 14.31 -5.50 25.40
N LYS A 45 13.16 -5.77 24.80
CA LYS A 45 12.53 -4.83 23.89
C LYS A 45 13.45 -4.53 22.70
N THR A 46 13.12 -5.09 21.55
CA THR A 46 13.91 -4.88 20.34
C THR A 46 13.01 -4.51 19.17
N MET A 47 11.74 -4.28 19.45
CA MET A 47 10.78 -3.91 18.43
C MET A 47 10.41 -2.43 18.52
N LEU A 48 11.28 -1.66 19.17
CA LEU A 48 11.05 -0.23 19.32
C LEU A 48 11.79 0.56 18.25
N VAL A 49 12.25 -0.13 17.22
CA VAL A 49 12.96 0.52 16.13
C VAL A 49 12.15 1.67 15.55
N GLN A 50 12.69 2.88 15.63
CA GLN A 50 12.02 4.07 15.13
C GLN A 50 10.84 3.70 14.22
N LYS A 51 9.64 3.72 14.79
CA LYS A 51 8.44 3.38 14.02
C LYS A 51 7.19 3.45 14.88
N ASN A 52 6.03 3.55 14.24
CA ASN A 52 4.77 3.60 14.96
C ASN A 52 4.50 2.30 15.69
N VAL A 53 3.89 2.39 16.87
CA VAL A 53 3.58 1.21 17.67
C VAL A 53 2.09 0.91 17.66
N THR A 54 1.75 -0.37 17.72
CA THR A 54 0.35 -0.79 17.72
C THR A 54 -0.37 -0.32 16.47
N SER A 55 -1.23 -1.17 15.93
CA SER A 55 -1.99 -0.83 14.72
C SER A 55 -2.62 -2.08 14.10
N GLU A 56 -3.91 -2.03 13.85
CA GLU A 56 -4.63 -3.15 13.27
C GLU A 56 -4.56 -3.12 11.74
N SER A 57 -5.29 -4.03 11.10
CA SER A 57 -5.32 -4.12 9.64
C SER A 57 -4.89 -2.80 8.99
N THR A 58 -3.84 -2.85 8.18
CA THR A 58 -3.34 -1.66 7.51
C THR A 58 -3.56 -1.76 6.01
N CYS A 59 -3.48 -0.61 5.33
CA CYS A 59 -3.68 -0.56 3.89
C CYS A 59 -2.62 0.30 3.22
N CYS A 60 -1.95 -0.26 2.23
CA CYS A 60 -0.90 0.45 1.51
C CYS A 60 -1.48 1.58 0.66
N VAL A 61 -1.92 2.64 1.33
CA VAL A 61 -2.49 3.79 0.63
C VAL A 61 -1.41 4.75 0.16
N ALA A 62 -0.80 4.44 -0.99
CA ALA A 62 0.26 5.25 -1.57
C ALA A 62 0.60 6.47 -0.72
N LYS A 63 1.80 6.49 -0.16
CA LYS A 63 2.25 7.61 0.63
C LYS A 63 2.12 8.86 -0.21
N SER A 64 2.47 8.70 -1.48
CA SER A 64 2.38 9.76 -2.45
C SER A 64 1.63 9.23 -3.67
N TYR A 65 1.41 10.09 -4.66
CA TYR A 65 0.70 9.66 -5.86
C TYR A 65 0.94 10.58 -7.02
N ASN A 66 0.80 10.01 -8.21
CA ASN A 66 0.95 10.79 -9.44
C ASN A 66 -0.29 10.55 -10.28
N ARG A 67 -1.35 10.31 -9.55
CA ARG A 67 -2.67 10.03 -10.08
C ARG A 67 -2.76 10.30 -11.58
N VAL A 68 -3.37 9.34 -12.27
CA VAL A 68 -3.56 9.43 -13.71
C VAL A 68 -4.90 8.84 -14.10
N THR A 69 -5.94 9.20 -13.36
CA THR A 69 -7.29 8.69 -13.62
C THR A 69 -7.33 7.91 -14.93
N VAL A 70 -7.68 6.64 -14.85
CA VAL A 70 -7.72 5.79 -16.03
C VAL A 70 -9.08 5.15 -16.23
N MET A 71 -9.11 4.24 -17.19
CA MET A 71 -10.32 3.51 -17.55
C MET A 71 -11.57 4.38 -17.42
N GLY A 72 -12.51 3.91 -16.63
CA GLY A 72 -13.74 4.62 -16.43
C GLY A 72 -13.64 5.68 -15.34
N GLY A 73 -12.51 6.36 -15.28
CA GLY A 73 -12.29 7.38 -14.28
C GLY A 73 -11.50 6.87 -13.11
N PHE A 74 -10.73 5.81 -13.34
CA PHE A 74 -9.90 5.20 -12.31
C PHE A 74 -9.07 6.25 -11.59
N LYS A 75 -8.24 5.80 -10.66
CA LYS A 75 -7.39 6.69 -9.88
C LYS A 75 -6.23 5.91 -9.27
N VAL A 76 -5.16 5.76 -10.06
CA VAL A 76 -3.98 5.04 -9.61
C VAL A 76 -3.08 5.92 -8.80
N GLU A 77 -3.58 7.09 -8.51
CA GLU A 77 -2.80 8.07 -7.78
C GLU A 77 -1.34 7.75 -8.04
N ASN A 78 -1.05 7.47 -9.31
CA ASN A 78 0.26 7.02 -9.72
C ASN A 78 1.11 6.87 -8.49
N HIS A 79 0.77 5.89 -7.70
CA HIS A 79 1.47 5.67 -6.48
C HIS A 79 2.95 5.70 -6.68
N THR A 80 3.56 6.72 -6.12
CA THR A 80 4.99 6.92 -6.20
C THR A 80 5.61 6.59 -4.86
N ALA A 81 4.74 6.45 -3.87
CA ALA A 81 5.15 6.09 -2.51
C ALA A 81 4.03 5.35 -1.81
N CYS A 82 4.37 4.34 -1.03
CA CYS A 82 3.36 3.55 -0.32
C CYS A 82 3.64 3.52 1.18
N HIS A 83 2.63 3.13 1.95
CA HIS A 83 2.76 3.03 3.39
C HIS A 83 1.50 2.42 4.00
N CYS A 84 1.65 1.20 4.52
CA CYS A 84 0.54 0.49 5.14
C CYS A 84 0.01 1.26 6.35
N SER A 85 -1.26 1.64 6.29
CA SER A 85 -1.87 2.39 7.39
C SER A 85 -3.39 2.50 7.20
N THR A 86 -4.12 2.29 8.28
CA THR A 86 -5.58 2.38 8.23
C THR A 86 -6.02 3.49 7.30
N CYS A 87 -7.03 3.20 6.48
CA CYS A 87 -7.54 4.20 5.54
C CYS A 87 -9.04 4.43 5.76
N TYR A 88 -9.50 5.62 5.38
CA TYR A 88 -10.90 5.98 5.54
C TYR A 88 -11.63 5.89 4.20
N TYR A 89 -12.96 5.90 4.26
CA TYR A 89 -13.77 5.81 3.06
C TYR A 89 -14.83 6.91 3.05
N HIS A 90 -15.94 6.66 3.76
CA HIS A 90 -17.03 7.63 3.84
C HIS A 90 -17.68 7.58 5.22
N LYS A 91 -16.98 6.98 6.18
CA LYS A 91 -17.48 6.88 7.54
C LYS A 91 -17.65 8.25 8.18
N SER A 92 -16.59 9.06 8.12
CA SER A 92 -16.63 10.40 8.70
C SER A 92 -17.80 11.20 8.14
N ALA A 1 -3.03 -24.70 -0.42
CA ALA A 1 -3.97 -23.76 0.22
C ALA A 1 -3.94 -22.39 -0.46
N PRO A 2 -2.83 -21.65 -0.30
CA PRO A 2 -2.68 -20.32 -0.89
C PRO A 2 -2.55 -20.38 -2.41
N ASP A 3 -2.66 -19.23 -3.06
CA ASP A 3 -2.55 -19.15 -4.51
C ASP A 3 -1.08 -19.05 -4.93
N VAL A 4 -0.67 -17.85 -5.35
CA VAL A 4 0.71 -17.63 -5.77
C VAL A 4 1.01 -16.13 -5.81
N GLN A 5 0.41 -15.39 -4.88
CA GLN A 5 0.60 -13.95 -4.80
C GLN A 5 1.82 -13.61 -3.96
N ASP A 6 2.14 -12.32 -3.92
CA ASP A 6 3.28 -11.85 -3.14
C ASP A 6 3.23 -10.33 -3.03
N CYS A 7 2.03 -9.79 -2.92
CA CYS A 7 1.83 -8.35 -2.80
C CYS A 7 0.34 -8.01 -2.75
N PRO A 8 -0.44 -8.49 -3.73
CA PRO A 8 -1.87 -8.23 -3.79
C PRO A 8 -2.48 -8.05 -2.42
N GLU A 9 -3.31 -7.02 -2.28
CA GLU A 9 -3.97 -6.73 -1.01
C GLU A 9 -3.10 -5.79 -0.18
N CYS A 10 -3.75 -4.96 0.63
CA CYS A 10 -3.04 -4.01 1.46
C CYS A 10 -2.81 -4.53 2.88
N THR A 11 -1.53 -4.59 3.26
CA THR A 11 -1.15 -5.06 4.60
C THR A 11 0.04 -4.25 5.10
N LEU A 12 0.98 -4.92 5.77
CA LEU A 12 2.15 -4.23 6.28
C LEU A 12 3.44 -4.81 5.72
N GLN A 13 4.41 -3.94 5.50
CA GLN A 13 5.69 -4.36 4.97
C GLN A 13 6.66 -4.54 6.10
N GLU A 14 6.17 -5.16 7.13
CA GLU A 14 6.94 -5.41 8.34
C GLU A 14 8.33 -4.86 8.21
N ASN A 15 8.62 -3.93 9.07
CA ASN A 15 9.90 -3.26 9.11
C ASN A 15 11.05 -4.24 8.98
N PRO A 16 11.83 -4.13 7.89
CA PRO A 16 12.99 -4.99 7.67
C PRO A 16 14.20 -4.45 8.42
N PHE A 17 13.92 -3.60 9.39
CA PHE A 17 14.95 -2.99 10.21
C PHE A 17 14.64 -3.19 11.69
N PHE A 18 13.43 -2.78 12.06
CA PHE A 18 12.97 -2.91 13.45
C PHE A 18 12.60 -4.35 13.77
N SER A 19 12.45 -5.16 12.73
CA SER A 19 12.07 -6.56 12.92
C SER A 19 12.98 -7.23 13.94
N GLN A 20 12.46 -7.46 15.12
CA GLN A 20 13.21 -8.11 16.19
C GLN A 20 12.44 -9.30 16.75
N PRO A 21 13.15 -10.24 17.40
CA PRO A 21 12.52 -11.43 17.99
C PRO A 21 11.45 -11.07 19.01
N GLY A 22 10.39 -10.43 18.53
CA GLY A 22 9.31 -10.02 19.40
C GLY A 22 8.67 -8.73 18.95
N ALA A 23 9.32 -8.05 18.01
CA ALA A 23 8.81 -6.78 17.51
C ALA A 23 9.15 -6.57 16.04
N PRO A 24 8.15 -6.80 15.20
CA PRO A 24 8.25 -6.70 13.77
C PRO A 24 7.55 -5.47 13.20
N ILE A 25 8.18 -4.32 13.40
CA ILE A 25 7.65 -3.07 12.91
C ILE A 25 7.14 -3.18 11.49
N LEU A 26 6.68 -2.07 10.93
CA LEU A 26 6.08 -2.11 9.61
C LEU A 26 6.20 -0.85 8.82
N GLN A 27 5.28 -0.76 7.89
CA GLN A 27 5.19 0.35 6.99
C GLN A 27 4.21 0.06 5.84
N CYS A 28 3.00 -0.37 6.22
CA CYS A 28 1.92 -0.70 5.29
C CYS A 28 2.41 -1.07 3.90
N MET A 29 2.08 -2.30 3.47
CA MET A 29 2.46 -2.77 2.15
C MET A 29 1.53 -2.18 1.08
N GLY A 30 0.24 -2.28 1.31
CA GLY A 30 -0.73 -1.76 0.37
C GLY A 30 -0.43 -2.16 -1.07
N CYS A 31 -1.15 -3.16 -1.58
CA CYS A 31 -0.96 -3.61 -2.94
C CYS A 31 -2.22 -3.40 -3.75
N CYS A 32 -2.74 -2.19 -3.68
CA CYS A 32 -3.96 -1.83 -4.40
C CYS A 32 -3.95 -2.43 -5.80
N PHE A 33 -4.94 -3.27 -6.08
CA PHE A 33 -5.05 -3.91 -7.38
C PHE A 33 -5.77 -3.00 -8.36
N SER A 34 -5.14 -1.87 -8.67
CA SER A 34 -5.72 -0.90 -9.60
C SER A 34 -4.67 -0.40 -10.59
N ARG A 35 -4.41 -1.20 -11.62
CA ARG A 35 -3.43 -0.84 -12.64
C ARG A 35 -4.04 -0.89 -14.03
N ALA A 36 -3.57 -0.02 -14.91
CA ALA A 36 -4.07 0.03 -16.28
C ALA A 36 -3.24 -0.87 -17.20
N TYR A 37 -3.85 -1.98 -17.63
CA TYR A 37 -3.19 -2.95 -18.50
C TYR A 37 -1.77 -2.52 -18.87
N PRO A 38 -0.77 -3.33 -18.49
CA PRO A 38 0.63 -3.03 -18.78
C PRO A 38 0.98 -3.17 -20.26
N THR A 39 1.44 -2.08 -20.85
CA THR A 39 1.81 -2.07 -22.26
C THR A 39 0.62 -2.46 -23.13
N PRO A 40 0.66 -2.09 -24.42
CA PRO A 40 -0.40 -2.38 -25.37
C PRO A 40 -0.91 -3.81 -25.23
N LEU A 41 -1.95 -3.99 -24.43
CA LEU A 41 -2.54 -5.31 -24.21
C LEU A 41 -4.01 -5.33 -24.63
N ARG A 42 -4.88 -4.88 -23.74
CA ARG A 42 -6.31 -4.85 -24.03
C ARG A 42 -6.76 -3.45 -24.41
N SER A 43 -6.64 -3.13 -25.69
CA SER A 43 -7.03 -1.82 -26.19
C SER A 43 -7.55 -1.92 -27.61
N LYS A 44 -8.87 -1.82 -27.76
CA LYS A 44 -9.50 -1.92 -29.08
C LYS A 44 -9.24 -0.65 -29.89
N LYS A 45 -9.56 0.50 -29.31
CA LYS A 45 -9.36 1.78 -29.99
C LYS A 45 -8.77 2.81 -29.03
N THR A 46 -8.39 3.96 -29.59
CA THR A 46 -7.80 5.03 -28.78
C THR A 46 -8.56 6.34 -28.96
N MET A 47 -8.73 7.07 -27.86
CA MET A 47 -9.44 8.34 -27.89
C MET A 47 -8.91 9.27 -26.79
N LEU A 48 -8.63 8.70 -25.62
CA LEU A 48 -8.13 9.47 -24.49
C LEU A 48 -7.63 8.54 -23.39
N VAL A 49 -6.31 8.41 -23.29
CA VAL A 49 -5.70 7.55 -22.28
C VAL A 49 -4.30 8.03 -21.93
N GLN A 50 -3.50 7.15 -21.33
CA GLN A 50 -2.15 7.50 -20.93
C GLN A 50 -2.17 8.52 -19.81
N LYS A 51 -1.24 8.39 -18.86
CA LYS A 51 -1.17 9.30 -17.73
C LYS A 51 -2.44 9.18 -16.89
N ASN A 52 -2.44 9.78 -15.70
CA ASN A 52 -3.59 9.71 -14.82
C ASN A 52 -3.58 10.82 -13.79
N VAL A 53 -4.25 11.93 -14.12
CA VAL A 53 -4.33 13.07 -13.22
C VAL A 53 -3.13 13.12 -12.27
N THR A 54 -3.38 13.44 -10.99
CA THR A 54 -2.31 13.51 -10.00
C THR A 54 -1.32 12.37 -10.19
N SER A 55 -1.79 11.27 -10.78
CA SER A 55 -0.95 10.10 -11.03
C SER A 55 -1.17 9.05 -9.94
N GLU A 56 -0.88 9.42 -8.70
CA GLU A 56 -1.04 8.50 -7.58
C GLU A 56 -2.30 8.82 -6.79
N SER A 57 -3.36 8.04 -7.04
CA SER A 57 -4.63 8.24 -6.34
C SER A 57 -4.72 7.36 -5.10
N THR A 58 -4.93 6.06 -5.32
CA THR A 58 -5.03 5.10 -4.22
C THR A 58 -3.80 5.17 -3.33
N CYS A 59 -3.98 4.93 -2.05
CA CYS A 59 -2.87 4.96 -1.10
C CYS A 59 -3.28 4.42 0.26
N CYS A 60 -2.44 3.57 0.84
CA CYS A 60 -2.72 2.98 2.14
C CYS A 60 -2.00 3.74 3.25
N VAL A 61 -2.77 4.49 4.04
CA VAL A 61 -2.22 5.25 5.14
C VAL A 61 -2.58 4.63 6.48
N ALA A 62 -1.96 3.48 6.76
CA ALA A 62 -2.22 2.74 8.01
C ALA A 62 -3.49 3.20 8.70
N LYS A 63 -4.53 2.38 8.62
CA LYS A 63 -5.80 2.69 9.27
C LYS A 63 -5.56 2.93 10.75
N SER A 64 -4.57 2.21 11.28
CA SER A 64 -4.19 2.32 12.67
C SER A 64 -2.69 2.07 12.79
N TYR A 65 -1.99 3.00 13.42
CA TYR A 65 -0.54 2.90 13.57
C TYR A 65 -0.12 2.63 15.00
N ASN A 66 1.10 2.11 15.15
CA ASN A 66 1.67 1.87 16.46
C ASN A 66 3.07 2.43 16.47
N ARG A 67 3.20 3.42 15.62
CA ARG A 67 4.43 4.16 15.41
C ARG A 67 5.52 3.75 16.39
N VAL A 68 6.64 3.34 15.82
CA VAL A 68 7.80 2.93 16.59
C VAL A 68 9.04 3.65 16.10
N THR A 69 8.91 4.95 15.92
CA THR A 69 10.01 5.76 15.43
C THR A 69 11.35 5.08 15.64
N VAL A 70 12.04 4.83 14.55
CA VAL A 70 13.32 4.16 14.59
C VAL A 70 14.46 5.09 14.27
N MET A 71 15.58 4.48 13.94
CA MET A 71 16.78 5.19 13.61
C MET A 71 16.48 6.43 12.77
N GLY A 72 17.15 7.51 13.08
CA GLY A 72 16.93 8.75 12.36
C GLY A 72 15.55 9.31 12.63
N GLY A 73 14.88 8.72 13.61
CA GLY A 73 13.53 9.17 13.97
C GLY A 73 12.49 8.69 12.98
N PHE A 74 12.76 7.57 12.33
CA PHE A 74 11.83 7.00 11.37
C PHE A 74 10.42 6.99 11.94
N LYS A 75 9.45 6.53 11.15
CA LYS A 75 8.07 6.47 11.59
C LYS A 75 7.28 5.42 10.81
N VAL A 76 7.21 4.22 11.38
CA VAL A 76 6.47 3.12 10.76
C VAL A 76 5.07 3.10 11.26
N GLU A 77 4.72 4.15 11.96
CA GLU A 77 3.40 4.24 12.56
C GLU A 77 2.96 2.82 12.79
N ASN A 78 3.95 2.03 13.24
CA ASN A 78 3.80 0.62 13.42
C ASN A 78 2.40 0.21 13.03
N HIS A 79 2.17 0.33 11.74
CA HIS A 79 0.88 0.07 11.15
C HIS A 79 0.22 -1.17 11.70
N THR A 80 -0.92 -0.94 12.29
CA THR A 80 -1.74 -2.00 12.85
C THR A 80 -2.83 -2.34 11.87
N ALA A 81 -3.05 -1.40 10.95
CA ALA A 81 -4.05 -1.56 9.91
C ALA A 81 -3.81 -0.55 8.79
N CYS A 82 -4.19 -0.91 7.57
CA CYS A 82 -4.02 -0.03 6.42
C CYS A 82 -5.37 0.29 5.77
N HIS A 83 -5.34 1.04 4.69
CA HIS A 83 -6.57 1.40 3.98
C HIS A 83 -6.27 2.21 2.73
N CYS A 84 -6.49 1.58 1.57
CA CYS A 84 -6.25 2.23 0.28
C CYS A 84 -7.23 3.38 0.07
N SER A 85 -6.69 4.59 -0.02
CA SER A 85 -7.53 5.78 -0.23
C SER A 85 -6.82 6.79 -1.13
N THR A 86 -7.42 7.96 -1.27
CA THR A 86 -6.87 9.02 -2.11
C THR A 86 -6.13 10.04 -1.27
N CYS A 87 -5.62 9.60 -0.11
CA CYS A 87 -4.89 10.50 0.78
C CYS A 87 -5.48 11.90 0.73
N TYR A 88 -6.70 12.03 1.24
CA TYR A 88 -7.39 13.31 1.25
C TYR A 88 -8.85 13.12 1.64
N TYR A 89 -9.63 14.20 1.66
CA TYR A 89 -11.03 14.12 2.02
C TYR A 89 -11.19 13.83 3.51
N HIS A 90 -12.43 13.66 3.95
CA HIS A 90 -12.72 13.36 5.36
C HIS A 90 -11.67 14.01 6.26
N LYS A 91 -11.45 13.42 7.44
CA LYS A 91 -10.47 13.94 8.38
C LYS A 91 -9.52 12.84 8.85
N SER A 92 -8.64 13.19 9.78
CA SER A 92 -7.68 12.22 10.31
C SER A 92 -7.32 12.55 11.75
N ALA A 1 -13.39 -13.24 6.06
CA ALA A 1 -13.08 -11.92 5.45
C ALA A 1 -12.69 -12.09 3.98
N PRO A 2 -13.06 -11.12 3.13
CA PRO A 2 -12.76 -11.16 1.70
C PRO A 2 -11.29 -10.83 1.42
N ASP A 3 -11.01 -9.57 1.07
CA ASP A 3 -9.65 -9.14 0.77
C ASP A 3 -8.80 -10.30 0.25
N VAL A 4 -9.41 -11.14 -0.58
CA VAL A 4 -8.71 -12.29 -1.15
C VAL A 4 -7.75 -12.90 -0.12
N GLN A 5 -6.63 -13.43 -0.59
CA GLN A 5 -5.64 -14.03 0.30
C GLN A 5 -4.44 -13.12 0.47
N ASP A 6 -3.44 -13.59 1.21
CA ASP A 6 -2.23 -12.81 1.45
C ASP A 6 -1.55 -12.44 0.14
N CYS A 7 -1.28 -11.15 -0.03
CA CYS A 7 -0.63 -10.66 -1.25
C CYS A 7 0.66 -9.92 -0.92
N PRO A 8 1.45 -9.58 -1.94
CA PRO A 8 2.72 -8.86 -1.77
C PRO A 8 2.54 -7.52 -1.08
N GLU A 9 3.66 -6.92 -0.68
CA GLU A 9 3.64 -5.63 0.00
C GLU A 9 3.24 -4.52 -0.96
N CYS A 10 2.25 -3.74 -0.55
CA CYS A 10 1.75 -2.63 -1.37
C CYS A 10 2.85 -1.59 -1.61
N THR A 11 3.00 -1.16 -2.85
CA THR A 11 4.01 -0.17 -3.19
C THR A 11 3.67 0.54 -4.49
N LEU A 12 3.94 -0.14 -5.56
CA LEU A 12 3.71 0.37 -6.91
C LEU A 12 3.98 -0.71 -7.93
N GLN A 13 2.98 -1.04 -8.73
CA GLN A 13 3.14 -2.06 -9.75
C GLN A 13 3.11 -1.46 -11.13
N GLU A 14 3.96 -0.49 -11.31
CA GLU A 14 4.07 0.25 -12.55
C GLU A 14 3.16 -0.33 -13.62
N ASN A 15 2.26 0.50 -14.07
CA ASN A 15 1.28 0.13 -15.07
C ASN A 15 1.89 -0.16 -16.43
N PRO A 16 1.81 -1.42 -16.88
CA PRO A 16 2.32 -1.82 -18.17
C PRO A 16 1.26 -1.59 -19.24
N PHE A 17 0.24 -0.83 -18.86
CA PHE A 17 -0.87 -0.50 -19.74
C PHE A 17 -0.70 0.90 -20.30
N PHE A 18 -0.76 1.87 -19.39
CA PHE A 18 -0.60 3.27 -19.75
C PHE A 18 0.83 3.54 -20.18
N SER A 19 1.72 2.66 -19.75
CA SER A 19 3.14 2.76 -20.06
C SER A 19 3.35 3.45 -21.41
N GLN A 20 3.98 4.61 -21.35
CA GLN A 20 4.27 5.39 -22.56
C GLN A 20 5.75 5.74 -22.59
N PRO A 21 6.25 6.20 -23.75
CA PRO A 21 7.66 6.57 -23.90
C PRO A 21 8.17 7.41 -22.72
N GLY A 22 8.50 6.74 -21.63
CA GLY A 22 8.98 7.42 -20.46
C GLY A 22 7.93 7.55 -19.37
N ALA A 23 7.10 6.51 -19.23
CA ALA A 23 6.03 6.52 -18.22
C ALA A 23 5.23 5.25 -18.26
N PRO A 24 5.56 4.35 -17.34
CA PRO A 24 4.96 3.03 -17.20
C PRO A 24 3.94 2.97 -16.06
N ILE A 25 3.23 4.07 -15.87
CA ILE A 25 2.21 4.19 -14.85
C ILE A 25 2.36 3.21 -13.70
N LEU A 26 1.41 3.23 -12.77
CA LEU A 26 1.50 2.41 -11.57
C LEU A 26 0.18 2.09 -10.95
N GLN A 27 0.27 1.71 -9.70
CA GLN A 27 -0.91 1.35 -8.91
C GLN A 27 -0.54 0.57 -7.65
N CYS A 28 0.23 1.20 -6.76
CA CYS A 28 0.64 0.57 -5.50
C CYS A 28 -0.27 -0.60 -5.15
N MET A 29 0.07 -1.78 -5.67
CA MET A 29 -0.72 -2.98 -5.42
C MET A 29 -0.05 -3.85 -4.36
N GLY A 30 -0.86 -4.56 -3.61
CA GLY A 30 -0.34 -5.43 -2.57
C GLY A 30 -1.32 -5.59 -1.42
N CYS A 31 -0.92 -5.08 -0.25
CA CYS A 31 -1.76 -5.16 0.94
C CYS A 31 -0.94 -4.96 2.20
N CYS A 32 -1.49 -4.24 3.17
CA CYS A 32 -0.79 -3.97 4.42
C CYS A 32 -1.16 -5.01 5.48
N PHE A 33 -0.17 -5.81 5.86
CA PHE A 33 -0.37 -6.84 6.87
C PHE A 33 -1.43 -6.42 7.88
N SER A 34 -2.21 -7.40 8.36
CA SER A 34 -3.27 -7.13 9.32
C SER A 34 -3.19 -8.09 10.50
N ARG A 35 -2.17 -8.93 10.50
CA ARG A 35 -1.98 -9.91 11.57
C ARG A 35 -1.11 -9.35 12.68
N ALA A 36 -1.61 -9.43 13.91
CA ALA A 36 -0.87 -8.95 15.07
C ALA A 36 0.18 -9.96 15.51
N TYR A 37 1.43 -9.67 15.22
CA TYR A 37 2.53 -10.55 15.56
C TYR A 37 2.84 -10.53 17.05
N PRO A 38 2.73 -11.70 17.71
CA PRO A 38 3.01 -11.82 19.14
C PRO A 38 4.50 -11.97 19.41
N THR A 39 5.03 -11.14 20.31
CA THR A 39 6.45 -11.18 20.64
C THR A 39 7.27 -10.68 19.45
N PRO A 40 7.77 -9.44 19.53
CA PRO A 40 8.55 -8.82 18.47
C PRO A 40 10.04 -9.21 18.51
N LEU A 41 10.85 -8.48 17.76
CA LEU A 41 12.28 -8.72 17.71
C LEU A 41 13.03 -7.76 18.63
N ARG A 42 14.27 -7.44 18.28
CA ARG A 42 15.08 -6.53 19.08
C ARG A 42 14.31 -5.25 19.37
N SER A 43 13.92 -5.07 20.63
CA SER A 43 13.17 -3.88 21.04
C SER A 43 13.00 -3.82 22.55
N LYS A 44 12.47 -2.71 23.04
CA LYS A 44 12.24 -2.52 24.46
C LYS A 44 10.77 -2.26 24.76
N LYS A 45 10.47 -1.82 25.97
CA LYS A 45 9.10 -1.54 26.38
C LYS A 45 8.11 -2.36 25.58
N THR A 46 7.78 -3.55 26.10
CA THR A 46 6.84 -4.44 25.44
C THR A 46 5.77 -3.67 24.68
N MET A 47 4.94 -2.93 25.42
CA MET A 47 3.87 -2.15 24.80
C MET A 47 4.32 -0.74 24.49
N LEU A 48 3.47 -0.01 23.78
CA LEU A 48 3.77 1.37 23.40
C LEU A 48 5.19 1.50 22.85
N VAL A 49 5.41 0.96 21.66
CA VAL A 49 6.71 1.02 21.01
C VAL A 49 6.77 2.17 20.01
N GLN A 50 7.80 3.00 20.12
CA GLN A 50 7.96 4.14 19.22
C GLN A 50 9.08 3.90 18.24
N LYS A 51 8.73 3.42 17.05
CA LYS A 51 9.72 3.14 16.01
C LYS A 51 9.20 3.60 14.65
N ASN A 52 9.80 4.67 14.12
CA ASN A 52 9.41 5.21 12.83
C ASN A 52 8.24 6.17 12.98
N VAL A 53 7.90 6.87 11.89
CA VAL A 53 6.81 7.82 11.90
C VAL A 53 5.72 7.43 10.91
N THR A 54 4.62 6.87 11.43
CA THR A 54 3.51 6.45 10.60
C THR A 54 3.93 5.31 9.67
N SER A 55 4.38 4.20 10.25
CA SER A 55 4.82 3.05 9.49
C SER A 55 3.61 2.33 8.87
N GLU A 56 3.17 1.26 9.53
CA GLU A 56 2.03 0.49 9.04
C GLU A 56 0.78 0.80 9.86
N SER A 57 -0.13 1.55 9.27
CA SER A 57 -1.36 1.93 9.95
C SER A 57 -2.55 1.09 9.47
N THR A 58 -2.89 1.23 8.19
CA THR A 58 -4.00 0.48 7.61
C THR A 58 -3.63 -0.11 6.27
N CYS A 59 -4.41 0.23 5.24
CA CYS A 59 -4.17 -0.28 3.89
C CYS A 59 -3.52 0.79 3.02
N CYS A 60 -2.72 0.35 2.06
CA CYS A 60 -2.02 1.26 1.15
C CYS A 60 -2.99 2.27 0.53
N VAL A 61 -2.43 3.34 -0.03
CA VAL A 61 -3.23 4.38 -0.67
C VAL A 61 -2.34 5.52 -1.14
N ALA A 62 -1.35 5.17 -1.96
CA ALA A 62 -0.40 6.14 -2.53
C ALA A 62 -0.35 7.44 -1.72
N LYS A 63 0.75 7.64 -1.01
CA LYS A 63 0.96 8.85 -0.25
C LYS A 63 0.85 10.04 -1.17
N SER A 64 1.35 9.84 -2.39
CA SER A 64 1.33 10.85 -3.43
C SER A 64 1.08 10.17 -4.76
N TYR A 65 0.30 10.81 -5.62
CA TYR A 65 -0.01 10.21 -6.90
C TYR A 65 0.30 11.12 -8.07
N ASN A 66 0.43 10.50 -9.24
CA ASN A 66 0.68 11.25 -10.46
C ASN A 66 -0.36 10.86 -11.47
N ARG A 67 -1.49 10.47 -10.92
CA ARG A 67 -2.66 10.04 -11.67
C ARG A 67 -2.53 10.35 -13.15
N VAL A 68 -2.76 9.33 -13.96
CA VAL A 68 -2.70 9.47 -15.41
C VAL A 68 -3.90 8.80 -16.04
N THR A 69 -5.05 9.02 -15.42
CA THR A 69 -6.31 8.44 -15.88
C THR A 69 -6.18 7.81 -17.25
N VAL A 70 -6.41 6.51 -17.31
CA VAL A 70 -6.32 5.75 -18.54
C VAL A 70 -7.61 5.02 -18.86
N MET A 71 -7.51 4.13 -19.85
CA MET A 71 -8.65 3.34 -20.29
C MET A 71 -9.94 4.14 -20.20
N GLY A 72 -10.94 3.53 -19.59
CA GLY A 72 -12.22 4.19 -19.45
C GLY A 72 -12.27 5.16 -18.29
N GLY A 73 -11.14 5.80 -18.01
CA GLY A 73 -11.08 6.76 -16.92
C GLY A 73 -10.36 6.23 -15.70
N PHE A 74 -9.47 5.26 -15.92
CA PHE A 74 -8.71 4.68 -14.81
C PHE A 74 -8.01 5.78 -14.02
N LYS A 75 -7.39 5.40 -12.91
CA LYS A 75 -6.69 6.36 -12.08
C LYS A 75 -5.61 5.68 -11.23
N VAL A 76 -4.43 5.53 -11.80
CA VAL A 76 -3.30 4.92 -11.11
C VAL A 76 -2.67 5.89 -10.18
N GLU A 77 -3.33 7.01 -10.04
CA GLU A 77 -2.81 8.08 -9.22
C GLU A 77 -1.30 7.96 -9.32
N ASN A 78 -0.89 7.65 -10.56
CA ASN A 78 0.50 7.39 -10.88
C ASN A 78 1.32 7.47 -9.61
N HIS A 79 1.02 6.52 -8.74
CA HIS A 79 1.62 6.44 -7.42
C HIS A 79 3.09 6.81 -7.40
N THR A 80 3.36 7.85 -6.66
CA THR A 80 4.71 8.33 -6.47
C THR A 80 5.18 7.95 -5.09
N ALA A 81 4.21 7.65 -4.23
CA ALA A 81 4.49 7.25 -2.86
C ALA A 81 3.30 6.49 -2.28
N CYS A 82 3.57 5.54 -1.40
CA CYS A 82 2.50 4.77 -0.78
C CYS A 82 2.57 4.84 0.75
N HIS A 83 1.41 4.78 1.38
CA HIS A 83 1.34 4.84 2.84
C HIS A 83 0.01 4.27 3.33
N CYS A 84 0.09 3.25 4.17
CA CYS A 84 -1.11 2.60 4.71
C CYS A 84 -1.81 3.50 5.72
N SER A 85 -3.13 3.35 5.82
CA SER A 85 -3.93 4.13 6.76
C SER A 85 -5.39 4.19 6.30
N THR A 86 -6.28 4.43 7.27
CA THR A 86 -7.72 4.52 6.98
C THR A 86 -7.97 4.80 5.51
N CYS A 87 -8.58 3.84 4.82
CA CYS A 87 -8.88 3.97 3.41
C CYS A 87 -10.36 3.72 3.15
N TYR A 88 -11.20 4.12 4.09
CA TYR A 88 -12.65 3.92 3.95
C TYR A 88 -12.97 2.49 3.53
N TYR A 89 -12.04 1.58 3.79
CA TYR A 89 -12.24 0.18 3.44
C TYR A 89 -13.31 -0.45 4.31
N HIS A 90 -14.54 -0.50 3.79
CA HIS A 90 -15.66 -1.08 4.53
C HIS A 90 -15.37 -2.52 4.94
N LYS A 91 -15.73 -2.86 6.16
CA LYS A 91 -15.52 -4.21 6.68
C LYS A 91 -16.83 -4.95 6.82
N SER A 92 -16.94 -6.09 6.15
CA SER A 92 -18.15 -6.91 6.21
C SER A 92 -17.82 -8.33 6.65
N ALA A 1 -8.90 -20.96 -6.57
CA ALA A 1 -7.46 -20.66 -6.40
C ALA A 1 -7.11 -20.39 -4.93
N PRO A 2 -5.87 -19.98 -4.66
CA PRO A 2 -5.41 -19.69 -3.31
C PRO A 2 -5.77 -18.27 -2.86
N ASP A 3 -6.84 -17.73 -3.44
CA ASP A 3 -7.29 -16.38 -3.10
C ASP A 3 -7.34 -16.20 -1.59
N VAL A 4 -6.22 -15.79 -1.01
CA VAL A 4 -6.13 -15.57 0.42
C VAL A 4 -5.23 -14.39 0.75
N GLN A 5 -4.97 -14.18 2.04
CA GLN A 5 -4.12 -13.07 2.47
C GLN A 5 -2.83 -13.04 1.66
N ASP A 6 -2.41 -11.84 1.26
CA ASP A 6 -1.19 -11.69 0.49
C ASP A 6 -1.08 -10.29 -0.11
N CYS A 7 -0.19 -9.48 0.43
CA CYS A 7 0.02 -8.12 -0.06
C CYS A 7 1.50 -7.78 -0.10
N PRO A 8 2.18 -8.12 -1.21
CA PRO A 8 3.60 -7.85 -1.38
C PRO A 8 3.98 -6.43 -1.00
N GLU A 9 5.28 -6.15 -0.93
CA GLU A 9 5.77 -4.85 -0.58
C GLU A 9 4.95 -3.75 -1.25
N CYS A 10 4.69 -2.69 -0.51
CA CYS A 10 3.92 -1.57 -1.02
C CYS A 10 4.73 -0.75 -2.02
N THR A 11 4.14 -0.50 -3.18
CA THR A 11 4.78 0.27 -4.24
C THR A 11 3.78 0.57 -5.33
N LEU A 12 4.26 0.67 -6.56
CA LEU A 12 3.39 0.93 -7.70
C LEU A 12 3.53 -0.16 -8.74
N GLN A 13 2.44 -0.43 -9.43
CA GLN A 13 2.43 -1.46 -10.45
C GLN A 13 2.40 -0.85 -11.84
N GLU A 14 3.26 0.12 -12.03
CA GLU A 14 3.37 0.83 -13.30
C GLU A 14 2.55 0.16 -14.36
N ASN A 15 1.49 0.82 -14.76
CA ASN A 15 0.60 0.28 -15.77
C ASN A 15 1.20 0.38 -17.15
N PRO A 16 1.51 -0.80 -17.75
CA PRO A 16 2.08 -0.88 -19.09
C PRO A 16 0.99 -0.72 -20.13
N PHE A 17 -0.19 -0.36 -19.65
CA PHE A 17 -1.35 -0.14 -20.49
C PHE A 17 -1.32 1.28 -21.01
N PHE A 18 -1.34 2.21 -20.07
CA PHE A 18 -1.33 3.62 -20.40
C PHE A 18 0.05 4.05 -20.88
N SER A 19 1.06 3.25 -20.53
CA SER A 19 2.44 3.53 -20.90
C SER A 19 2.52 4.48 -22.09
N GLN A 20 3.15 5.62 -21.85
CA GLN A 20 3.32 6.64 -22.88
C GLN A 20 4.76 7.15 -22.89
N PRO A 21 5.24 7.61 -24.06
CA PRO A 21 6.60 8.12 -24.20
C PRO A 21 6.97 9.08 -23.07
N GLY A 22 7.47 8.52 -21.98
CA GLY A 22 7.84 9.33 -20.83
C GLY A 22 6.78 9.31 -19.75
N ALA A 23 5.90 8.32 -19.81
CA ALA A 23 4.84 8.21 -18.83
C ALA A 23 4.32 6.79 -18.73
N PRO A 24 4.87 6.08 -17.75
CA PRO A 24 4.58 4.70 -17.48
C PRO A 24 3.69 4.53 -16.25
N ILE A 25 2.40 4.72 -16.47
CA ILE A 25 1.40 4.64 -15.44
C ILE A 25 1.71 3.64 -14.32
N LEU A 26 0.77 3.57 -13.38
CA LEU A 26 0.92 2.75 -12.20
C LEU A 26 -0.40 2.36 -11.59
N GLN A 27 -0.34 2.13 -10.31
CA GLN A 27 -1.49 1.75 -9.52
C GLN A 27 -1.09 0.94 -8.29
N CYS A 28 -0.33 1.60 -7.41
CA CYS A 28 0.17 1.00 -6.16
C CYS A 28 0.13 -0.52 -6.22
N MET A 29 1.32 -1.13 -6.26
CA MET A 29 1.44 -2.57 -6.32
C MET A 29 0.93 -3.24 -5.04
N GLY A 30 1.86 -3.56 -4.14
CA GLY A 30 1.50 -4.21 -2.90
C GLY A 30 0.80 -3.28 -1.93
N CYS A 31 1.14 -3.41 -0.65
CA CYS A 31 0.55 -2.59 0.40
C CYS A 31 1.13 -2.96 1.76
N CYS A 32 0.99 -2.05 2.72
CA CYS A 32 1.51 -2.29 4.07
C CYS A 32 1.36 -3.75 4.44
N PHE A 33 2.47 -4.37 4.87
CA PHE A 33 2.45 -5.76 5.27
C PHE A 33 1.62 -5.95 6.53
N SER A 34 1.84 -7.06 7.23
CA SER A 34 1.11 -7.35 8.46
C SER A 34 1.60 -6.44 9.58
N ARG A 35 1.60 -5.14 9.34
CA ARG A 35 2.05 -4.17 10.34
C ARG A 35 3.32 -4.66 11.02
N ALA A 36 3.71 -3.97 12.08
CA ALA A 36 4.91 -4.34 12.83
C ALA A 36 5.06 -5.85 12.91
N TYR A 37 6.24 -6.33 12.54
CA TYR A 37 6.52 -7.76 12.57
C TYR A 37 5.80 -8.42 13.75
N PRO A 38 5.46 -9.71 13.62
CA PRO A 38 4.78 -10.46 14.66
C PRO A 38 5.14 -9.97 16.05
N THR A 39 4.14 -9.45 16.78
CA THR A 39 4.36 -8.93 18.12
C THR A 39 3.04 -8.60 18.81
N PRO A 40 3.00 -8.67 20.16
CA PRO A 40 1.79 -8.36 20.92
C PRO A 40 1.57 -6.86 21.06
N LEU A 41 2.65 -6.13 21.35
CA LEU A 41 2.58 -4.68 21.51
C LEU A 41 3.94 -4.05 21.20
N ARG A 42 4.68 -4.69 20.31
CA ARG A 42 6.00 -4.20 19.93
C ARG A 42 7.07 -4.77 20.84
N SER A 43 6.65 -5.52 21.85
CA SER A 43 7.56 -6.12 22.81
C SER A 43 7.58 -7.64 22.67
N LYS A 44 8.78 -8.21 22.60
CA LYS A 44 8.93 -9.66 22.47
C LYS A 44 8.99 -10.33 23.83
N LYS A 45 10.17 -10.30 24.45
CA LYS A 45 10.36 -10.91 25.75
C LYS A 45 11.22 -10.04 26.65
N THR A 46 10.81 -9.90 27.91
CA THR A 46 11.54 -9.09 28.89
C THR A 46 12.37 -8.01 28.21
N MET A 47 11.70 -6.99 27.70
CA MET A 47 12.40 -5.89 27.03
C MET A 47 12.01 -4.55 27.65
N LEU A 48 11.59 -4.59 28.91
CA LEU A 48 11.20 -3.38 29.62
C LEU A 48 10.42 -2.44 28.71
N VAL A 49 9.70 -3.02 27.75
CA VAL A 49 8.91 -2.25 26.80
C VAL A 49 9.74 -1.14 26.17
N GLN A 50 9.23 -0.60 25.05
CA GLN A 50 9.92 0.48 24.35
C GLN A 50 9.09 0.97 23.17
N LYS A 51 9.33 2.20 22.75
CA LYS A 51 8.61 2.78 21.63
C LYS A 51 7.13 2.91 21.96
N ASN A 52 6.58 4.10 21.76
CA ASN A 52 5.17 4.35 22.03
C ASN A 52 4.35 4.24 20.75
N VAL A 53 3.11 4.71 20.79
CA VAL A 53 2.24 4.62 19.62
C VAL A 53 2.03 3.17 19.22
N THR A 54 0.96 2.89 18.48
CA THR A 54 0.68 1.53 18.05
C THR A 54 0.01 1.49 16.69
N SER A 55 -0.93 2.40 16.46
CA SER A 55 -1.64 2.46 15.19
C SER A 55 -2.59 1.27 15.06
N GLU A 56 -3.80 1.53 14.56
CA GLU A 56 -4.80 0.47 14.40
C GLU A 56 -4.62 -0.26 13.09
N SER A 57 -5.15 0.31 12.00
CA SER A 57 -5.05 -0.31 10.68
C SER A 57 -4.26 0.59 9.73
N THR A 58 -4.27 0.22 8.45
CA THR A 58 -3.55 0.99 7.44
C THR A 58 -3.68 0.34 6.07
N CYS A 59 -3.30 1.07 5.04
CA CYS A 59 -3.35 0.58 3.66
C CYS A 59 -2.97 1.67 2.68
N CYS A 60 -1.81 1.52 2.07
CA CYS A 60 -1.29 2.48 1.11
C CYS A 60 -2.41 3.12 0.29
N VAL A 61 -2.13 4.30 -0.25
CA VAL A 61 -3.10 5.04 -1.04
C VAL A 61 -2.41 6.18 -1.79
N ALA A 62 -1.47 5.83 -2.67
CA ALA A 62 -0.72 6.81 -3.44
C ALA A 62 -0.68 8.16 -2.72
N LYS A 63 0.44 8.44 -2.05
CA LYS A 63 0.60 9.70 -1.34
C LYS A 63 0.22 10.84 -2.27
N SER A 64 0.50 10.61 -3.55
CA SER A 64 0.19 11.59 -4.58
C SER A 64 -0.03 10.86 -5.90
N TYR A 65 -1.25 10.95 -6.42
CA TYR A 65 -1.57 10.27 -7.67
C TYR A 65 -1.54 11.21 -8.85
N ASN A 66 -1.42 10.62 -10.03
CA ASN A 66 -1.43 11.38 -11.27
C ASN A 66 -2.43 10.72 -12.20
N ARG A 67 -3.41 10.14 -11.55
CA ARG A 67 -4.50 9.43 -12.22
C ARG A 67 -4.54 9.73 -13.70
N VAL A 68 -4.46 8.67 -14.48
CA VAL A 68 -4.47 8.77 -15.93
C VAL A 68 -5.49 7.81 -16.54
N THR A 69 -6.73 7.88 -16.05
CA THR A 69 -7.79 7.01 -16.54
C THR A 69 -7.44 6.44 -17.91
N VAL A 70 -7.29 5.13 -17.97
CA VAL A 70 -6.97 4.46 -19.22
C VAL A 70 -8.10 3.61 -19.74
N MET A 71 -7.73 2.72 -20.64
CA MET A 71 -8.69 1.83 -21.26
C MET A 71 -9.76 1.38 -20.28
N GLY A 72 -10.98 1.29 -20.77
CA GLY A 72 -12.08 0.88 -19.93
C GLY A 72 -12.25 1.78 -18.72
N GLY A 73 -11.53 2.91 -18.73
CA GLY A 73 -11.62 3.84 -17.62
C GLY A 73 -10.76 3.38 -16.45
N PHE A 74 -9.48 3.19 -16.69
CA PHE A 74 -8.57 2.75 -15.65
C PHE A 74 -7.85 3.94 -15.00
N LYS A 75 -8.24 4.23 -13.77
CA LYS A 75 -7.62 5.32 -13.02
C LYS A 75 -6.53 4.80 -12.10
N VAL A 76 -5.30 4.93 -12.56
CA VAL A 76 -4.12 4.47 -11.81
C VAL A 76 -3.63 5.52 -10.88
N GLU A 77 -4.47 6.50 -10.65
CA GLU A 77 -4.08 7.62 -9.81
C GLU A 77 -2.58 7.77 -9.98
N ASN A 78 -2.17 7.54 -11.23
CA ASN A 78 -0.77 7.51 -11.59
C ASN A 78 0.07 7.86 -10.38
N HIS A 79 0.10 6.90 -9.48
CA HIS A 79 0.77 7.04 -8.21
C HIS A 79 2.16 7.62 -8.31
N THR A 80 2.27 8.85 -7.87
CA THR A 80 3.56 9.53 -7.83
C THR A 80 4.26 9.14 -6.55
N ALA A 81 3.46 8.70 -5.58
CA ALA A 81 3.96 8.27 -4.29
C ALA A 81 2.88 7.45 -3.58
N CYS A 82 3.30 6.44 -2.81
CA CYS A 82 2.34 5.59 -2.10
C CYS A 82 2.66 5.57 -0.60
N HIS A 83 1.66 5.86 0.22
CA HIS A 83 1.82 5.87 1.67
C HIS A 83 0.67 5.14 2.36
N CYS A 84 0.99 4.38 3.39
CA CYS A 84 -0.03 3.65 4.14
C CYS A 84 -0.95 4.61 4.88
N SER A 85 -2.25 4.48 4.66
CA SER A 85 -3.22 5.35 5.32
C SER A 85 -4.65 4.99 4.91
N THR A 86 -5.53 5.99 5.00
CA THR A 86 -6.94 5.81 4.65
C THR A 86 -7.52 4.58 5.35
N CYS A 87 -8.35 3.82 4.63
CA CYS A 87 -8.97 2.63 5.20
C CYS A 87 -10.07 3.00 6.17
N TYR A 88 -11.26 3.28 5.65
CA TYR A 88 -12.40 3.66 6.47
C TYR A 88 -13.72 3.42 5.72
N TYR A 89 -14.80 4.01 6.22
CA TYR A 89 -16.11 3.85 5.59
C TYR A 89 -16.66 2.45 5.81
N HIS A 90 -17.87 2.37 6.37
CA HIS A 90 -18.51 1.08 6.63
C HIS A 90 -17.48 0.06 7.12
N LYS A 91 -16.85 -0.63 6.17
CA LYS A 91 -15.84 -1.63 6.50
C LYS A 91 -14.67 -1.55 5.53
N SER A 92 -13.47 -1.85 6.01
CA SER A 92 -12.28 -1.81 5.18
C SER A 92 -11.03 -2.07 6.01
N ALA A 1 -12.38 -13.34 -9.00
CA ALA A 1 -11.59 -14.50 -9.48
C ALA A 1 -10.71 -15.06 -8.37
N PRO A 2 -10.49 -16.38 -8.37
CA PRO A 2 -9.67 -17.05 -7.36
C PRO A 2 -8.18 -16.75 -7.54
N ASP A 3 -7.62 -17.25 -8.63
CA ASP A 3 -6.21 -17.04 -8.92
C ASP A 3 -5.33 -17.64 -7.82
N VAL A 4 -4.37 -18.47 -8.21
CA VAL A 4 -3.47 -19.10 -7.25
C VAL A 4 -2.93 -18.08 -6.25
N GLN A 5 -2.04 -18.53 -5.38
CA GLN A 5 -1.45 -17.67 -4.37
C GLN A 5 -0.25 -16.92 -4.93
N ASP A 6 -0.49 -15.70 -5.43
CA ASP A 6 0.57 -14.88 -5.98
C ASP A 6 0.85 -13.69 -5.07
N CYS A 7 2.11 -13.30 -4.97
CA CYS A 7 2.50 -12.18 -4.11
C CYS A 7 2.70 -12.64 -2.68
N PRO A 8 3.55 -11.93 -1.91
CA PRO A 8 3.82 -12.26 -0.51
C PRO A 8 2.71 -11.85 0.43
N GLU A 9 1.50 -11.70 -0.11
CA GLU A 9 0.34 -11.31 0.69
C GLU A 9 0.62 -10.01 1.44
N CYS A 10 -0.16 -8.98 1.12
CA CYS A 10 0.00 -7.67 1.75
C CYS A 10 0.41 -7.82 3.22
N THR A 11 1.70 -7.63 3.48
CA THR A 11 2.23 -7.72 4.84
C THR A 11 2.79 -6.37 5.25
N LEU A 12 3.96 -6.36 5.87
CA LEU A 12 4.60 -5.12 6.29
C LEU A 12 6.07 -5.08 5.91
N GLN A 13 6.51 -3.93 5.43
CA GLN A 13 7.91 -3.77 5.05
C GLN A 13 8.70 -3.25 6.21
N GLU A 14 8.41 -3.81 7.35
CA GLU A 14 9.05 -3.41 8.60
C GLU A 14 10.18 -2.43 8.35
N ASN A 15 9.99 -1.27 8.89
CA ASN A 15 10.94 -0.19 8.73
C ASN A 15 12.25 -0.46 9.42
N PRO A 16 13.30 -0.78 8.64
CA PRO A 16 14.63 -1.00 9.15
C PRO A 16 15.31 0.34 9.31
N PHE A 17 14.49 1.37 9.10
CA PHE A 17 14.91 2.76 9.18
C PHE A 17 14.51 3.35 10.52
N PHE A 18 13.21 3.41 10.75
CA PHE A 18 12.66 3.96 11.97
C PHE A 18 12.93 3.04 13.15
N SER A 19 13.02 1.74 12.87
CA SER A 19 13.29 0.75 13.90
C SER A 19 14.09 1.35 15.04
N GLN A 20 13.50 1.38 16.22
CA GLN A 20 14.14 1.93 17.40
C GLN A 20 14.53 0.83 18.38
N PRO A 21 15.13 1.21 19.52
CA PRO A 21 15.56 0.25 20.55
C PRO A 21 14.39 -0.55 21.12
N GLY A 22 13.73 -1.32 20.25
CA GLY A 22 12.61 -2.12 20.68
C GLY A 22 11.35 -1.84 19.89
N ALA A 23 11.50 -1.49 18.63
CA ALA A 23 10.36 -1.19 17.78
C ALA A 23 10.76 -1.12 16.32
N PRO A 24 10.32 -2.13 15.56
CA PRO A 24 10.60 -2.27 14.15
C PRO A 24 9.47 -1.79 13.26
N ILE A 25 9.48 -0.50 12.99
CA ILE A 25 8.51 0.15 12.16
C ILE A 25 8.19 -0.60 10.89
N LEU A 26 7.37 0.00 10.02
CA LEU A 26 6.93 -0.65 8.80
C LEU A 26 6.46 0.31 7.74
N GLN A 27 5.64 -0.25 6.87
CA GLN A 27 5.04 0.48 5.77
C GLN A 27 4.41 -0.48 4.76
N CYS A 28 3.65 -1.43 5.29
CA CYS A 28 2.95 -2.43 4.48
C CYS A 28 3.83 -3.03 3.38
N MET A 29 3.94 -4.36 3.42
CA MET A 29 4.72 -5.11 2.44
C MET A 29 3.80 -5.97 1.57
N GLY A 30 4.35 -6.52 0.49
CA GLY A 30 3.56 -7.35 -0.39
C GLY A 30 2.56 -6.56 -1.20
N CYS A 31 1.52 -7.25 -1.69
CA CYS A 31 0.49 -6.62 -2.49
C CYS A 31 -0.86 -7.32 -2.28
N CYS A 32 -1.88 -6.84 -2.97
CA CYS A 32 -3.21 -7.43 -2.86
C CYS A 32 -3.49 -8.37 -4.02
N PHE A 33 -2.60 -9.35 -4.21
CA PHE A 33 -2.75 -10.32 -5.29
C PHE A 33 -2.72 -9.63 -6.65
N SER A 34 -1.52 -9.46 -7.19
CA SER A 34 -1.33 -8.81 -8.48
C SER A 34 0.08 -8.29 -8.63
N ARG A 35 0.85 -8.89 -9.54
CA ARG A 35 2.22 -8.48 -9.76
C ARG A 35 2.45 -8.12 -11.23
N ALA A 36 3.55 -7.41 -11.49
CA ALA A 36 3.90 -7.00 -12.83
C ALA A 36 5.02 -5.97 -12.81
N TYR A 37 5.77 -5.89 -13.91
CA TYR A 37 6.88 -4.94 -13.99
C TYR A 37 6.37 -3.50 -14.02
N PRO A 38 5.65 -3.11 -15.09
CA PRO A 38 5.12 -1.75 -15.22
C PRO A 38 3.98 -1.50 -14.24
N THR A 39 3.00 -0.70 -14.67
CA THR A 39 1.85 -0.38 -13.83
C THR A 39 0.56 -0.83 -14.49
N PRO A 40 0.00 -1.96 -14.04
CA PRO A 40 -1.25 -2.50 -14.59
C PRO A 40 -2.30 -1.41 -14.82
N LEU A 41 -2.37 -0.92 -16.05
CA LEU A 41 -3.31 0.14 -16.40
C LEU A 41 -4.70 -0.44 -16.65
N ARG A 42 -5.68 0.06 -15.91
CA ARG A 42 -7.06 -0.40 -16.05
C ARG A 42 -8.03 0.71 -15.63
N SER A 43 -8.97 1.05 -16.53
CA SER A 43 -9.94 2.09 -16.24
C SER A 43 -11.10 2.04 -17.23
N LYS A 44 -11.93 3.08 -17.21
CA LYS A 44 -13.07 3.16 -18.11
C LYS A 44 -12.88 4.26 -19.14
N LYS A 45 -11.83 5.05 -18.96
CA LYS A 45 -11.53 6.14 -19.88
C LYS A 45 -10.39 5.78 -20.82
N THR A 46 -10.72 5.04 -21.87
CA THR A 46 -9.72 4.62 -22.86
C THR A 46 -9.78 5.52 -24.09
N MET A 47 -8.62 6.05 -24.50
CA MET A 47 -8.56 6.93 -25.65
C MET A 47 -7.27 6.71 -26.45
N LEU A 48 -7.01 7.61 -27.39
CA LEU A 48 -5.82 7.52 -28.22
C LEU A 48 -4.56 7.61 -27.37
N VAL A 49 -3.40 7.53 -28.02
CA VAL A 49 -2.12 7.59 -27.33
C VAL A 49 -2.10 8.71 -26.29
N GLN A 50 -2.10 8.32 -25.01
CA GLN A 50 -2.07 9.27 -23.89
C GLN A 50 -3.18 8.96 -22.90
N LYS A 51 -2.88 9.15 -21.61
CA LYS A 51 -3.84 8.88 -20.55
C LYS A 51 -3.44 9.59 -19.26
N ASN A 52 -4.30 10.50 -18.79
CA ASN A 52 -4.02 11.25 -17.57
C ASN A 52 -4.45 10.48 -16.34
N VAL A 53 -3.88 10.84 -15.19
CA VAL A 53 -4.20 10.17 -13.93
C VAL A 53 -3.72 8.73 -13.96
N THR A 54 -3.20 8.25 -12.84
CA THR A 54 -2.70 6.88 -12.74
C THR A 54 -3.71 5.98 -12.02
N SER A 55 -3.62 4.68 -12.28
CA SER A 55 -4.53 3.72 -11.66
C SER A 55 -4.14 3.46 -10.21
N GLU A 56 -4.75 4.22 -9.30
CA GLU A 56 -4.48 4.07 -7.88
C GLU A 56 -5.14 2.80 -7.34
N SER A 57 -4.82 1.67 -7.96
CA SER A 57 -5.38 0.39 -7.57
C SER A 57 -4.95 0.01 -6.15
N THR A 58 -5.62 -1.00 -5.61
CA THR A 58 -5.33 -1.49 -4.27
C THR A 58 -5.35 -0.37 -3.24
N CYS A 59 -5.41 -0.74 -1.97
CA CYS A 59 -5.42 0.22 -0.88
C CYS A 59 -5.18 -0.48 0.44
N CYS A 60 -3.94 -0.81 0.66
CA CYS A 60 -3.51 -1.49 1.88
C CYS A 60 -3.14 -0.49 2.95
N VAL A 61 -4.05 0.44 3.23
CA VAL A 61 -3.81 1.46 4.23
C VAL A 61 -3.77 0.87 5.64
N ALA A 62 -2.91 -0.12 5.84
CA ALA A 62 -2.77 -0.76 7.14
C ALA A 62 -4.11 -0.90 7.84
N LYS A 63 -4.59 -2.14 7.96
CA LYS A 63 -5.85 -2.41 8.63
C LYS A 63 -5.84 -1.71 9.98
N SER A 64 -4.66 -1.66 10.56
CA SER A 64 -4.44 -1.02 11.85
C SER A 64 -3.02 -0.53 11.95
N TYR A 65 -2.84 0.78 11.91
CA TYR A 65 -1.52 1.37 11.96
C TYR A 65 -1.14 1.81 13.36
N ASN A 66 0.16 1.98 13.56
CA ASN A 66 0.65 2.46 14.84
C ASN A 66 1.55 3.64 14.57
N ARG A 67 1.27 4.24 13.44
CA ARG A 67 1.96 5.41 12.92
C ARG A 67 3.00 5.90 13.91
N VAL A 68 4.23 5.57 13.62
CA VAL A 68 5.37 5.97 14.45
C VAL A 68 6.13 7.10 13.79
N THR A 69 5.40 8.11 13.32
CA THR A 69 6.01 9.26 12.65
C THR A 69 7.43 9.47 13.17
N VAL A 70 8.38 9.37 12.25
CA VAL A 70 9.78 9.55 12.60
C VAL A 70 10.49 10.47 11.64
N MET A 71 11.81 10.49 11.75
CA MET A 71 12.64 11.31 10.90
C MET A 71 12.07 12.70 10.72
N GLY A 72 12.01 13.14 9.48
CA GLY A 72 11.49 14.45 9.17
C GLY A 72 9.96 14.48 9.14
N GLY A 73 9.33 13.66 9.96
CA GLY A 73 7.88 13.62 9.99
C GLY A 73 7.32 12.49 9.16
N PHE A 74 8.12 11.44 8.98
CA PHE A 74 7.69 10.29 8.20
C PHE A 74 6.44 9.67 8.81
N LYS A 75 5.90 8.65 8.15
CA LYS A 75 4.70 7.98 8.64
C LYS A 75 4.61 6.56 8.12
N VAL A 76 4.75 5.61 9.03
CA VAL A 76 4.70 4.19 8.70
C VAL A 76 3.44 3.59 9.23
N GLU A 77 2.54 4.47 9.61
CA GLU A 77 1.29 4.03 10.21
C GLU A 77 1.60 2.73 10.92
N ASN A 78 2.80 2.73 11.52
CA ASN A 78 3.36 1.58 12.18
C ASN A 78 2.39 0.42 12.06
N HIS A 79 2.25 -0.02 10.82
CA HIS A 79 1.33 -1.05 10.43
C HIS A 79 1.27 -2.23 11.38
N THR A 80 0.09 -2.40 11.92
CA THR A 80 -0.17 -3.51 12.81
C THR A 80 -0.99 -4.56 12.06
N ALA A 81 -1.55 -4.10 10.94
CA ALA A 81 -2.35 -4.96 10.07
C ALA A 81 -2.54 -4.27 8.73
N CYS A 82 -2.55 -5.03 7.65
CA CYS A 82 -2.71 -4.45 6.32
C CYS A 82 -3.98 -4.95 5.65
N HIS A 83 -4.69 -4.04 4.99
CA HIS A 83 -5.93 -4.37 4.30
C HIS A 83 -6.07 -3.54 3.02
N CYS A 84 -6.00 -4.21 1.88
CA CYS A 84 -6.12 -3.54 0.60
C CYS A 84 -7.58 -3.17 0.32
N SER A 85 -7.79 -2.13 -0.47
CA SER A 85 -9.14 -1.68 -0.80
C SER A 85 -9.77 -0.92 0.37
N THR A 86 -10.84 -0.20 0.08
CA THR A 86 -11.54 0.58 1.10
C THR A 86 -10.57 1.50 1.83
N CYS A 87 -9.92 2.40 1.09
CA CYS A 87 -8.98 3.34 1.67
C CYS A 87 -9.70 4.62 2.11
N TYR A 88 -10.57 4.47 3.10
CA TYR A 88 -11.34 5.60 3.62
C TYR A 88 -11.87 5.30 5.02
N TYR A 89 -12.54 6.29 5.62
CA TYR A 89 -13.10 6.12 6.96
C TYR A 89 -14.59 5.81 6.88
N HIS A 90 -15.13 5.76 5.67
CA HIS A 90 -16.55 5.46 5.48
C HIS A 90 -16.86 4.00 5.78
N LYS A 91 -15.84 3.24 6.15
CA LYS A 91 -16.02 1.83 6.48
C LYS A 91 -15.95 0.97 5.21
N SER A 92 -16.92 1.14 4.33
CA SER A 92 -16.97 0.39 3.08
C SER A 92 -17.11 1.31 1.88
N ALA A 1 -12.02 -14.56 3.65
CA ALA A 1 -11.45 -14.99 2.35
C ALA A 1 -10.79 -16.35 2.47
N PRO A 2 -11.34 -17.38 1.81
CA PRO A 2 -10.81 -18.73 1.83
C PRO A 2 -9.28 -18.75 1.87
N ASP A 3 -8.66 -18.26 0.80
CA ASP A 3 -7.21 -18.22 0.73
C ASP A 3 -6.72 -16.92 0.10
N VAL A 4 -6.41 -16.96 -1.18
CA VAL A 4 -5.94 -15.77 -1.90
C VAL A 4 -7.08 -15.13 -2.68
N GLN A 5 -6.73 -14.28 -3.65
CA GLN A 5 -7.71 -13.59 -4.46
C GLN A 5 -8.45 -12.53 -3.64
N ASP A 6 -7.69 -11.73 -2.91
CA ASP A 6 -8.27 -10.67 -2.09
C ASP A 6 -7.39 -9.42 -2.11
N CYS A 7 -7.97 -8.30 -2.48
CA CYS A 7 -7.23 -7.04 -2.55
C CYS A 7 -7.84 -5.98 -1.63
N PRO A 8 -7.94 -6.28 -0.33
CA PRO A 8 -8.50 -5.35 0.65
C PRO A 8 -7.57 -4.17 0.92
N GLU A 9 -8.17 -3.02 1.25
CA GLU A 9 -7.42 -1.81 1.55
C GLU A 9 -6.02 -2.13 2.03
N CYS A 10 -5.07 -1.29 1.64
CA CYS A 10 -3.68 -1.46 2.04
C CYS A 10 -3.62 -2.17 3.39
N THR A 11 -2.82 -3.22 3.46
CA THR A 11 -2.71 -3.95 4.71
C THR A 11 -1.28 -4.10 5.13
N LEU A 12 -1.12 -4.31 6.42
CA LEU A 12 0.20 -4.48 6.99
C LEU A 12 0.86 -5.72 6.45
N GLN A 13 2.01 -5.55 5.84
CA GLN A 13 2.74 -6.67 5.29
C GLN A 13 4.02 -6.87 6.04
N GLU A 14 3.85 -7.02 7.33
CA GLU A 14 4.93 -7.22 8.28
C GLU A 14 6.27 -7.18 7.62
N ASN A 15 7.10 -6.31 8.14
CA ASN A 15 8.45 -6.12 7.65
C ASN A 15 9.24 -7.42 7.67
N PRO A 16 9.38 -8.06 6.51
CA PRO A 16 10.15 -9.29 6.40
C PRO A 16 11.64 -8.99 6.49
N PHE A 17 11.92 -7.76 6.89
CA PHE A 17 13.27 -7.28 7.03
C PHE A 17 13.61 -7.03 8.49
N PHE A 18 12.83 -6.15 9.11
CA PHE A 18 13.04 -5.81 10.51
C PHE A 18 12.43 -6.86 11.41
N SER A 19 11.55 -7.68 10.84
CA SER A 19 10.89 -8.73 11.58
C SER A 19 11.92 -9.63 12.27
N GLN A 20 12.03 -9.45 13.58
CA GLN A 20 12.98 -10.22 14.38
C GLN A 20 12.27 -10.85 15.57
N PRO A 21 12.85 -11.92 16.14
CA PRO A 21 12.28 -12.60 17.31
C PRO A 21 11.92 -11.64 18.42
N GLY A 22 10.85 -10.88 18.21
CA GLY A 22 10.42 -9.91 19.21
C GLY A 22 9.87 -8.65 18.58
N ALA A 23 10.17 -8.45 17.30
CA ALA A 23 9.69 -7.27 16.59
C ALA A 23 9.49 -7.55 15.11
N PRO A 24 8.22 -7.68 14.76
CA PRO A 24 7.77 -7.97 13.40
C PRO A 24 7.25 -6.74 12.68
N ILE A 25 8.15 -5.82 12.39
CA ILE A 25 7.81 -4.61 11.70
C ILE A 25 6.80 -4.80 10.58
N LEU A 26 6.47 -3.71 9.89
CA LEU A 26 5.44 -3.75 8.87
C LEU A 26 5.61 -2.71 7.80
N GLN A 27 4.48 -2.47 7.15
CA GLN A 27 4.40 -1.49 6.08
C GLN A 27 3.16 -1.72 5.22
N CYS A 28 1.99 -1.46 5.81
CA CYS A 28 0.71 -1.64 5.11
C CYS A 28 0.91 -1.49 3.60
N MET A 29 0.90 -2.61 2.88
CA MET A 29 1.10 -2.57 1.42
C MET A 29 0.13 -1.60 0.75
N GLY A 30 -0.88 -2.12 0.07
CA GLY A 30 -1.85 -1.25 -0.60
C GLY A 30 -2.83 -2.02 -1.47
N CYS A 31 -4.11 -1.79 -1.23
CA CYS A 31 -5.17 -2.43 -1.99
C CYS A 31 -6.46 -1.63 -1.89
N CYS A 32 -6.34 -0.35 -2.18
CA CYS A 32 -7.48 0.58 -2.13
C CYS A 32 -7.18 1.82 -2.95
N PHE A 33 -6.36 1.64 -3.99
CA PHE A 33 -5.96 2.74 -4.85
C PHE A 33 -5.08 2.22 -6.00
N SER A 34 -5.31 0.98 -6.39
CA SER A 34 -4.54 0.36 -7.47
C SER A 34 -4.28 1.36 -8.59
N ARG A 35 -3.02 1.45 -8.99
CA ARG A 35 -2.62 2.36 -10.06
C ARG A 35 -1.11 2.34 -10.24
N ALA A 36 -0.64 2.95 -11.33
CA ALA A 36 0.80 3.01 -11.62
C ALA A 36 1.25 1.78 -12.42
N TYR A 37 2.54 1.49 -12.35
CA TYR A 37 3.10 0.36 -13.06
C TYR A 37 2.48 0.23 -14.45
N PRO A 38 2.92 1.09 -15.39
CA PRO A 38 2.41 1.10 -16.77
C PRO A 38 2.64 -0.23 -17.48
N THR A 39 1.55 -0.85 -17.93
CA THR A 39 1.62 -2.12 -18.64
C THR A 39 1.82 -1.95 -20.14
N PRO A 40 1.52 -0.75 -20.67
CA PRO A 40 1.67 -0.46 -22.10
C PRO A 40 3.06 -0.79 -22.64
N LEU A 41 3.41 -0.18 -23.77
CA LEU A 41 4.70 -0.39 -24.39
C LEU A 41 5.54 0.90 -24.35
N ARG A 42 6.66 0.89 -25.07
CA ARG A 42 7.53 2.05 -25.12
C ARG A 42 6.78 3.28 -25.61
N SER A 43 6.83 4.37 -24.84
CA SER A 43 6.16 5.60 -25.21
C SER A 43 4.65 5.37 -25.39
N LYS A 44 3.86 5.93 -24.48
CA LYS A 44 2.41 5.78 -24.55
C LYS A 44 1.72 7.13 -24.49
N LYS A 45 0.89 7.42 -25.49
CA LYS A 45 0.17 8.68 -25.54
C LYS A 45 -1.33 8.47 -25.69
N THR A 46 -1.72 7.23 -26.00
CA THR A 46 -3.14 6.89 -26.16
C THR A 46 -3.42 5.48 -25.65
N MET A 47 -4.06 4.66 -26.49
CA MET A 47 -4.39 3.29 -26.11
C MET A 47 -5.13 3.26 -24.78
N LEU A 48 -6.38 3.69 -24.80
CA LEU A 48 -7.20 3.70 -23.58
C LEU A 48 -8.65 3.36 -23.90
N VAL A 49 -8.97 2.07 -23.84
CA VAL A 49 -10.32 1.61 -24.12
C VAL A 49 -10.98 1.10 -22.84
N GLN A 50 -11.67 1.98 -22.14
CA GLN A 50 -12.34 1.63 -20.89
C GLN A 50 -11.32 1.47 -19.76
N LYS A 51 -11.37 2.38 -18.80
CA LYS A 51 -10.44 2.35 -17.67
C LYS A 51 -11.14 1.88 -16.40
N ASN A 52 -10.80 0.68 -15.95
CA ASN A 52 -11.39 0.13 -14.73
C ASN A 52 -11.28 1.14 -13.59
N VAL A 53 -11.67 0.71 -12.39
CA VAL A 53 -11.61 1.57 -11.21
C VAL A 53 -10.82 2.84 -11.48
N THR A 54 -11.47 3.99 -11.26
CA THR A 54 -10.82 5.28 -11.49
C THR A 54 -11.13 6.24 -10.35
N SER A 55 -12.38 6.32 -9.96
CA SER A 55 -12.80 7.21 -8.89
C SER A 55 -12.77 6.50 -7.54
N GLU A 56 -11.59 6.42 -6.95
CA GLU A 56 -11.42 5.76 -5.66
C GLU A 56 -11.22 6.78 -4.55
N SER A 57 -10.35 7.75 -4.79
CA SER A 57 -10.07 8.80 -3.81
C SER A 57 -9.76 8.19 -2.44
N THR A 58 -8.48 7.98 -2.17
CA THR A 58 -8.04 7.41 -0.90
C THR A 58 -6.57 7.67 -0.65
N CYS A 59 -6.12 7.43 0.56
CA CYS A 59 -4.73 7.63 0.96
C CYS A 59 -4.40 6.84 2.21
N CYS A 60 -3.56 5.82 2.07
CA CYS A 60 -3.17 5.00 3.20
C CYS A 60 -1.90 5.51 3.85
N VAL A 61 -2.03 6.02 5.06
CA VAL A 61 -0.90 6.52 5.81
C VAL A 61 -0.95 5.93 7.22
N ALA A 62 -0.98 4.61 7.28
CA ALA A 62 -1.05 3.91 8.55
C ALA A 62 -1.87 4.70 9.57
N LYS A 63 -3.10 4.26 9.81
CA LYS A 63 -3.98 4.91 10.77
C LYS A 63 -3.24 5.14 12.07
N SER A 64 -2.34 4.23 12.35
CA SER A 64 -1.51 4.29 13.55
C SER A 64 -0.21 3.56 13.30
N TYR A 65 0.86 4.32 13.20
CA TYR A 65 2.18 3.75 12.96
C TYR A 65 2.97 3.59 14.24
N ASN A 66 3.95 2.69 14.18
CA ASN A 66 4.82 2.48 15.33
C ASN A 66 6.24 2.53 14.84
N ARG A 67 6.36 3.30 13.78
CA ARG A 67 7.61 3.52 13.07
C ARG A 67 8.80 2.95 13.82
N VAL A 68 9.58 2.16 13.10
CA VAL A 68 10.77 1.54 13.64
C VAL A 68 11.94 1.74 12.69
N THR A 69 12.04 2.96 12.19
CA THR A 69 13.09 3.32 11.25
C THR A 69 14.31 2.42 11.38
N VAL A 70 14.60 1.70 10.30
CA VAL A 70 15.74 0.80 10.25
C VAL A 70 16.52 0.99 8.98
N MET A 71 17.50 0.11 8.78
CA MET A 71 18.34 0.15 7.62
C MET A 71 19.00 1.50 7.45
N GLY A 72 18.95 2.03 6.24
CA GLY A 72 19.54 3.32 5.95
C GLY A 72 18.59 4.46 6.24
N GLY A 73 17.68 4.25 7.17
CA GLY A 73 16.71 5.29 7.52
C GLY A 73 15.32 4.96 7.03
N PHE A 74 14.99 3.68 6.96
CA PHE A 74 13.68 3.24 6.51
C PHE A 74 12.61 3.72 7.48
N LYS A 75 11.34 3.50 7.13
CA LYS A 75 10.23 3.91 7.99
C LYS A 75 8.98 3.06 7.72
N VAL A 76 8.80 2.03 8.54
CA VAL A 76 7.62 1.17 8.42
C VAL A 76 6.52 1.70 9.26
N GLU A 77 6.72 2.91 9.72
CA GLU A 77 5.75 3.53 10.61
C GLU A 77 5.04 2.40 11.32
N ASN A 78 5.87 1.40 11.66
CA ASN A 78 5.42 0.16 12.24
C ASN A 78 3.91 0.18 12.32
N HIS A 79 3.34 0.15 11.13
CA HIS A 79 1.90 0.23 10.96
C HIS A 79 1.12 -0.59 11.95
N THR A 80 0.34 0.11 12.72
CA THR A 80 -0.52 -0.50 13.71
C THR A 80 -1.94 -0.48 13.18
N ALA A 81 -2.15 0.36 12.17
CA ALA A 81 -3.44 0.49 11.52
C ALA A 81 -3.29 1.28 10.23
N CYS A 82 -3.98 0.85 9.17
CA CYS A 82 -3.91 1.53 7.89
C CYS A 82 -5.26 2.13 7.52
N HIS A 83 -5.25 3.27 6.84
CA HIS A 83 -6.49 3.93 6.45
C HIS A 83 -6.37 4.61 5.09
N CYS A 84 -7.06 4.06 4.11
CA CYS A 84 -7.06 4.62 2.76
C CYS A 84 -8.20 5.61 2.60
N SER A 85 -7.90 6.89 2.80
CA SER A 85 -8.91 7.94 2.68
C SER A 85 -8.30 9.32 2.88
N THR A 86 -9.08 10.23 3.48
CA THR A 86 -8.61 11.58 3.72
C THR A 86 -8.18 12.24 2.41
N CYS A 87 -7.55 13.40 2.51
CA CYS A 87 -7.09 14.13 1.33
C CYS A 87 -8.27 14.82 0.64
N TYR A 88 -9.32 15.10 1.42
CA TYR A 88 -10.50 15.76 0.89
C TYR A 88 -11.45 16.13 2.02
N TYR A 89 -11.43 17.40 2.41
CA TYR A 89 -12.29 17.89 3.49
C TYR A 89 -13.76 17.82 3.10
N HIS A 90 -14.61 17.54 4.08
CA HIS A 90 -16.05 17.44 3.84
C HIS A 90 -16.77 17.00 5.12
N LYS A 91 -17.77 16.12 4.96
CA LYS A 91 -18.53 15.63 6.10
C LYS A 91 -17.62 14.94 7.11
N SER A 92 -16.84 15.72 7.85
CA SER A 92 -15.92 15.18 8.84
C SER A 92 -16.70 14.61 10.04
N ALA A 1 6.08 -26.47 -13.01
CA ALA A 1 6.57 -25.43 -12.05
C ALA A 1 6.28 -25.82 -10.61
N PRO A 2 7.24 -25.59 -9.70
CA PRO A 2 7.09 -25.91 -8.28
C PRO A 2 6.03 -25.04 -7.61
N ASP A 3 6.21 -23.73 -7.70
CA ASP A 3 5.26 -22.79 -7.09
C ASP A 3 5.73 -21.36 -7.29
N VAL A 4 5.07 -20.43 -6.60
CA VAL A 4 5.42 -19.01 -6.69
C VAL A 4 5.40 -18.37 -5.32
N GLN A 5 5.69 -17.07 -5.27
CA GLN A 5 5.71 -16.34 -4.01
C GLN A 5 4.46 -15.45 -3.88
N ASP A 6 3.52 -15.89 -3.05
CA ASP A 6 2.29 -15.12 -2.83
C ASP A 6 2.35 -14.37 -1.51
N CYS A 7 1.48 -13.38 -1.37
CA CYS A 7 1.43 -12.58 -0.15
C CYS A 7 -0.01 -12.42 0.34
N PRO A 8 -0.27 -12.82 1.59
CA PRO A 8 -1.60 -12.73 2.19
C PRO A 8 -2.12 -11.30 2.23
N GLU A 9 -2.40 -10.75 1.05
CA GLU A 9 -2.90 -9.38 0.96
C GLU A 9 -1.91 -8.39 1.57
N CYS A 10 -2.16 -7.11 1.35
CA CYS A 10 -1.30 -6.06 1.88
C CYS A 10 -1.63 -5.79 3.35
N THR A 11 -0.62 -5.76 4.19
CA THR A 11 -0.82 -5.50 5.61
C THR A 11 0.48 -5.03 6.25
N LEU A 12 0.47 -4.99 7.57
CA LEU A 12 1.62 -4.54 8.33
C LEU A 12 2.65 -5.63 8.53
N GLN A 13 3.89 -5.29 8.25
CA GLN A 13 4.97 -6.23 8.42
C GLN A 13 5.81 -5.83 9.62
N GLU A 14 5.08 -5.58 10.69
CA GLU A 14 5.65 -5.16 11.96
C GLU A 14 7.14 -4.94 11.87
N ASN A 15 7.55 -3.74 12.20
CA ASN A 15 8.93 -3.34 12.14
C ASN A 15 9.80 -4.15 13.09
N PRO A 16 10.58 -5.09 12.56
CA PRO A 16 11.50 -5.88 13.35
C PRO A 16 12.79 -5.10 13.54
N PHE A 17 12.67 -3.80 13.31
CA PHE A 17 13.78 -2.87 13.41
C PHE A 17 13.52 -1.87 14.53
N PHE A 18 12.45 -1.10 14.34
CA PHE A 18 12.07 -0.09 15.31
C PHE A 18 11.41 -0.72 16.53
N SER A 19 11.33 -2.04 16.51
CA SER A 19 10.72 -2.77 17.61
C SER A 19 11.24 -2.27 18.95
N GLN A 20 10.39 -1.53 19.65
CA GLN A 20 10.73 -0.97 20.95
C GLN A 20 10.13 -1.82 22.06
N PRO A 21 10.66 -1.68 23.29
CA PRO A 21 10.16 -2.43 24.44
C PRO A 21 8.65 -2.34 24.56
N GLY A 22 7.96 -2.99 23.63
CA GLY A 22 6.51 -2.97 23.62
C GLY A 22 5.97 -2.37 22.33
N ALA A 23 6.78 -2.41 21.28
CA ALA A 23 6.39 -1.85 19.99
C ALA A 23 7.28 -2.33 18.87
N PRO A 24 6.79 -3.35 18.18
CA PRO A 24 7.48 -3.97 17.05
C PRO A 24 7.24 -3.23 15.74
N ILE A 25 6.85 -1.97 15.89
CA ILE A 25 6.58 -1.07 14.77
C ILE A 25 6.14 -1.80 13.52
N LEU A 26 5.97 -1.06 12.42
CA LEU A 26 5.46 -1.64 11.20
C LEU A 26 5.80 -0.88 9.95
N GLN A 27 5.06 -1.25 8.92
CA GLN A 27 5.19 -0.65 7.60
C GLN A 27 4.44 -1.45 6.55
N CYS A 28 3.11 -1.45 6.66
CA CYS A 28 2.23 -2.16 5.73
C CYS A 28 2.96 -2.56 4.46
N MET A 29 3.18 -3.85 4.30
CA MET A 29 3.86 -4.37 3.11
C MET A 29 3.24 -5.70 2.68
N GLY A 30 3.28 -5.96 1.38
CA GLY A 30 2.73 -7.20 0.85
C GLY A 30 2.43 -7.10 -0.63
N CYS A 31 1.15 -7.11 -0.98
CA CYS A 31 0.73 -7.03 -2.37
C CYS A 31 -0.79 -7.13 -2.49
N CYS A 32 -1.45 -5.98 -2.53
CA CYS A 32 -2.90 -5.93 -2.63
C CYS A 32 -3.35 -5.86 -4.10
N PHE A 33 -4.52 -6.40 -4.38
CA PHE A 33 -5.06 -6.41 -5.73
C PHE A 33 -6.35 -5.58 -5.81
N SER A 34 -7.05 -5.70 -6.94
CA SER A 34 -8.30 -4.97 -7.13
C SER A 34 -9.31 -5.80 -7.94
N ARG A 35 -9.29 -5.62 -9.25
CA ARG A 35 -10.19 -6.36 -10.13
C ARG A 35 -9.64 -7.74 -10.47
N ALA A 36 -10.17 -8.34 -11.53
CA ALA A 36 -9.72 -9.66 -11.95
C ALA A 36 -8.35 -9.60 -12.61
N TYR A 37 -8.09 -10.54 -13.53
CA TYR A 37 -6.82 -10.58 -14.23
C TYR A 37 -6.51 -9.24 -14.88
N PRO A 38 -5.21 -8.89 -14.97
CA PRO A 38 -4.77 -7.63 -15.57
C PRO A 38 -4.71 -7.70 -17.09
N THR A 39 -5.45 -6.81 -17.75
CA THR A 39 -5.48 -6.77 -19.20
C THR A 39 -6.04 -5.44 -19.70
N PRO A 40 -5.17 -4.61 -20.30
CA PRO A 40 -5.57 -3.30 -20.83
C PRO A 40 -6.43 -3.40 -22.07
N LEU A 41 -7.63 -2.81 -22.01
CA LEU A 41 -8.54 -2.84 -23.13
C LEU A 41 -8.88 -1.44 -23.61
N ARG A 42 -7.88 -0.59 -23.69
CA ARG A 42 -8.06 0.80 -24.12
C ARG A 42 -6.93 1.68 -23.60
N SER A 43 -6.53 2.68 -24.38
CA SER A 43 -5.46 3.58 -23.98
C SER A 43 -5.66 4.97 -24.57
N LYS A 44 -5.20 5.98 -23.85
CA LYS A 44 -5.32 7.37 -24.31
C LYS A 44 -6.65 7.97 -23.86
N LYS A 45 -6.66 8.60 -22.69
CA LYS A 45 -7.86 9.23 -22.15
C LYS A 45 -7.51 10.51 -21.40
N THR A 46 -6.64 11.32 -21.99
CA THR A 46 -6.22 12.58 -21.37
C THR A 46 -7.43 13.40 -20.94
N MET A 47 -7.22 14.32 -20.01
CA MET A 47 -8.29 15.18 -19.51
C MET A 47 -9.38 14.35 -18.85
N LEU A 48 -10.12 13.60 -19.67
CA LEU A 48 -11.21 12.76 -19.16
C LEU A 48 -10.69 11.81 -18.08
N VAL A 49 -11.05 12.10 -16.84
CA VAL A 49 -10.62 11.28 -15.71
C VAL A 49 -11.34 9.93 -15.71
N GLN A 50 -10.61 8.87 -15.40
CA GLN A 50 -11.18 7.53 -15.36
C GLN A 50 -10.11 6.49 -15.03
N LYS A 51 -10.51 5.41 -14.36
CA LYS A 51 -9.59 4.35 -13.99
C LYS A 51 -8.32 4.93 -13.37
N ASN A 52 -8.47 5.71 -12.33
CA ASN A 52 -7.33 6.32 -11.65
C ASN A 52 -6.32 6.88 -12.66
N VAL A 53 -5.03 6.66 -12.39
CA VAL A 53 -3.98 7.13 -13.27
C VAL A 53 -3.67 6.11 -14.35
N THR A 54 -2.55 6.30 -15.04
CA THR A 54 -2.14 5.40 -16.11
C THR A 54 -1.55 4.11 -15.52
N SER A 55 -0.39 4.24 -14.89
CA SER A 55 0.28 3.09 -14.29
C SER A 55 0.47 3.29 -12.78
N GLU A 56 0.39 2.19 -12.04
CA GLU A 56 0.55 2.24 -10.59
C GLU A 56 0.39 0.85 -9.98
N SER A 57 -0.73 0.21 -10.29
CA SER A 57 -1.02 -1.13 -9.78
C SER A 57 -1.42 -1.08 -8.31
N THR A 58 -2.42 -0.27 -8.00
CA THR A 58 -2.90 -0.13 -6.63
C THR A 58 -1.80 0.31 -5.68
N CYS A 59 -2.17 0.52 -4.42
CA CYS A 59 -1.21 0.94 -3.40
C CYS A 59 -1.89 1.11 -2.05
N CYS A 60 -1.31 0.54 -1.01
CA CYS A 60 -1.87 0.62 0.34
C CYS A 60 -1.15 1.66 1.18
N VAL A 61 -1.80 2.80 1.38
CA VAL A 61 -1.24 3.88 2.19
C VAL A 61 -1.89 3.91 3.56
N ALA A 62 -1.37 3.10 4.47
CA ALA A 62 -1.90 3.00 5.83
C ALA A 62 -3.14 3.86 6.03
N LYS A 63 -4.29 3.21 6.16
CA LYS A 63 -5.53 3.92 6.40
C LYS A 63 -5.35 4.78 7.62
N SER A 64 -4.63 4.21 8.57
CA SER A 64 -4.30 4.88 9.81
C SER A 64 -2.82 4.67 10.10
N TYR A 65 -2.31 5.29 11.14
CA TYR A 65 -0.91 5.15 11.47
C TYR A 65 -0.64 5.50 12.92
N ASN A 66 0.41 4.91 13.48
CA ASN A 66 0.79 5.22 14.85
C ASN A 66 2.22 5.67 14.83
N ARG A 67 2.56 6.23 13.70
CA ARG A 67 3.88 6.76 13.39
C ARG A 67 4.73 6.91 14.65
N VAL A 68 5.68 6.01 14.77
CA VAL A 68 6.61 6.01 15.89
C VAL A 68 7.97 6.47 15.42
N THR A 69 7.98 7.54 14.65
CA THR A 69 9.22 8.07 14.09
C THR A 69 10.43 7.48 14.78
N VAL A 70 11.24 6.77 14.02
CA VAL A 70 12.42 6.14 14.55
C VAL A 70 13.69 6.77 14.02
N MET A 71 14.77 6.03 14.19
CA MET A 71 16.08 6.48 13.75
C MET A 71 15.98 7.34 12.49
N GLY A 72 16.82 8.36 12.41
CA GLY A 72 16.81 9.25 11.26
C GLY A 72 15.42 9.75 10.95
N GLY A 73 14.52 9.66 11.94
CA GLY A 73 13.16 10.11 11.75
C GLY A 73 12.35 9.13 10.92
N PHE A 74 12.56 7.84 11.15
CA PHE A 74 11.84 6.81 10.41
C PHE A 74 10.38 6.77 10.83
N LYS A 75 9.49 7.04 9.88
CA LYS A 75 8.07 7.06 10.18
C LYS A 75 7.34 5.84 9.62
N VAL A 76 7.08 4.87 10.50
CA VAL A 76 6.36 3.65 10.14
C VAL A 76 4.90 3.89 10.29
N GLU A 77 4.58 5.16 10.44
CA GLU A 77 3.19 5.54 10.66
C GLU A 77 2.57 4.39 11.41
N ASN A 78 3.41 3.83 12.30
CA ASN A 78 3.08 2.65 13.06
C ASN A 78 1.73 2.15 12.63
N HIS A 79 1.70 1.86 11.34
CA HIS A 79 0.51 1.43 10.65
C HIS A 79 -0.46 0.66 11.52
N THR A 80 -1.66 1.16 11.50
CA THR A 80 -2.76 0.55 12.24
C THR A 80 -3.80 0.09 11.25
N ALA A 81 -3.69 0.60 10.03
CA ALA A 81 -4.60 0.24 8.94
C ALA A 81 -3.98 0.59 7.60
N CYS A 82 -4.22 -0.25 6.59
CA CYS A 82 -3.70 -0.01 5.24
C CYS A 82 -4.76 -0.34 4.19
N HIS A 83 -5.08 0.63 3.35
CA HIS A 83 -6.06 0.44 2.30
C HIS A 83 -5.43 0.61 0.92
N CYS A 84 -5.36 -0.49 0.18
CA CYS A 84 -4.78 -0.48 -1.16
C CYS A 84 -5.76 0.16 -2.15
N SER A 85 -5.24 1.02 -3.01
CA SER A 85 -6.08 1.68 -4.00
C SER A 85 -5.25 2.59 -4.92
N THR A 86 -5.86 3.67 -5.38
CA THR A 86 -5.19 4.61 -6.26
C THR A 86 -4.26 5.55 -5.48
N CYS A 87 -3.09 5.81 -6.05
CA CYS A 87 -2.12 6.70 -5.43
C CYS A 87 -2.08 8.05 -6.15
N TYR A 88 -2.09 9.14 -5.39
CA TYR A 88 -2.07 10.47 -5.97
C TYR A 88 -3.31 10.70 -6.83
N TYR A 89 -4.42 11.02 -6.18
CA TYR A 89 -5.67 11.26 -6.88
C TYR A 89 -6.63 12.10 -6.03
N HIS A 90 -6.06 12.95 -5.19
CA HIS A 90 -6.86 13.83 -4.32
C HIS A 90 -6.83 15.26 -4.83
N LYS A 91 -7.38 16.18 -4.04
CA LYS A 91 -7.40 17.59 -4.42
C LYS A 91 -6.94 18.48 -3.27
N SER A 92 -7.54 18.28 -2.11
CA SER A 92 -7.19 19.07 -0.93
C SER A 92 -7.83 18.48 0.33
N ALA A 1 1.78 -19.76 3.37
CA ALA A 1 1.72 -18.97 2.11
C ALA A 1 0.63 -17.91 2.20
N PRO A 2 0.99 -16.70 2.68
CA PRO A 2 0.05 -15.58 2.80
C PRO A 2 -0.31 -14.98 1.45
N ASP A 3 -0.95 -15.76 0.61
CA ASP A 3 -1.35 -15.30 -0.72
C ASP A 3 -0.11 -14.97 -1.56
N VAL A 4 -0.26 -15.02 -2.88
CA VAL A 4 0.84 -14.74 -3.77
C VAL A 4 1.71 -13.60 -3.24
N GLN A 5 2.99 -13.65 -3.57
CA GLN A 5 3.94 -12.63 -3.13
C GLN A 5 4.99 -12.36 -4.21
N ASP A 6 4.69 -11.42 -5.10
CA ASP A 6 5.60 -11.07 -6.18
C ASP A 6 6.03 -9.60 -6.10
N CYS A 7 6.17 -9.11 -4.87
CA CYS A 7 6.57 -7.72 -4.65
C CYS A 7 7.01 -7.51 -3.20
N PRO A 8 8.16 -6.84 -3.00
CA PRO A 8 8.69 -6.55 -1.67
C PRO A 8 7.93 -5.41 -1.00
N GLU A 9 6.62 -5.43 -1.16
CA GLU A 9 5.76 -4.40 -0.60
C GLU A 9 4.46 -5.02 -0.08
N CYS A 10 3.71 -4.27 0.72
CA CYS A 10 2.46 -4.77 1.28
C CYS A 10 2.73 -6.03 2.11
N THR A 11 3.74 -5.97 2.97
CA THR A 11 4.10 -7.15 3.78
C THR A 11 4.63 -6.76 5.14
N LEU A 12 5.39 -5.70 5.14
CA LEU A 12 6.02 -5.15 6.35
C LEU A 12 7.52 -5.26 6.30
N GLN A 13 8.16 -4.11 6.46
CA GLN A 13 9.59 -4.06 6.46
C GLN A 13 10.11 -4.12 7.86
N GLU A 14 9.60 -5.09 8.56
CA GLU A 14 9.93 -5.32 9.96
C GLU A 14 11.02 -4.39 10.42
N ASN A 15 10.67 -3.62 11.42
CA ASN A 15 11.56 -2.64 11.99
C ASN A 15 12.74 -3.27 12.72
N PRO A 16 13.93 -3.24 12.10
CA PRO A 16 15.14 -3.75 12.72
C PRO A 16 15.67 -2.71 13.69
N PHE A 17 14.86 -1.68 13.86
CA PHE A 17 15.15 -0.56 14.74
C PHE A 17 14.54 -0.80 16.10
N PHE A 18 13.21 -0.89 16.13
CA PHE A 18 12.50 -1.12 17.37
C PHE A 18 12.52 -2.61 17.74
N SER A 19 13.15 -3.41 16.88
CA SER A 19 13.26 -4.83 17.11
C SER A 19 13.84 -5.11 18.49
N GLN A 20 13.00 -5.63 19.37
CA GLN A 20 13.41 -5.93 20.74
C GLN A 20 13.33 -7.42 21.01
N PRO A 21 14.04 -7.89 22.06
CA PRO A 21 14.04 -9.31 22.43
C PRO A 21 12.65 -9.93 22.41
N GLY A 22 12.16 -10.26 21.22
CA GLY A 22 10.85 -10.85 21.10
C GLY A 22 9.85 -9.94 20.41
N ALA A 23 10.32 -8.92 19.71
CA ALA A 23 9.44 -8.00 19.02
C ALA A 23 10.16 -7.21 17.95
N PRO A 24 9.94 -7.61 16.70
CA PRO A 24 10.53 -7.02 15.52
C PRO A 24 9.55 -6.16 14.75
N ILE A 25 9.41 -4.92 15.21
CA ILE A 25 8.51 -3.96 14.62
C ILE A 25 8.48 -3.99 13.10
N LEU A 26 7.71 -3.07 12.52
CA LEU A 26 7.51 -3.04 11.09
C LEU A 26 7.10 -1.70 10.57
N GLN A 27 6.53 -1.76 9.39
CA GLN A 27 6.03 -0.58 8.70
C GLN A 27 5.65 -0.89 7.25
N CYS A 28 4.76 -1.88 7.08
CA CYS A 28 4.28 -2.29 5.75
C CYS A 28 4.70 -1.33 4.65
N MET A 29 5.64 -1.76 3.82
CA MET A 29 6.09 -0.92 2.72
C MET A 29 4.90 -0.54 1.86
N GLY A 30 3.89 -1.41 1.86
CA GLY A 30 2.66 -1.18 1.14
C GLY A 30 2.78 -1.18 -0.37
N CYS A 31 2.58 -2.34 -0.97
CA CYS A 31 2.64 -2.50 -2.43
C CYS A 31 1.51 -1.72 -3.10
N CYS A 32 1.36 -1.96 -4.40
CA CYS A 32 0.33 -1.31 -5.22
C CYS A 32 0.93 -0.20 -6.07
N PHE A 33 1.15 -0.50 -7.34
CA PHE A 33 1.72 0.47 -8.27
C PHE A 33 1.77 -0.10 -9.69
N SER A 34 2.23 0.74 -10.63
CA SER A 34 2.33 0.32 -12.03
C SER A 34 0.96 -0.04 -12.60
N ARG A 35 0.60 -1.32 -12.50
CA ARG A 35 -0.68 -1.79 -13.02
C ARG A 35 -0.74 -1.59 -14.54
N ALA A 36 -1.85 -1.97 -15.15
CA ALA A 36 -2.02 -1.83 -16.58
C ALA A 36 -3.17 -2.69 -17.10
N TYR A 37 -3.92 -2.16 -18.05
CA TYR A 37 -5.04 -2.87 -18.64
C TYR A 37 -6.23 -2.94 -17.69
N PRO A 38 -6.52 -1.83 -16.98
CA PRO A 38 -7.64 -1.76 -16.04
C PRO A 38 -8.98 -1.66 -16.76
N THR A 39 -9.92 -2.53 -16.42
CA THR A 39 -11.22 -2.51 -17.05
C THR A 39 -11.07 -2.28 -18.55
N PRO A 40 -10.56 -3.28 -19.28
CA PRO A 40 -10.35 -3.20 -20.72
C PRO A 40 -11.46 -2.43 -21.44
N LEU A 41 -11.07 -1.43 -22.21
CA LEU A 41 -12.04 -0.61 -22.95
C LEU A 41 -12.03 -0.98 -24.43
N ARG A 42 -13.16 -0.76 -25.10
CA ARG A 42 -13.29 -1.08 -26.52
C ARG A 42 -12.92 0.13 -27.38
N SER A 43 -12.65 -0.13 -28.66
CA SER A 43 -12.29 0.92 -29.59
C SER A 43 -13.04 2.21 -29.28
N LYS A 44 -12.33 3.17 -28.68
CA LYS A 44 -12.93 4.46 -28.34
C LYS A 44 -11.87 5.54 -28.18
N LYS A 45 -11.46 6.13 -29.29
CA LYS A 45 -10.45 7.18 -29.29
C LYS A 45 -10.86 8.31 -30.23
N THR A 46 -11.83 9.11 -29.79
CA THR A 46 -12.34 10.24 -30.57
C THR A 46 -11.77 10.24 -31.99
N MET A 47 -10.53 10.68 -32.14
CA MET A 47 -9.88 10.72 -33.44
C MET A 47 -8.38 10.94 -33.30
N LEU A 48 -7.98 11.74 -32.32
CA LEU A 48 -6.57 12.03 -32.08
C LEU A 48 -6.38 12.78 -30.77
N VAL A 49 -7.02 12.26 -29.72
CA VAL A 49 -6.94 12.87 -28.39
C VAL A 49 -7.34 11.88 -27.32
N GLN A 50 -6.73 11.98 -26.15
CA GLN A 50 -7.03 11.09 -25.04
C GLN A 50 -6.33 11.55 -23.76
N LYS A 51 -7.10 12.16 -22.86
CA LYS A 51 -6.56 12.65 -21.60
C LYS A 51 -7.66 12.78 -20.56
N ASN A 52 -7.74 11.80 -19.66
CA ASN A 52 -8.75 11.80 -18.61
C ASN A 52 -8.12 11.93 -17.23
N VAL A 53 -8.93 12.30 -16.24
CA VAL A 53 -8.45 12.47 -14.88
C VAL A 53 -8.43 11.13 -14.14
N THR A 54 -7.70 11.08 -13.03
CA THR A 54 -7.61 9.85 -12.25
C THR A 54 -8.03 10.11 -10.79
N SER A 55 -8.68 9.12 -10.20
CA SER A 55 -9.13 9.24 -8.82
C SER A 55 -8.89 7.93 -8.06
N GLU A 56 -7.66 7.41 -8.18
CA GLU A 56 -7.30 6.16 -7.51
C GLU A 56 -5.95 6.31 -6.82
N SER A 57 -5.96 6.29 -5.48
CA SER A 57 -4.74 6.43 -4.71
C SER A 57 -4.66 5.35 -3.63
N THR A 58 -5.28 4.20 -3.88
CA THR A 58 -5.28 3.10 -2.93
C THR A 58 -3.87 2.89 -2.37
N CYS A 59 -3.78 2.12 -1.28
CA CYS A 59 -2.49 1.84 -0.66
C CYS A 59 -2.63 0.85 0.49
N CYS A 60 -1.51 0.25 0.89
CA CYS A 60 -1.48 -0.72 1.97
C CYS A 60 -1.48 -0.05 3.33
N VAL A 61 -2.63 -0.02 3.98
CA VAL A 61 -2.76 0.56 5.31
C VAL A 61 -2.97 -0.54 6.33
N ALA A 62 -1.88 -1.22 6.68
CA ALA A 62 -1.92 -2.33 7.64
C ALA A 62 -3.34 -2.67 8.07
N LYS A 63 -3.80 -3.85 7.65
CA LYS A 63 -5.12 -4.32 8.00
C LYS A 63 -5.25 -4.40 9.50
N SER A 64 -4.16 -4.81 10.13
CA SER A 64 -4.12 -4.94 11.58
C SER A 64 -2.74 -4.57 12.09
N TYR A 65 -2.68 -3.44 12.78
CA TYR A 65 -1.44 -2.93 13.33
C TYR A 65 -1.28 -3.34 14.78
N ASN A 66 -0.04 -3.29 15.25
CA ASN A 66 0.24 -3.59 16.64
C ASN A 66 1.09 -2.48 17.18
N ARG A 67 0.87 -1.34 16.56
CA ARG A 67 1.57 -0.10 16.87
C ARG A 67 2.41 -0.23 18.12
N VAL A 68 3.68 0.10 17.97
CA VAL A 68 4.63 0.04 19.07
C VAL A 68 5.44 1.31 19.15
N THR A 69 4.76 2.45 19.05
CA THR A 69 5.42 3.74 19.10
C THR A 69 6.78 3.60 19.77
N VAL A 70 7.82 3.94 19.02
CA VAL A 70 9.17 3.83 19.52
C VAL A 70 9.91 5.15 19.43
N MET A 71 11.18 5.09 19.74
CA MET A 71 12.05 6.26 19.71
C MET A 71 11.38 7.47 20.33
N GLY A 72 11.47 8.59 19.64
CA GLY A 72 10.88 9.81 20.13
C GLY A 72 9.37 9.84 19.98
N GLY A 73 8.80 8.73 19.52
CA GLY A 73 7.36 8.65 19.34
C GLY A 73 6.98 8.11 17.98
N PHE A 74 7.84 7.27 17.41
CA PHE A 74 7.58 6.68 16.10
C PHE A 74 6.26 5.91 16.11
N LYS A 75 5.91 5.34 14.96
CA LYS A 75 4.67 4.57 14.84
C LYS A 75 4.75 3.58 13.69
N VAL A 76 4.81 2.30 14.03
CA VAL A 76 4.87 1.22 13.04
C VAL A 76 3.61 0.45 13.04
N GLU A 77 2.61 0.99 13.69
CA GLU A 77 1.34 0.31 13.82
C GLU A 77 1.66 -1.17 13.73
N ASN A 78 2.77 -1.51 14.39
CA ASN A 78 3.34 -2.84 14.37
C ASN A 78 2.48 -3.72 13.51
N HIS A 79 2.50 -3.41 12.24
CA HIS A 79 1.71 -4.09 11.24
C HIS A 79 1.67 -5.59 11.41
N THR A 80 0.46 -6.05 11.55
CA THR A 80 0.20 -7.47 11.69
C THR A 80 -0.45 -7.97 10.41
N ALA A 81 -0.98 -7.02 9.64
CA ALA A 81 -1.63 -7.33 8.38
C ALA A 81 -1.70 -6.08 7.51
N CYS A 82 -1.72 -6.27 6.19
CA CYS A 82 -1.77 -5.15 5.27
C CYS A 82 -2.79 -5.40 4.15
N HIS A 83 -3.49 -4.35 3.75
CA HIS A 83 -4.50 -4.45 2.69
C HIS A 83 -4.64 -3.13 1.95
N CYS A 84 -4.40 -3.16 0.64
CA CYS A 84 -4.50 -1.96 -0.19
C CYS A 84 -5.92 -1.39 -0.14
N SER A 85 -6.03 -0.12 0.28
CA SER A 85 -7.34 0.53 0.37
C SER A 85 -7.22 1.90 1.05
N THR A 86 -7.83 2.90 0.43
CA THR A 86 -7.82 4.25 0.96
C THR A 86 -6.40 4.74 1.23
N CYS A 87 -6.22 6.05 1.19
CA CYS A 87 -4.91 6.65 1.43
C CYS A 87 -4.91 8.13 1.04
N TYR A 88 -4.27 8.95 1.86
CA TYR A 88 -4.20 10.38 1.60
C TYR A 88 -3.66 10.64 0.19
N TYR A 89 -4.16 11.68 -0.45
CA TYR A 89 -3.74 12.03 -1.80
C TYR A 89 -2.95 13.33 -1.82
N HIS A 90 -2.62 13.78 -3.03
CA HIS A 90 -1.86 15.02 -3.22
C HIS A 90 -0.36 14.74 -3.22
N LYS A 91 0.07 13.83 -2.37
CA LYS A 91 1.48 13.47 -2.28
C LYS A 91 1.77 12.16 -3.02
N SER A 92 2.98 12.06 -3.57
CA SER A 92 3.38 10.86 -4.30
C SER A 92 4.48 10.12 -3.56
N ALA A 1 -21.84 -13.51 -10.37
CA ALA A 1 -20.55 -12.82 -10.09
C ALA A 1 -19.80 -13.51 -8.95
N PRO A 2 -18.80 -14.32 -9.30
CA PRO A 2 -17.99 -15.06 -8.32
C PRO A 2 -17.46 -14.15 -7.22
N ASP A 3 -16.98 -14.77 -6.13
CA ASP A 3 -16.45 -14.03 -5.00
C ASP A 3 -14.99 -14.37 -4.76
N VAL A 4 -14.21 -14.40 -5.83
CA VAL A 4 -12.78 -14.72 -5.73
C VAL A 4 -11.97 -13.89 -6.70
N GLN A 5 -10.98 -13.17 -6.17
CA GLN A 5 -10.12 -12.32 -6.99
C GLN A 5 -8.77 -12.99 -7.24
N ASP A 6 -7.84 -12.25 -7.83
CA ASP A 6 -6.52 -12.78 -8.13
C ASP A 6 -5.44 -11.70 -7.95
N CYS A 7 -5.06 -11.46 -6.70
CA CYS A 7 -4.04 -10.47 -6.39
C CYS A 7 -4.24 -9.86 -5.01
N PRO A 8 -5.49 -9.50 -4.66
CA PRO A 8 -5.81 -8.92 -3.37
C PRO A 8 -4.85 -9.40 -2.29
N GLU A 9 -3.73 -8.71 -2.16
CA GLU A 9 -2.71 -9.08 -1.19
C GLU A 9 -2.12 -7.85 -0.50
N CYS A 10 -1.67 -8.08 0.72
CA CYS A 10 -1.06 -7.03 1.52
C CYS A 10 -0.44 -7.66 2.76
N THR A 11 0.82 -7.35 3.06
CA THR A 11 1.46 -7.94 4.24
C THR A 11 2.33 -6.97 4.98
N LEU A 12 2.95 -6.11 4.22
CA LEU A 12 3.86 -5.10 4.73
C LEU A 12 5.28 -5.48 4.41
N GLN A 13 5.99 -4.58 3.78
CA GLN A 13 7.37 -4.86 3.43
C GLN A 13 8.32 -4.11 4.32
N GLU A 14 8.19 -4.41 5.59
CA GLU A 14 9.00 -3.79 6.64
C GLU A 14 10.05 -2.89 6.04
N ASN A 15 9.95 -1.65 6.40
CA ASN A 15 10.86 -0.64 5.92
C ASN A 15 12.32 -1.01 6.15
N PRO A 16 13.02 -1.38 5.07
CA PRO A 16 14.43 -1.72 5.14
C PRO A 16 15.25 -0.44 5.15
N PHE A 17 14.62 0.62 5.65
CA PHE A 17 15.22 1.93 5.72
C PHE A 17 15.16 2.46 7.15
N PHE A 18 13.94 2.61 7.65
CA PHE A 18 13.72 3.09 8.99
C PHE A 18 14.07 2.02 10.01
N SER A 19 14.36 0.82 9.51
CA SER A 19 14.73 -0.29 10.38
C SER A 19 15.80 0.12 11.37
N GLN A 20 15.39 0.34 12.61
CA GLN A 20 16.32 0.75 13.67
C GLN A 20 16.38 -0.30 14.77
N PRO A 21 17.30 -0.12 15.73
CA PRO A 21 17.47 -1.03 16.86
C PRO A 21 16.18 -1.19 17.64
N GLY A 22 15.19 -1.81 17.02
CA GLY A 22 13.90 -1.99 17.66
C GLY A 22 12.80 -1.25 16.95
N ALA A 23 13.03 -0.96 15.67
CA ALA A 23 12.05 -0.23 14.88
C ALA A 23 12.22 -0.51 13.41
N PRO A 24 11.47 -1.51 12.96
CA PRO A 24 11.47 -1.99 11.60
C PRO A 24 10.23 -1.59 10.84
N ILE A 25 10.16 -0.32 10.48
CA ILE A 25 9.05 0.24 9.75
C ILE A 25 8.53 -0.69 8.66
N LEU A 26 7.55 -0.19 7.90
CA LEU A 26 6.89 -1.01 6.89
C LEU A 26 6.33 -0.20 5.74
N GLN A 27 5.40 -0.85 5.08
CA GLN A 27 4.69 -0.29 3.95
C GLN A 27 4.09 -1.39 3.08
N CYS A 28 2.84 -1.74 3.40
CA CYS A 28 2.12 -2.78 2.68
C CYS A 28 2.51 -2.79 1.20
N MET A 29 3.18 -3.86 0.78
CA MET A 29 3.59 -3.98 -0.62
C MET A 29 3.34 -5.38 -1.15
N GLY A 30 2.09 -5.82 -1.06
CA GLY A 30 1.73 -7.15 -1.54
C GLY A 30 1.17 -7.12 -2.95
N CYS A 31 -0.15 -7.09 -3.07
CA CYS A 31 -0.80 -7.05 -4.39
C CYS A 31 -2.25 -6.59 -4.28
N CYS A 32 -2.46 -5.30 -4.47
CA CYS A 32 -3.79 -4.69 -4.41
C CYS A 32 -3.72 -3.33 -3.73
N PHE A 33 -3.25 -2.34 -4.48
CA PHE A 33 -3.11 -0.99 -3.95
C PHE A 33 -3.01 0.03 -5.09
N SER A 34 -2.32 -0.34 -6.16
CA SER A 34 -2.16 0.54 -7.31
C SER A 34 -0.92 1.42 -7.15
N ARG A 35 0.15 1.07 -7.83
CA ARG A 35 1.40 1.83 -7.77
C ARG A 35 2.47 1.21 -8.66
N ALA A 36 2.03 0.60 -9.76
CA ALA A 36 2.95 -0.05 -10.70
C ALA A 36 3.76 -1.15 -10.02
N TYR A 37 4.10 -2.17 -10.79
CA TYR A 37 4.88 -3.29 -10.27
C TYR A 37 4.77 -4.50 -11.20
N PRO A 38 3.54 -4.81 -11.64
CA PRO A 38 3.27 -5.94 -12.54
C PRO A 38 3.82 -5.73 -13.94
N THR A 39 4.54 -4.64 -14.11
CA THR A 39 5.12 -4.29 -15.41
C THR A 39 4.05 -3.72 -16.34
N PRO A 40 3.18 -2.85 -15.81
CA PRO A 40 2.10 -2.23 -16.59
C PRO A 40 2.62 -1.39 -17.75
N LEU A 41 2.82 -2.04 -18.90
CA LEU A 41 3.29 -1.34 -20.10
C LEU A 41 2.15 -0.51 -20.69
N ARG A 42 1.81 0.58 -20.02
CA ARG A 42 0.73 1.45 -20.48
C ARG A 42 -0.60 0.92 -19.96
N SER A 43 -1.67 1.13 -20.72
CA SER A 43 -3.00 0.67 -20.32
C SER A 43 -3.35 -0.62 -21.03
N LYS A 44 -2.65 -1.70 -20.69
CA LYS A 44 -2.90 -3.01 -21.29
C LYS A 44 -3.40 -4.01 -20.27
N LYS A 45 -4.38 -3.60 -19.47
CA LYS A 45 -4.94 -4.47 -18.44
C LYS A 45 -5.84 -3.69 -17.49
N THR A 46 -6.79 -2.95 -18.05
CA THR A 46 -7.71 -2.16 -17.24
C THR A 46 -6.96 -1.10 -16.44
N MET A 47 -6.23 -0.24 -17.14
CA MET A 47 -5.45 0.82 -16.50
C MET A 47 -5.73 2.16 -17.17
N LEU A 48 -6.87 2.77 -16.83
CA LEU A 48 -7.26 4.05 -17.40
C LEU A 48 -7.33 5.13 -16.32
N VAL A 49 -6.59 4.94 -15.24
CA VAL A 49 -6.58 5.92 -14.15
C VAL A 49 -5.73 7.13 -14.49
N GLN A 50 -6.13 8.30 -14.00
CA GLN A 50 -5.39 9.53 -14.27
C GLN A 50 -4.65 10.00 -13.02
N LYS A 51 -3.50 10.62 -13.24
CA LYS A 51 -2.67 11.13 -12.14
C LYS A 51 -2.14 9.99 -11.27
N ASN A 52 -1.44 10.35 -10.21
CA ASN A 52 -0.86 9.37 -9.29
C ASN A 52 -1.94 8.44 -8.75
N VAL A 53 -1.74 7.14 -8.95
CA VAL A 53 -2.68 6.13 -8.47
C VAL A 53 -2.70 6.09 -6.95
N THR A 54 -3.78 6.61 -6.36
CA THR A 54 -3.92 6.64 -4.91
C THR A 54 -5.39 6.71 -4.50
N SER A 55 -5.99 5.55 -4.27
CA SER A 55 -7.39 5.48 -3.88
C SER A 55 -8.32 5.58 -5.08
N GLU A 56 -8.84 4.44 -5.52
CA GLU A 56 -9.75 4.40 -6.66
C GLU A 56 -10.79 3.30 -6.45
N SER A 57 -10.31 2.07 -6.31
CA SER A 57 -11.20 0.92 -6.09
C SER A 57 -10.73 0.12 -4.88
N THR A 58 -9.93 -0.90 -5.12
CA THR A 58 -9.40 -1.73 -4.04
C THR A 58 -8.08 -1.14 -3.55
N CYS A 59 -7.87 -1.15 -2.24
CA CYS A 59 -6.65 -0.61 -1.66
C CYS A 59 -6.45 -1.08 -0.23
N CYS A 60 -5.22 -1.50 0.07
CA CYS A 60 -4.87 -1.97 1.41
C CYS A 60 -4.10 -0.89 2.17
N VAL A 61 -4.78 0.20 2.50
CA VAL A 61 -4.17 1.29 3.23
C VAL A 61 -4.01 0.98 4.71
N ALA A 62 -3.29 -0.10 5.00
CA ALA A 62 -3.05 -0.52 6.38
C ALA A 62 -4.27 -0.26 7.28
N LYS A 63 -4.92 -1.33 7.73
CA LYS A 63 -6.06 -1.21 8.62
C LYS A 63 -5.68 -0.38 9.81
N SER A 64 -4.49 -0.64 10.31
CA SER A 64 -3.94 0.07 11.43
C SER A 64 -2.47 0.37 11.18
N TYR A 65 -2.18 1.65 10.98
CA TYR A 65 -0.82 2.09 10.70
C TYR A 65 -0.17 2.71 11.91
N ASN A 66 1.15 2.78 11.85
CA ASN A 66 1.92 3.41 12.92
C ASN A 66 2.84 4.41 12.28
N ARG A 67 2.33 4.94 11.19
CA ARG A 67 3.01 5.92 10.36
C ARG A 67 4.17 6.56 11.09
N VAL A 68 5.36 6.22 10.63
CA VAL A 68 6.58 6.75 11.19
C VAL A 68 7.21 7.72 10.21
N THR A 69 6.38 8.56 9.64
CA THR A 69 6.80 9.55 8.66
C THR A 69 8.28 9.88 8.80
N VAL A 70 9.03 9.58 7.76
CA VAL A 70 10.46 9.84 7.74
C VAL A 70 10.87 10.52 6.45
N MET A 71 12.17 10.61 6.25
CA MET A 71 12.73 11.23 5.07
C MET A 71 12.13 12.61 4.85
N GLY A 72 11.76 12.91 3.62
CA GLY A 72 11.19 14.20 3.31
C GLY A 72 9.69 14.24 3.56
N GLY A 73 9.22 13.41 4.50
CA GLY A 73 7.81 13.39 4.82
C GLY A 73 7.14 12.10 4.38
N PHE A 74 7.93 11.03 4.29
CA PHE A 74 7.39 9.73 3.89
C PHE A 74 6.34 9.27 4.89
N LYS A 75 5.65 8.18 4.57
CA LYS A 75 4.62 7.66 5.47
C LYS A 75 4.42 6.16 5.28
N VAL A 76 5.08 5.37 6.13
CA VAL A 76 4.96 3.92 6.07
C VAL A 76 3.77 3.49 6.87
N GLU A 77 2.99 4.47 7.26
CA GLU A 77 1.84 4.22 8.09
C GLU A 77 2.16 2.97 8.88
N ASN A 78 3.41 2.92 9.33
CA ASN A 78 3.95 1.78 10.02
C ASN A 78 2.85 0.78 10.22
N HIS A 79 2.49 0.18 9.11
CA HIS A 79 1.40 -0.78 9.04
C HIS A 79 1.40 -1.81 10.15
N THR A 80 0.34 -1.77 10.90
CA THR A 80 0.12 -2.71 11.99
C THR A 80 -0.95 -3.70 11.54
N ALA A 81 -1.68 -3.31 10.52
CA ALA A 81 -2.75 -4.13 9.95
C ALA A 81 -3.06 -3.64 8.54
N CYS A 82 -3.40 -4.55 7.64
CA CYS A 82 -3.71 -4.17 6.26
C CYS A 82 -5.04 -4.76 5.82
N HIS A 83 -5.80 -3.96 5.07
CA HIS A 83 -7.10 -4.38 4.57
C HIS A 83 -7.40 -3.72 3.22
N CYS A 84 -7.60 -4.54 2.20
CA CYS A 84 -7.87 -4.03 0.85
C CYS A 84 -9.34 -3.69 0.68
N SER A 85 -9.70 -3.28 -0.53
CA SER A 85 -11.08 -2.92 -0.84
C SER A 85 -11.74 -2.18 0.31
N THR A 86 -11.03 -1.19 0.85
CA THR A 86 -11.56 -0.41 1.96
C THR A 86 -10.68 0.80 2.28
N CYS A 87 -10.43 1.62 1.26
CA CYS A 87 -9.61 2.82 1.44
C CYS A 87 -10.39 4.06 1.08
N TYR A 88 -10.86 4.77 2.11
CA TYR A 88 -11.64 5.99 1.91
C TYR A 88 -10.87 7.22 2.40
N TYR A 89 -10.74 8.22 1.53
CA TYR A 89 -10.03 9.45 1.87
C TYR A 89 -8.57 9.15 2.17
N HIS A 90 -7.68 9.78 1.40
CA HIS A 90 -6.25 9.59 1.57
C HIS A 90 -5.63 10.78 2.31
N LYS A 91 -4.97 10.50 3.42
CA LYS A 91 -4.32 11.54 4.23
C LYS A 91 -5.32 12.23 5.14
N SER A 92 -6.61 12.03 4.89
CA SER A 92 -7.66 12.65 5.69
C SER A 92 -7.38 14.13 5.90
N ALA A 1 -0.93 -15.66 -19.40
CA ALA A 1 -1.62 -14.35 -19.48
C ALA A 1 -2.37 -14.05 -18.19
N PRO A 2 -1.64 -13.90 -17.08
CA PRO A 2 -2.24 -13.61 -15.77
C PRO A 2 -2.64 -12.14 -15.62
N ASP A 3 -3.45 -11.67 -16.55
CA ASP A 3 -3.91 -10.28 -16.53
C ASP A 3 -2.77 -9.34 -16.19
N VAL A 4 -2.59 -9.09 -14.89
CA VAL A 4 -1.52 -8.22 -14.41
C VAL A 4 -1.93 -7.51 -13.12
N GLN A 5 -1.29 -7.87 -12.01
CA GLN A 5 -1.60 -7.27 -10.72
C GLN A 5 -0.80 -7.91 -9.60
N ASP A 6 0.54 -7.83 -9.70
CA ASP A 6 1.42 -8.39 -8.70
C ASP A 6 2.27 -7.30 -8.07
N CYS A 7 1.67 -6.53 -7.17
CA CYS A 7 2.37 -5.43 -6.50
C CYS A 7 3.19 -5.94 -5.32
N PRO A 8 4.53 -5.79 -5.40
CA PRO A 8 5.45 -6.21 -4.34
C PRO A 8 5.47 -5.21 -3.19
N GLU A 9 4.52 -4.29 -3.21
CA GLU A 9 4.39 -3.26 -2.19
C GLU A 9 2.98 -3.20 -1.68
N CYS A 10 2.67 -2.10 -1.07
CA CYS A 10 1.35 -1.89 -0.50
C CYS A 10 1.10 -2.88 0.62
N THR A 11 2.16 -3.21 1.34
CA THR A 11 2.08 -4.14 2.45
C THR A 11 2.89 -3.61 3.61
N LEU A 12 3.13 -4.46 4.61
CA LEU A 12 3.89 -4.04 5.77
C LEU A 12 5.30 -4.58 5.78
N GLN A 13 6.24 -3.66 5.94
CA GLN A 13 7.64 -4.00 5.96
C GLN A 13 8.10 -4.30 7.36
N GLU A 14 7.30 -5.09 8.04
CA GLU A 14 7.56 -5.48 9.42
C GLU A 14 8.85 -4.88 9.91
N ASN A 15 8.72 -4.02 10.88
CA ASN A 15 9.83 -3.31 11.46
C ASN A 15 10.91 -4.24 11.99
N PRO A 16 12.01 -4.37 11.25
CA PRO A 16 13.15 -5.18 11.66
C PRO A 16 13.95 -4.44 12.71
N PHE A 17 13.37 -3.35 13.16
CA PHE A 17 13.96 -2.48 14.16
C PHE A 17 13.30 -2.71 15.51
N PHE A 18 12.00 -2.45 15.55
CA PHE A 18 11.21 -2.64 16.75
C PHE A 18 10.89 -4.11 16.95
N SER A 19 11.27 -4.91 15.95
CA SER A 19 11.03 -6.35 16.01
C SER A 19 11.73 -6.98 17.20
N GLN A 20 10.95 -7.26 18.23
CA GLN A 20 11.47 -7.86 19.45
C GLN A 20 10.65 -9.09 19.82
N PRO A 21 11.32 -10.15 20.27
CA PRO A 21 10.65 -11.39 20.67
C PRO A 21 9.26 -11.14 21.24
N GLY A 22 8.28 -10.98 20.36
CA GLY A 22 6.93 -10.73 20.79
C GLY A 22 6.30 -9.51 20.16
N ALA A 23 7.04 -8.86 19.26
CA ALA A 23 6.53 -7.67 18.60
C ALA A 23 7.30 -7.34 17.33
N PRO A 24 6.65 -7.63 16.19
CA PRO A 24 7.19 -7.43 14.86
C PRO A 24 6.58 -6.23 14.16
N ILE A 25 6.91 -5.06 14.65
CA ILE A 25 6.43 -3.81 14.12
C ILE A 25 6.44 -3.76 12.60
N LEU A 26 6.04 -2.59 12.05
CA LEU A 26 5.91 -2.43 10.61
C LEU A 26 6.06 -1.01 10.14
N GLN A 27 5.59 -0.85 8.91
CA GLN A 27 5.61 0.43 8.22
C GLN A 27 5.23 0.25 6.76
N CYS A 28 4.01 -0.24 6.55
CA CYS A 28 3.48 -0.50 5.21
C CYS A 28 4.23 0.26 4.14
N MET A 29 4.88 -0.48 3.25
CA MET A 29 5.61 0.14 2.15
C MET A 29 4.70 1.12 1.41
N GLY A 30 3.98 0.63 0.41
CA GLY A 30 3.06 1.49 -0.32
C GLY A 30 3.17 1.44 -1.83
N CYS A 31 2.69 0.34 -2.43
CA CYS A 31 2.72 0.18 -3.88
C CYS A 31 1.88 1.26 -4.56
N CYS A 32 1.71 1.10 -5.87
CA CYS A 32 0.91 2.04 -6.67
C CYS A 32 1.78 3.08 -7.35
N PHE A 33 2.42 2.68 -8.46
CA PHE A 33 3.28 3.57 -9.22
C PHE A 33 3.06 3.35 -10.72
N SER A 34 4.08 3.63 -11.52
CA SER A 34 4.00 3.45 -12.97
C SER A 34 4.95 2.35 -13.43
N ARG A 35 4.55 1.10 -13.21
CA ARG A 35 5.37 -0.05 -13.60
C ARG A 35 4.50 -1.25 -13.95
N ALA A 36 5.07 -2.45 -13.86
CA ALA A 36 4.34 -3.67 -14.17
C ALA A 36 4.35 -3.96 -15.67
N TYR A 37 4.23 -5.23 -16.02
CA TYR A 37 4.21 -5.64 -17.42
C TYR A 37 2.77 -5.75 -17.94
N PRO A 38 2.23 -4.66 -18.49
CA PRO A 38 0.87 -4.63 -19.02
C PRO A 38 0.62 -5.72 -20.06
N THR A 39 -0.20 -6.70 -19.70
CA THR A 39 -0.52 -7.79 -20.60
C THR A 39 -2.00 -8.15 -20.54
N PRO A 40 -2.88 -7.14 -20.39
CA PRO A 40 -4.33 -7.35 -20.31
C PRO A 40 -4.89 -8.01 -21.56
N LEU A 41 -5.56 -9.15 -21.38
CA LEU A 41 -6.15 -9.88 -22.49
C LEU A 41 -7.60 -10.23 -22.21
N ARG A 42 -8.43 -9.21 -22.01
CA ARG A 42 -9.84 -9.42 -21.73
C ARG A 42 -10.05 -10.00 -20.33
N SER A 43 -11.09 -9.55 -19.65
CA SER A 43 -11.39 -10.03 -18.31
C SER A 43 -12.67 -9.38 -17.77
N LYS A 44 -13.72 -9.40 -18.58
CA LYS A 44 -15.00 -8.80 -18.17
C LYS A 44 -14.87 -7.29 -18.08
N LYS A 45 -13.92 -6.72 -18.82
CA LYS A 45 -13.70 -5.28 -18.82
C LYS A 45 -15.02 -4.54 -19.00
N THR A 46 -15.22 -3.50 -18.20
CA THR A 46 -16.44 -2.70 -18.27
C THR A 46 -16.15 -1.24 -17.96
N MET A 47 -14.92 -0.82 -18.22
CA MET A 47 -14.51 0.56 -17.99
C MET A 47 -13.92 1.17 -19.25
N LEU A 48 -13.76 2.49 -19.24
CA LEU A 48 -13.21 3.20 -20.39
C LEU A 48 -11.75 3.60 -20.15
N VAL A 49 -11.12 4.15 -21.18
CA VAL A 49 -9.72 4.56 -21.07
C VAL A 49 -9.52 5.96 -21.67
N GLN A 50 -8.25 6.37 -21.74
CA GLN A 50 -7.88 7.69 -22.27
C GLN A 50 -7.73 8.70 -21.16
N LYS A 51 -6.88 8.39 -20.19
CA LYS A 51 -6.64 9.28 -19.06
C LYS A 51 -5.19 9.21 -18.61
N ASN A 52 -4.43 10.26 -18.92
CA ASN A 52 -3.03 10.33 -18.55
C ASN A 52 -2.71 11.68 -17.91
N VAL A 53 -3.64 12.15 -17.09
CA VAL A 53 -3.47 13.44 -16.41
C VAL A 53 -2.54 13.31 -15.21
N THR A 54 -1.55 14.18 -15.14
CA THR A 54 -0.59 14.17 -14.04
C THR A 54 -1.31 13.95 -12.71
N SER A 55 -1.43 12.69 -12.31
CA SER A 55 -2.09 12.35 -11.06
C SER A 55 -1.27 11.35 -10.25
N GLU A 56 -0.06 11.73 -9.90
CA GLU A 56 0.82 10.86 -9.12
C GLU A 56 0.38 10.83 -7.65
N SER A 57 -0.81 10.30 -7.41
CA SER A 57 -1.35 10.22 -6.05
C SER A 57 -1.54 8.76 -5.61
N THR A 58 -2.61 8.52 -4.86
CA THR A 58 -2.91 7.18 -4.35
C THR A 58 -1.76 6.64 -3.51
N CYS A 59 -2.11 5.95 -2.43
CA CYS A 59 -1.10 5.38 -1.54
C CYS A 59 -1.75 4.43 -0.54
N CYS A 60 -0.95 3.51 0.00
CA CYS A 60 -1.45 2.55 0.98
C CYS A 60 -1.08 2.97 2.40
N VAL A 61 -1.95 3.75 3.03
CA VAL A 61 -1.73 4.20 4.39
C VAL A 61 -2.44 3.30 5.39
N ALA A 62 -1.73 2.25 5.82
CA ALA A 62 -2.27 1.28 6.77
C ALA A 62 -3.75 1.50 7.06
N LYS A 63 -4.57 0.56 6.63
CA LYS A 63 -5.99 0.61 6.85
C LYS A 63 -6.28 0.59 8.34
N SER A 64 -5.38 -0.04 9.07
CA SER A 64 -5.50 -0.14 10.52
C SER A 64 -4.12 -0.26 11.14
N TYR A 65 -3.77 0.71 11.97
CA TYR A 65 -2.46 0.72 12.61
C TYR A 65 -2.53 0.17 14.02
N ASN A 66 -1.36 -0.19 14.55
CA ASN A 66 -1.28 -0.69 15.91
C ASN A 66 -0.11 0.01 16.56
N ARG A 67 0.14 1.19 16.03
CA ARG A 67 1.20 2.07 16.48
C ARG A 67 1.80 1.61 17.78
N VAL A 68 3.07 1.26 17.72
CA VAL A 68 3.82 0.79 18.88
C VAL A 68 4.96 1.74 19.16
N THR A 69 4.68 3.03 19.04
CA THR A 69 5.68 4.06 19.24
C THR A 69 6.90 3.49 19.95
N VAL A 70 8.03 3.57 19.27
CA VAL A 70 9.28 3.06 19.80
C VAL A 70 10.36 4.10 19.78
N MET A 71 11.57 3.61 19.86
CA MET A 71 12.75 4.44 19.87
C MET A 71 12.48 5.84 19.37
N GLY A 72 12.94 6.82 20.14
CA GLY A 72 12.74 8.21 19.77
C GLY A 72 11.29 8.55 19.50
N GLY A 73 10.38 7.80 20.10
CA GLY A 73 8.97 8.06 19.91
C GLY A 73 8.49 7.68 18.52
N PHE A 74 9.21 6.75 17.88
CA PHE A 74 8.85 6.31 16.54
C PHE A 74 7.35 6.00 16.47
N LYS A 75 6.85 5.75 15.26
CA LYS A 75 5.43 5.45 15.08
C LYS A 75 5.22 4.60 13.82
N VAL A 76 5.14 3.29 14.00
CA VAL A 76 4.92 2.36 12.90
C VAL A 76 3.47 2.08 12.75
N GLU A 77 2.67 2.90 13.42
CA GLU A 77 1.24 2.70 13.43
C GLU A 77 1.03 1.21 13.25
N ASN A 78 1.94 0.48 13.91
CA ASN A 78 2.01 -0.96 13.81
C ASN A 78 0.94 -1.45 12.87
N HIS A 79 1.13 -1.08 11.63
CA HIS A 79 0.18 -1.41 10.58
C HIS A 79 -0.36 -2.81 10.70
N THR A 80 -1.65 -2.86 10.86
CA THR A 80 -2.37 -4.11 10.98
C THR A 80 -3.05 -4.40 9.67
N ALA A 81 -3.20 -3.35 8.87
CA ALA A 81 -3.84 -3.46 7.57
C ALA A 81 -3.44 -2.28 6.68
N CYS A 82 -3.39 -2.51 5.38
CA CYS A 82 -3.02 -1.46 4.42
C CYS A 82 -4.00 -1.44 3.25
N HIS A 83 -4.17 -0.28 2.62
CA HIS A 83 -5.08 -0.16 1.49
C HIS A 83 -4.77 1.09 0.66
N CYS A 84 -4.31 0.88 -0.58
CA CYS A 84 -4.00 2.00 -1.47
C CYS A 84 -5.27 2.79 -1.78
N SER A 85 -5.09 4.03 -2.24
CA SER A 85 -6.22 4.89 -2.55
C SER A 85 -6.87 5.38 -1.26
N THR A 86 -7.80 6.33 -1.39
CA THR A 86 -8.49 6.87 -0.22
C THR A 86 -7.48 7.20 0.88
N CYS A 87 -6.28 7.58 0.47
CA CYS A 87 -5.22 7.93 1.42
C CYS A 87 -5.76 8.78 2.55
N TYR A 88 -5.99 8.16 3.71
CA TYR A 88 -6.51 8.86 4.87
C TYR A 88 -5.65 10.08 5.18
N TYR A 89 -6.12 11.25 4.76
CA TYR A 89 -5.38 12.48 5.01
C TYR A 89 -6.17 13.70 4.51
N HIS A 90 -6.15 13.91 3.20
CA HIS A 90 -6.87 15.03 2.60
C HIS A 90 -6.87 16.24 3.52
N LYS A 91 -7.95 16.42 4.27
CA LYS A 91 -8.08 17.54 5.19
C LYS A 91 -8.42 17.05 6.60
N SER A 92 -7.92 17.78 7.60
CA SER A 92 -8.17 17.42 8.99
C SER A 92 -8.81 18.58 9.74
N ALA A 1 7.56 -25.39 -9.06
CA ALA A 1 7.33 -23.93 -8.83
C ALA A 1 7.09 -23.65 -7.35
N PRO A 2 8.00 -22.91 -6.70
CA PRO A 2 7.89 -22.57 -5.29
C PRO A 2 6.54 -21.95 -4.96
N ASP A 3 6.20 -21.91 -3.67
CA ASP A 3 4.94 -21.34 -3.22
C ASP A 3 4.96 -19.82 -3.38
N VAL A 4 5.93 -19.18 -2.74
CA VAL A 4 6.08 -17.73 -2.81
C VAL A 4 5.01 -17.03 -1.97
N GLN A 5 5.45 -16.32 -0.95
CA GLN A 5 4.54 -15.59 -0.07
C GLN A 5 3.84 -14.49 -0.84
N ASP A 6 2.76 -13.95 -0.27
CA ASP A 6 2.00 -12.89 -0.93
C ASP A 6 1.55 -11.83 0.08
N CYS A 7 0.54 -11.06 -0.30
CA CYS A 7 0.01 -10.02 0.56
C CYS A 7 -1.39 -10.38 1.03
N PRO A 8 -1.50 -11.40 1.89
CA PRO A 8 -2.78 -11.86 2.42
C PRO A 8 -3.62 -10.72 2.98
N GLU A 9 -4.45 -10.14 2.13
CA GLU A 9 -5.32 -9.04 2.53
C GLU A 9 -4.52 -7.90 3.18
N CYS A 10 -4.72 -6.69 2.67
CA CYS A 10 -4.03 -5.51 3.17
C CYS A 10 -4.03 -5.49 4.69
N THR A 11 -2.85 -5.35 5.28
CA THR A 11 -2.71 -5.29 6.73
C THR A 11 -1.38 -4.66 7.09
N LEU A 12 -0.89 -4.95 8.29
CA LEU A 12 0.38 -4.39 8.73
C LEU A 12 1.37 -5.49 9.09
N GLN A 13 2.65 -5.19 8.92
CA GLN A 13 3.67 -6.14 9.27
C GLN A 13 4.46 -5.65 10.47
N GLU A 14 3.73 -5.42 11.52
CA GLU A 14 4.28 -4.93 12.78
C GLU A 14 5.78 -4.87 12.73
N ASN A 15 6.27 -3.69 12.99
CA ASN A 15 7.69 -3.41 12.99
C ASN A 15 8.48 -4.43 13.77
N PRO A 16 9.19 -5.32 13.07
CA PRO A 16 10.03 -6.33 13.72
C PRO A 16 11.32 -5.69 14.23
N PHE A 17 11.29 -4.37 14.30
CA PHE A 17 12.43 -3.58 14.76
C PHE A 17 12.02 -2.70 15.93
N PHE A 18 11.00 -1.89 15.69
CA PHE A 18 10.49 -0.98 16.71
C PHE A 18 9.79 -1.76 17.81
N SER A 19 9.42 -3.00 17.49
CA SER A 19 8.73 -3.86 18.45
C SER A 19 9.42 -3.82 19.80
N GLN A 20 8.79 -3.12 20.73
CA GLN A 20 9.32 -2.99 22.08
C GLN A 20 8.31 -3.51 23.09
N PRO A 21 8.75 -3.82 24.32
CA PRO A 21 7.86 -4.31 25.37
C PRO A 21 6.76 -3.29 25.68
N GLY A 22 5.91 -3.06 24.69
CA GLY A 22 4.83 -2.10 24.84
C GLY A 22 4.63 -1.25 23.61
N ALA A 23 5.44 -1.48 22.58
CA ALA A 23 5.33 -0.72 21.35
C ALA A 23 5.79 -1.51 20.15
N PRO A 24 4.82 -2.04 19.42
CA PRO A 24 5.00 -2.86 18.25
C PRO A 24 4.63 -2.16 16.95
N ILE A 25 5.51 -1.29 16.50
CA ILE A 25 5.32 -0.54 15.28
C ILE A 25 4.87 -1.42 14.12
N LEU A 26 4.78 -0.84 12.94
CA LEU A 26 4.29 -1.56 11.77
C LEU A 26 4.90 -1.11 10.48
N GLN A 27 4.19 -1.45 9.44
CA GLN A 27 4.60 -1.11 8.07
C GLN A 27 3.83 -1.92 7.03
N CYS A 28 2.53 -1.66 6.96
CA CYS A 28 1.62 -2.33 6.01
C CYS A 28 2.20 -3.63 5.47
N MET A 29 1.51 -4.74 5.75
CA MET A 29 1.96 -6.05 5.30
C MET A 29 1.15 -6.53 4.09
N GLY A 30 0.03 -7.17 4.36
CA GLY A 30 -0.82 -7.69 3.29
C GLY A 30 -1.15 -6.66 2.22
N CYS A 31 -1.92 -7.09 1.23
CA CYS A 31 -2.32 -6.22 0.12
C CYS A 31 -3.57 -6.77 -0.56
N CYS A 32 -4.33 -5.89 -1.22
CA CYS A 32 -5.55 -6.30 -1.91
C CYS A 32 -5.22 -6.91 -3.27
N PHE A 33 -6.25 -7.26 -4.03
CA PHE A 33 -6.05 -7.85 -5.35
C PHE A 33 -7.38 -8.01 -6.09
N SER A 34 -7.31 -8.59 -7.29
CA SER A 34 -8.49 -8.81 -8.11
C SER A 34 -8.14 -9.62 -9.35
N ARG A 35 -7.10 -9.17 -10.06
CA ARG A 35 -6.65 -9.84 -11.27
C ARG A 35 -7.78 -10.58 -11.96
N ALA A 36 -8.68 -9.84 -12.58
CA ALA A 36 -9.82 -10.43 -13.28
C ALA A 36 -10.10 -9.68 -14.58
N TYR A 37 -10.70 -10.38 -15.54
CA TYR A 37 -11.02 -9.80 -16.83
C TYR A 37 -12.52 -9.49 -16.94
N PRO A 38 -12.86 -8.22 -17.20
CA PRO A 38 -14.25 -7.78 -17.32
C PRO A 38 -14.85 -8.11 -18.68
N THR A 39 -16.11 -7.73 -18.88
CA THR A 39 -16.81 -7.99 -20.13
C THR A 39 -16.09 -7.32 -21.30
N PRO A 40 -15.96 -8.04 -22.43
CA PRO A 40 -15.30 -7.52 -23.62
C PRO A 40 -15.96 -6.25 -24.16
N LEU A 41 -15.61 -5.11 -23.56
CA LEU A 41 -16.18 -3.84 -23.99
C LEU A 41 -15.49 -2.67 -23.26
N ARG A 42 -14.88 -1.79 -24.04
CA ARG A 42 -14.19 -0.62 -23.49
C ARG A 42 -12.93 -1.02 -22.74
N SER A 43 -11.92 -0.14 -22.81
CA SER A 43 -10.66 -0.38 -22.13
C SER A 43 -9.91 0.93 -21.89
N LYS A 44 -10.67 2.01 -21.77
CA LYS A 44 -10.09 3.33 -21.55
C LYS A 44 -10.17 3.72 -20.07
N LYS A 45 -9.26 3.18 -19.28
CA LYS A 45 -9.23 3.47 -17.84
C LYS A 45 -8.30 4.64 -17.55
N THR A 46 -8.87 5.74 -17.05
CA THR A 46 -8.09 6.92 -16.74
C THR A 46 -7.20 7.30 -17.91
N MET A 47 -7.78 7.95 -18.91
CA MET A 47 -7.04 8.36 -20.10
C MET A 47 -5.62 8.78 -19.73
N LEU A 48 -5.40 10.08 -19.57
CA LEU A 48 -4.09 10.63 -19.22
C LEU A 48 -2.98 9.60 -19.46
N VAL A 49 -2.79 9.21 -20.73
CA VAL A 49 -1.76 8.24 -21.08
C VAL A 49 -0.42 8.92 -21.31
N GLN A 50 -0.29 10.15 -20.83
CA GLN A 50 0.95 10.91 -20.98
C GLN A 50 1.76 10.88 -19.68
N LYS A 51 2.58 11.90 -19.48
CA LYS A 51 3.40 11.99 -18.28
C LYS A 51 4.32 10.78 -18.16
N ASN A 52 5.59 11.04 -17.85
CA ASN A 52 6.57 9.96 -17.71
C ASN A 52 5.92 8.72 -17.10
N VAL A 53 6.52 7.55 -17.36
CA VAL A 53 5.99 6.30 -16.83
C VAL A 53 5.26 6.51 -15.51
N THR A 54 3.97 6.18 -15.50
CA THR A 54 3.16 6.33 -14.29
C THR A 54 2.54 5.00 -13.88
N SER A 55 2.30 4.83 -12.59
CA SER A 55 1.72 3.60 -12.06
C SER A 55 1.56 3.68 -10.55
N GLU A 56 0.33 3.51 -10.06
CA GLU A 56 0.06 3.56 -8.63
C GLU A 56 -1.43 3.55 -8.35
N SER A 57 -2.15 2.59 -8.93
CA SER A 57 -3.59 2.48 -8.74
C SER A 57 -3.92 2.36 -7.25
N THR A 58 -4.00 1.13 -6.76
CA THR A 58 -4.30 0.89 -5.35
C THR A 58 -3.16 1.41 -4.47
N CYS A 59 -3.48 1.79 -3.23
CA CYS A 59 -2.46 2.30 -2.32
C CYS A 59 -2.85 2.16 -0.86
N CYS A 60 -2.26 1.16 -0.20
CA CYS A 60 -2.51 0.92 1.22
C CYS A 60 -1.51 1.67 2.06
N VAL A 61 -1.26 2.91 1.65
CA VAL A 61 -0.33 3.76 2.36
C VAL A 61 -0.89 4.10 3.73
N ALA A 62 -1.09 3.06 4.53
CA ALA A 62 -1.65 3.23 5.86
C ALA A 62 -2.72 4.31 5.86
N LYS A 63 -3.96 3.86 5.84
CA LYS A 63 -5.11 4.74 5.86
C LYS A 63 -4.97 5.73 6.99
N SER A 64 -4.32 5.27 8.05
CA SER A 64 -4.07 6.08 9.22
C SER A 64 -2.76 5.67 9.86
N TYR A 65 -1.79 6.58 9.86
CA TYR A 65 -0.48 6.27 10.41
C TYR A 65 -0.26 6.86 11.78
N ASN A 66 0.61 6.20 12.54
CA ASN A 66 1.00 6.67 13.86
C ASN A 66 2.51 6.80 13.87
N ARG A 67 2.98 7.01 12.67
CA ARG A 67 4.40 7.15 12.34
C ARG A 67 5.35 6.95 13.51
N VAL A 68 6.36 6.12 13.24
CA VAL A 68 7.40 5.78 14.20
C VAL A 68 8.74 5.72 13.49
N THR A 69 9.37 6.86 13.29
CA THR A 69 10.65 6.87 12.59
C THR A 69 11.69 6.05 13.33
N VAL A 70 12.07 4.96 12.70
CA VAL A 70 13.09 4.07 13.27
C VAL A 70 14.34 4.07 12.41
N MET A 71 15.25 3.18 12.77
CA MET A 71 16.53 3.04 12.07
C MET A 71 17.04 4.38 11.58
N GLY A 72 17.59 4.40 10.38
CA GLY A 72 18.11 5.62 9.81
C GLY A 72 17.02 6.63 9.48
N GLY A 73 15.80 6.30 9.86
CA GLY A 73 14.68 7.19 9.59
C GLY A 73 13.50 6.46 8.98
N PHE A 74 13.35 5.19 9.34
CA PHE A 74 12.25 4.38 8.82
C PHE A 74 10.91 4.84 9.39
N LYS A 75 10.04 5.33 8.53
CA LYS A 75 8.73 5.80 8.94
C LYS A 75 7.66 4.75 8.68
N VAL A 76 7.24 4.07 9.75
CA VAL A 76 6.22 3.04 9.68
C VAL A 76 4.86 3.65 9.73
N GLU A 77 4.84 4.96 9.59
CA GLU A 77 3.58 5.67 9.67
C GLU A 77 2.66 4.84 10.54
N ASN A 78 3.25 4.33 11.63
CA ASN A 78 2.56 3.41 12.52
C ASN A 78 1.21 3.13 11.91
N HIS A 79 1.21 2.34 10.88
CA HIS A 79 -0.03 2.09 10.20
C HIS A 79 -1.09 1.66 11.15
N THR A 80 -1.96 2.59 11.42
CA THR A 80 -3.08 2.36 12.31
C THR A 80 -4.28 1.95 11.47
N ALA A 81 -4.17 2.21 10.18
CA ALA A 81 -5.19 1.85 9.21
C ALA A 81 -4.56 1.70 7.84
N CYS A 82 -4.62 0.50 7.26
CA CYS A 82 -4.03 0.26 5.94
C CYS A 82 -5.12 -0.07 4.93
N HIS A 83 -5.29 0.80 3.94
CA HIS A 83 -6.32 0.61 2.92
C HIS A 83 -5.82 1.04 1.54
N CYS A 84 -5.96 0.15 0.57
CA CYS A 84 -5.53 0.43 -0.80
C CYS A 84 -6.61 1.16 -1.57
N SER A 85 -6.30 2.39 -1.99
CA SER A 85 -7.24 3.21 -2.75
C SER A 85 -7.02 4.70 -2.46
N THR A 86 -7.92 5.54 -2.95
CA THR A 86 -7.82 6.97 -2.76
C THR A 86 -6.41 7.47 -3.10
N CYS A 87 -6.15 7.66 -4.38
CA CYS A 87 -4.84 8.12 -4.83
C CYS A 87 -4.78 8.17 -6.36
N TYR A 88 -5.37 9.21 -6.94
CA TYR A 88 -5.37 9.37 -8.39
C TYR A 88 -6.33 10.48 -8.84
N TYR A 89 -6.48 11.49 -7.99
CA TYR A 89 -7.37 12.61 -8.30
C TYR A 89 -7.45 13.58 -7.12
N HIS A 90 -6.66 14.65 -7.19
CA HIS A 90 -6.64 15.66 -6.13
C HIS A 90 -7.99 15.73 -5.42
N LYS A 91 -8.02 15.25 -4.18
CA LYS A 91 -9.25 15.25 -3.39
C LYS A 91 -9.10 16.13 -2.15
N SER A 92 -7.87 16.60 -1.91
CA SER A 92 -7.59 17.44 -0.77
C SER A 92 -8.76 18.35 -0.46
N ALA A 1 1.21 -21.45 7.64
CA ALA A 1 2.51 -21.66 8.35
C ALA A 1 3.65 -21.90 7.36
N PRO A 2 3.64 -23.07 6.70
CA PRO A 2 4.66 -23.45 5.72
C PRO A 2 5.11 -22.27 4.85
N ASP A 3 4.17 -21.67 4.13
CA ASP A 3 4.48 -20.54 3.26
C ASP A 3 5.15 -19.41 4.05
N VAL A 4 5.95 -18.60 3.36
CA VAL A 4 6.64 -17.49 3.98
C VAL A 4 6.41 -16.20 3.21
N GLN A 5 7.18 -15.16 3.53
CA GLN A 5 7.05 -13.87 2.86
C GLN A 5 5.58 -13.57 2.59
N ASP A 6 4.76 -13.66 3.63
CA ASP A 6 3.33 -13.40 3.50
C ASP A 6 3.06 -12.17 2.65
N CYS A 7 2.47 -12.38 1.49
CA CYS A 7 2.13 -11.27 0.59
C CYS A 7 3.38 -10.48 0.21
N PRO A 8 3.44 -9.97 -1.03
CA PRO A 8 4.56 -9.19 -1.51
C PRO A 8 4.39 -7.70 -1.23
N GLU A 9 3.58 -7.38 -0.22
CA GLU A 9 3.33 -5.99 0.14
C GLU A 9 2.75 -5.22 -1.04
N CYS A 10 2.34 -3.99 -0.77
CA CYS A 10 1.77 -3.13 -1.81
C CYS A 10 2.68 -1.94 -2.12
N THR A 11 2.58 -1.44 -3.35
CA THR A 11 3.39 -0.31 -3.77
C THR A 11 2.89 0.25 -5.08
N LEU A 12 3.64 0.02 -6.13
CA LEU A 12 3.28 0.49 -7.46
C LEU A 12 3.88 -0.41 -8.52
N GLN A 13 3.06 -0.78 -9.49
CA GLN A 13 3.53 -1.62 -10.57
C GLN A 13 3.35 -0.95 -11.90
N GLU A 14 4.11 0.11 -12.02
CA GLU A 14 4.13 0.96 -13.20
C GLU A 14 3.35 0.36 -14.35
N ASN A 15 2.51 1.17 -14.93
CA ASN A 15 1.68 0.79 -16.04
C ASN A 15 2.42 0.77 -17.37
N PRO A 16 2.73 -0.43 -17.87
CA PRO A 16 3.42 -0.60 -19.15
C PRO A 16 2.42 -0.55 -20.30
N PHE A 17 1.22 -0.10 -19.96
CA PHE A 17 0.13 0.03 -20.91
C PHE A 17 -0.05 1.49 -21.31
N PHE A 18 -0.38 2.32 -20.33
CA PHE A 18 -0.58 3.73 -20.55
C PHE A 18 0.74 4.37 -20.96
N SER A 19 1.82 3.62 -20.77
CA SER A 19 3.16 4.09 -21.09
C SER A 19 3.18 4.88 -22.40
N GLN A 20 3.39 6.18 -22.28
CA GLN A 20 3.44 7.06 -23.44
C GLN A 20 4.84 7.64 -23.60
N PRO A 21 5.03 8.51 -24.60
CA PRO A 21 6.33 9.15 -24.87
C PRO A 21 6.88 9.89 -23.66
N GLY A 22 7.26 9.13 -22.63
CA GLY A 22 7.80 9.73 -21.42
C GLY A 22 6.85 9.70 -20.25
N ALA A 23 6.15 8.58 -20.07
CA ALA A 23 5.21 8.45 -18.96
C ALA A 23 4.79 7.02 -18.73
N PRO A 24 5.30 6.45 -17.64
CA PRO A 24 5.07 5.08 -17.25
C PRO A 24 4.08 4.97 -16.08
N ILE A 25 2.80 5.04 -16.42
CA ILE A 25 1.72 4.97 -15.46
C ILE A 25 1.93 3.92 -14.38
N LEU A 26 0.92 3.75 -13.52
CA LEU A 26 1.05 2.85 -12.40
C LEU A 26 -0.22 2.23 -11.92
N GLN A 27 -0.05 1.61 -10.78
CA GLN A 27 -1.11 0.90 -10.08
C GLN A 27 -0.54 0.15 -8.90
N CYS A 28 -0.85 0.63 -7.70
CA CYS A 28 -0.35 0.03 -6.47
C CYS A 28 -0.82 -1.41 -6.32
N MET A 29 0.06 -2.35 -6.66
CA MET A 29 -0.30 -3.77 -6.56
C MET A 29 0.33 -4.39 -5.32
N GLY A 30 -0.44 -5.23 -4.64
CA GLY A 30 0.04 -5.88 -3.44
C GLY A 30 -1.04 -6.05 -2.39
N CYS A 31 -0.65 -5.96 -1.13
CA CYS A 31 -1.60 -6.09 -0.02
C CYS A 31 -0.94 -5.75 1.30
N CYS A 32 -1.75 -5.47 2.31
CA CYS A 32 -1.25 -5.12 3.63
C CYS A 32 -1.69 -6.16 4.67
N PHE A 33 -0.73 -6.96 5.14
CA PHE A 33 -1.02 -7.99 6.13
C PHE A 33 -0.64 -7.51 7.53
N SER A 34 -0.66 -6.20 7.73
CA SER A 34 -0.32 -5.62 9.01
C SER A 34 0.81 -6.39 9.69
N ARG A 35 1.96 -6.45 9.03
CA ARG A 35 3.12 -7.15 9.57
C ARG A 35 4.38 -6.31 9.39
N ALA A 36 4.19 -5.08 8.94
CA ALA A 36 5.31 -4.18 8.72
C ALA A 36 6.11 -3.99 10.00
N TYR A 37 6.32 -2.74 10.38
CA TYR A 37 7.08 -2.41 11.58
C TYR A 37 6.62 -3.28 12.75
N PRO A 38 5.30 -3.35 12.98
CA PRO A 38 4.73 -4.15 14.07
C PRO A 38 5.17 -5.61 14.04
N THR A 39 5.37 -6.18 15.22
CA THR A 39 5.80 -7.57 15.32
C THR A 39 5.30 -8.19 16.63
N PRO A 40 4.24 -9.01 16.56
CA PRO A 40 3.67 -9.67 17.74
C PRO A 40 4.64 -10.62 18.41
N LEU A 41 5.20 -10.19 19.54
CA LEU A 41 6.14 -11.03 20.29
C LEU A 41 5.49 -11.57 21.55
N ARG A 42 5.97 -12.72 22.01
CA ARG A 42 5.44 -13.36 23.21
C ARG A 42 6.54 -14.09 23.97
N SER A 43 6.14 -14.88 24.96
CA SER A 43 7.08 -15.65 25.76
C SER A 43 7.66 -14.79 26.89
N LYS A 44 7.98 -13.54 26.59
CA LYS A 44 8.55 -12.64 27.58
C LYS A 44 8.47 -11.18 27.12
N LYS A 45 7.82 -10.34 27.92
CA LYS A 45 7.68 -8.93 27.60
C LYS A 45 6.85 -8.73 26.33
N THR A 46 6.61 -7.48 25.99
CA THR A 46 5.83 -7.14 24.80
C THR A 46 6.03 -5.67 24.42
N MET A 47 7.28 -5.31 24.16
CA MET A 47 7.62 -3.94 23.80
C MET A 47 8.04 -3.85 22.33
N LEU A 48 9.14 -3.14 22.07
CA LEU A 48 9.63 -2.99 20.70
C LEU A 48 8.49 -2.62 19.76
N VAL A 49 7.84 -1.50 20.03
CA VAL A 49 6.72 -1.04 19.21
C VAL A 49 6.69 0.48 19.12
N GLN A 50 6.24 0.99 17.98
CA GLN A 50 6.15 2.43 17.77
C GLN A 50 4.73 2.92 17.99
N LYS A 51 4.29 2.90 19.24
CA LYS A 51 2.94 3.33 19.61
C LYS A 51 1.93 2.22 19.38
N ASN A 52 0.69 2.45 19.79
CA ASN A 52 -0.37 1.46 19.62
C ASN A 52 -0.91 1.47 18.20
N VAL A 53 -1.24 0.29 17.68
CA VAL A 53 -1.77 0.16 16.34
C VAL A 53 -2.22 -1.27 16.07
N THR A 54 -3.38 -1.40 15.42
CA THR A 54 -3.92 -2.72 15.09
C THR A 54 -4.41 -2.77 13.66
N SER A 55 -3.77 -2.00 12.78
CA SER A 55 -4.14 -1.96 11.37
C SER A 55 -5.63 -2.29 11.18
N GLU A 56 -5.93 -3.57 11.00
CA GLU A 56 -7.31 -4.03 10.81
C GLU A 56 -8.10 -3.09 9.90
N SER A 57 -8.43 -3.58 8.71
CA SER A 57 -9.20 -2.79 7.74
C SER A 57 -8.31 -1.76 7.04
N THR A 58 -7.31 -2.25 6.32
CA THR A 58 -6.41 -1.38 5.59
C THR A 58 -6.85 -1.22 4.14
N CYS A 59 -6.01 -0.57 3.35
CA CYS A 59 -6.33 -0.35 1.94
C CYS A 59 -5.29 0.56 1.28
N CYS A 60 -4.66 0.06 0.22
CA CYS A 60 -3.66 0.83 -0.50
C CYS A 60 -4.30 1.65 -1.62
N VAL A 61 -4.32 2.97 -1.44
CA VAL A 61 -4.90 3.85 -2.44
C VAL A 61 -3.94 4.99 -2.79
N ALA A 62 -2.75 4.62 -3.24
CA ALA A 62 -1.74 5.61 -3.62
C ALA A 62 -1.77 6.84 -2.71
N LYS A 63 -0.75 6.98 -1.87
CA LYS A 63 -0.66 8.12 -0.98
C LYS A 63 -0.74 9.40 -1.79
N SER A 64 -0.07 9.36 -2.94
CA SER A 64 -0.05 10.48 -3.85
C SER A 64 -0.13 9.99 -5.28
N TYR A 65 -1.27 10.24 -5.91
CA TYR A 65 -1.50 9.80 -7.27
C TYR A 65 -1.22 10.89 -8.27
N ASN A 66 -1.04 10.49 -9.51
CA ASN A 66 -0.83 11.42 -10.59
C ASN A 66 -1.74 11.05 -11.74
N ARG A 67 -2.81 10.42 -11.33
CA ARG A 67 -3.85 9.94 -12.22
C ARG A 67 -3.70 10.52 -13.62
N VAL A 68 -3.46 9.63 -14.56
CA VAL A 68 -3.30 10.00 -15.96
C VAL A 68 -4.40 9.41 -16.79
N THR A 69 -5.60 9.44 -16.24
CA THR A 69 -6.77 8.89 -16.91
C THR A 69 -6.49 8.69 -18.39
N VAL A 70 -6.56 7.45 -18.82
CA VAL A 70 -6.30 7.11 -20.21
C VAL A 70 -7.46 6.36 -20.83
N MET A 71 -7.19 5.85 -22.01
CA MET A 71 -8.18 5.09 -22.76
C MET A 71 -9.51 5.81 -22.77
N GLY A 72 -10.56 5.05 -22.49
CA GLY A 72 -11.90 5.61 -22.45
C GLY A 72 -12.21 6.27 -21.12
N GLY A 73 -11.17 6.55 -20.35
CA GLY A 73 -11.36 7.18 -19.05
C GLY A 73 -10.75 6.38 -17.93
N PHE A 74 -9.76 5.55 -18.26
CA PHE A 74 -9.09 4.72 -17.27
C PHE A 74 -8.53 5.58 -16.14
N LYS A 75 -7.87 4.93 -15.18
CA LYS A 75 -7.30 5.64 -14.05
C LYS A 75 -6.21 4.82 -13.36
N VAL A 76 -5.09 5.48 -13.07
CA VAL A 76 -3.96 4.85 -12.39
C VAL A 76 -3.48 5.73 -11.30
N GLU A 77 -4.29 6.72 -11.01
CA GLU A 77 -3.92 7.70 -10.00
C GLU A 77 -2.42 7.79 -10.05
N ASN A 78 -1.93 7.70 -11.30
CA ASN A 78 -0.52 7.66 -11.58
C ASN A 78 0.25 7.73 -10.29
N HIS A 79 0.07 6.66 -9.53
CA HIS A 79 0.64 6.52 -8.22
C HIS A 79 2.05 7.05 -8.09
N THR A 80 2.16 7.99 -7.19
CA THR A 80 3.43 8.59 -6.86
C THR A 80 3.89 8.05 -5.52
N ALA A 81 2.91 7.54 -4.77
CA ALA A 81 3.16 6.95 -3.46
C ALA A 81 1.97 6.10 -3.04
N CYS A 82 2.21 5.04 -2.26
CA CYS A 82 1.12 4.18 -1.80
C CYS A 82 1.07 4.12 -0.28
N HIS A 83 -0.07 3.69 0.24
CA HIS A 83 -0.25 3.59 1.68
C HIS A 83 -1.51 2.80 2.03
N CYS A 84 -1.35 1.76 2.84
CA CYS A 84 -2.46 0.92 3.26
C CYS A 84 -3.07 1.44 4.56
N SER A 85 -4.37 1.73 4.53
CA SER A 85 -5.09 2.23 5.71
C SER A 85 -5.71 3.59 5.41
N THR A 86 -6.77 3.92 6.14
CA THR A 86 -7.45 5.20 5.97
C THR A 86 -7.46 5.61 4.49
N CYS A 87 -8.52 5.22 3.78
CA CYS A 87 -8.64 5.53 2.36
C CYS A 87 -10.05 6.00 2.04
N TYR A 88 -10.78 6.44 3.05
CA TYR A 88 -12.15 6.91 2.86
C TYR A 88 -12.48 8.03 3.85
N TYR A 89 -12.18 9.26 3.47
CA TYR A 89 -12.45 10.42 4.32
C TYR A 89 -12.32 10.06 5.79
N HIS A 90 -11.08 10.05 6.28
CA HIS A 90 -10.83 9.72 7.68
C HIS A 90 -9.34 9.78 7.98
N LYS A 91 -8.79 10.99 7.99
CA LYS A 91 -7.37 11.18 8.27
C LYS A 91 -7.10 11.07 9.77
N SER A 92 -8.17 10.94 10.55
CA SER A 92 -8.04 10.82 12.01
C SER A 92 -6.95 11.74 12.54
#